data_6PBQ
# 
_entry.id   6PBQ 
# 
_audit_conform.dict_name       mmcif_pdbx.dic 
_audit_conform.dict_version    5.380 
_audit_conform.dict_location   http://mmcif.pdb.org/dictionaries/ascii/mmcif_pdbx.dic 
# 
loop_
_database_2.database_id 
_database_2.database_code 
_database_2.pdbx_database_accession 
_database_2.pdbx_DOI 
PDB   6PBQ         pdb_00006pbq 10.2210/pdb6pbq/pdb 
WWPDB D_1000242070 ?            ?                   
# 
_pdbx_database_status.status_code                     REL 
_pdbx_database_status.status_code_sf                  REL 
_pdbx_database_status.status_code_mr                  ? 
_pdbx_database_status.entry_id                        6PBQ 
_pdbx_database_status.recvd_initial_deposition_date   2019-06-14 
_pdbx_database_status.SG_entry                        N 
_pdbx_database_status.deposit_site                    RCSB 
_pdbx_database_status.process_site                    RCSB 
_pdbx_database_status.status_code_cs                  ? 
_pdbx_database_status.methods_development_category    ? 
_pdbx_database_status.pdb_format_compatible           Y 
_pdbx_database_status.status_code_nmr_data            ? 
# 
loop_
_audit_author.name 
_audit_author.pdbx_ordinal 
_audit_author.identifier_ORCID 
'Abad-Zapatero, C.' 1 ? 
'Wolf, N.M.'        2 ? 
# 
_citation.abstract                  ? 
_citation.abstract_id_CAS           ? 
_citation.book_id_ISBN              ? 
_citation.book_publisher            ? 
_citation.book_publisher_city       ? 
_citation.book_title                ? 
_citation.coordinate_linkage        ? 
_citation.country                   ? 
_citation.database_id_Medline       ? 
_citation.details                   ? 
_citation.id                        primary 
_citation.journal_abbrev            'Acta Crystallogr D Struct Biol' 
_citation.journal_id_ASTM           ? 
_citation.journal_id_CSD            ? 
_citation.journal_id_ISSN           2059-7983 
_citation.journal_full              ? 
_citation.journal_issue             ? 
_citation.journal_volume            76 
_citation.language                  ? 
_citation.page_first                458 
_citation.page_last                 471 
_citation.title                     
;Structure of the N-terminal domain of ClpC1 in complex with the antituberculosis natural product ecumicin reveals unique binding interactions.
;
_citation.year                      2020 
_citation.database_id_CSD           ? 
_citation.pdbx_database_id_DOI      10.1107/S2059798320004027 
_citation.pdbx_database_id_PubMed   32355042 
_citation.unpublished_flag          ? 
# 
loop_
_citation_author.citation_id 
_citation_author.name 
_citation_author.ordinal 
_citation_author.identifier_ORCID 
primary 'Wolf, N.M.'        1  ? 
primary 'Lee, H.'           2  ? 
primary 'Zagal, D.'         3  ? 
primary 'Nam, J.W.'         4  ? 
primary 'Oh, D.C.'          5  ? 
primary 'Lee, H.'           6  ? 
primary 'Suh, J.W.'         7  ? 
primary 'Pauli, G.F.'       8  ? 
primary 'Cho, S.'           9  ? 
primary 'Abad-Zapatero, C.' 10 ? 
# 
_cell.angle_alpha                  90.00 
_cell.angle_alpha_esd              ? 
_cell.angle_beta                   115.53 
_cell.angle_beta_esd               ? 
_cell.angle_gamma                  90.00 
_cell.angle_gamma_esd              ? 
_cell.entry_id                     6PBQ 
_cell.details                      ? 
_cell.formula_units_Z              ? 
_cell.length_a                     33.663 
_cell.length_a_esd                 ? 
_cell.length_b                     63.403 
_cell.length_b_esd                 ? 
_cell.length_c                     36.752 
_cell.length_c_esd                 ? 
_cell.volume                       ? 
_cell.volume_esd                   ? 
_cell.Z_PDB                        2 
_cell.reciprocal_angle_alpha       ? 
_cell.reciprocal_angle_beta        ? 
_cell.reciprocal_angle_gamma       ? 
_cell.reciprocal_angle_alpha_esd   ? 
_cell.reciprocal_angle_beta_esd    ? 
_cell.reciprocal_angle_gamma_esd   ? 
_cell.reciprocal_length_a          ? 
_cell.reciprocal_length_b          ? 
_cell.reciprocal_length_c          ? 
_cell.reciprocal_length_a_esd      ? 
_cell.reciprocal_length_b_esd      ? 
_cell.reciprocal_length_c_esd      ? 
_cell.pdbx_unique_axis             ? 
# 
_symmetry.entry_id                         6PBQ 
_symmetry.cell_setting                     ? 
_symmetry.Int_Tables_number                4 
_symmetry.space_group_name_Hall            ? 
_symmetry.space_group_name_H-M             'P 1 21 1' 
_symmetry.pdbx_full_space_group_name_H-M   ? 
# 
loop_
_entity.id 
_entity.type 
_entity.src_method 
_entity.pdbx_description 
_entity.formula_weight 
_entity.pdbx_number_of_molecules 
_entity.pdbx_ec 
_entity.pdbx_mutation 
_entity.pdbx_fragment 
_entity.details 
1 polymer     man 'ATP-dependent Clp protease ATP-binding subunit ClpC1' 17529.131 1   ? ? 
'N-terminal domain (UNP residues 1-145)' ? 
2 non-polymer syn 'PHOSPHATE ION'                                        94.971    1   ? ? ? ? 
3 non-polymer syn '4-(2-HYDROXYETHYL)-1-PIPERAZINE ETHANESULFONIC ACID'  238.305   1   ? ? ? ? 
4 water       nat water                                                  18.015    156 ? ? ? ? 
# 
_entity_poly.entity_id                      1 
_entity_poly.type                           'polypeptide(L)' 
_entity_poly.nstd_linkage                   no 
_entity_poly.nstd_monomer                   no 
_entity_poly.pdbx_seq_one_letter_code       
;MFERFTDRARRVVVLAQEEARMLNHNYIGTEHILLGLIHEGEGVAAKSLESLGISLEGVRSQVEEIIGQGQQAPSGHIPF
TPRAKKVLELSLREALQLGHNYIGTEHILLGLIREGEGVAAQVLVKLGAELTRVRQQVIQLLSGYKLAAALEHHHHHH
;
_entity_poly.pdbx_seq_one_letter_code_can   
;MFERFTDRARRVVVLAQEEARMLNHNYIGTEHILLGLIHEGEGVAAKSLESLGISLEGVRSQVEEIIGQGQQAPSGHIPF
TPRAKKVLELSLREALQLGHNYIGTEHILLGLIREGEGVAAQVLVKLGAELTRVRQQVIQLLSGYKLAAALEHHHHHH
;
_entity_poly.pdbx_strand_id                 A 
_entity_poly.pdbx_target_identifier         ? 
# 
loop_
_entity_poly_seq.entity_id 
_entity_poly_seq.num 
_entity_poly_seq.mon_id 
_entity_poly_seq.hetero 
1 1   MET n 
1 2   PHE n 
1 3   GLU n 
1 4   ARG n 
1 5   PHE n 
1 6   THR n 
1 7   ASP n 
1 8   ARG n 
1 9   ALA n 
1 10  ARG n 
1 11  ARG n 
1 12  VAL n 
1 13  VAL n 
1 14  VAL n 
1 15  LEU n 
1 16  ALA n 
1 17  GLN n 
1 18  GLU n 
1 19  GLU n 
1 20  ALA n 
1 21  ARG n 
1 22  MET n 
1 23  LEU n 
1 24  ASN n 
1 25  HIS n 
1 26  ASN n 
1 27  TYR n 
1 28  ILE n 
1 29  GLY n 
1 30  THR n 
1 31  GLU n 
1 32  HIS n 
1 33  ILE n 
1 34  LEU n 
1 35  LEU n 
1 36  GLY n 
1 37  LEU n 
1 38  ILE n 
1 39  HIS n 
1 40  GLU n 
1 41  GLY n 
1 42  GLU n 
1 43  GLY n 
1 44  VAL n 
1 45  ALA n 
1 46  ALA n 
1 47  LYS n 
1 48  SER n 
1 49  LEU n 
1 50  GLU n 
1 51  SER n 
1 52  LEU n 
1 53  GLY n 
1 54  ILE n 
1 55  SER n 
1 56  LEU n 
1 57  GLU n 
1 58  GLY n 
1 59  VAL n 
1 60  ARG n 
1 61  SER n 
1 62  GLN n 
1 63  VAL n 
1 64  GLU n 
1 65  GLU n 
1 66  ILE n 
1 67  ILE n 
1 68  GLY n 
1 69  GLN n 
1 70  GLY n 
1 71  GLN n 
1 72  GLN n 
1 73  ALA n 
1 74  PRO n 
1 75  SER n 
1 76  GLY n 
1 77  HIS n 
1 78  ILE n 
1 79  PRO n 
1 80  PHE n 
1 81  THR n 
1 82  PRO n 
1 83  ARG n 
1 84  ALA n 
1 85  LYS n 
1 86  LYS n 
1 87  VAL n 
1 88  LEU n 
1 89  GLU n 
1 90  LEU n 
1 91  SER n 
1 92  LEU n 
1 93  ARG n 
1 94  GLU n 
1 95  ALA n 
1 96  LEU n 
1 97  GLN n 
1 98  LEU n 
1 99  GLY n 
1 100 HIS n 
1 101 ASN n 
1 102 TYR n 
1 103 ILE n 
1 104 GLY n 
1 105 THR n 
1 106 GLU n 
1 107 HIS n 
1 108 ILE n 
1 109 LEU n 
1 110 LEU n 
1 111 GLY n 
1 112 LEU n 
1 113 ILE n 
1 114 ARG n 
1 115 GLU n 
1 116 GLY n 
1 117 GLU n 
1 118 GLY n 
1 119 VAL n 
1 120 ALA n 
1 121 ALA n 
1 122 GLN n 
1 123 VAL n 
1 124 LEU n 
1 125 VAL n 
1 126 LYS n 
1 127 LEU n 
1 128 GLY n 
1 129 ALA n 
1 130 GLU n 
1 131 LEU n 
1 132 THR n 
1 133 ARG n 
1 134 VAL n 
1 135 ARG n 
1 136 GLN n 
1 137 GLN n 
1 138 VAL n 
1 139 ILE n 
1 140 GLN n 
1 141 LEU n 
1 142 LEU n 
1 143 SER n 
1 144 GLY n 
1 145 TYR n 
1 146 LYS n 
1 147 LEU n 
1 148 ALA n 
1 149 ALA n 
1 150 ALA n 
1 151 LEU n 
1 152 GLU n 
1 153 HIS n 
1 154 HIS n 
1 155 HIS n 
1 156 HIS n 
1 157 HIS n 
1 158 HIS n 
# 
_entity_src_gen.entity_id                          1 
_entity_src_gen.pdbx_src_id                        1 
_entity_src_gen.pdbx_alt_source_flag               sample 
_entity_src_gen.pdbx_seq_type                      'Biological sequence' 
_entity_src_gen.pdbx_beg_seq_num                   1 
_entity_src_gen.pdbx_end_seq_num                   158 
_entity_src_gen.gene_src_common_name               ? 
_entity_src_gen.gene_src_genus                     ? 
_entity_src_gen.pdbx_gene_src_gene                 'clpC1, Rv3596c, MTCY07H7B.26' 
_entity_src_gen.gene_src_species                   ? 
_entity_src_gen.gene_src_strain                    ? 
_entity_src_gen.gene_src_tissue                    ? 
_entity_src_gen.gene_src_tissue_fraction           ? 
_entity_src_gen.gene_src_details                   ? 
_entity_src_gen.pdbx_gene_src_fragment             ? 
_entity_src_gen.pdbx_gene_src_scientific_name      'Mycobacterium tuberculosis' 
_entity_src_gen.pdbx_gene_src_ncbi_taxonomy_id     1773 
_entity_src_gen.pdbx_gene_src_variant              ? 
_entity_src_gen.pdbx_gene_src_cell_line            ? 
_entity_src_gen.pdbx_gene_src_atcc                 ? 
_entity_src_gen.pdbx_gene_src_organ                ? 
_entity_src_gen.pdbx_gene_src_organelle            ? 
_entity_src_gen.pdbx_gene_src_cell                 ? 
_entity_src_gen.pdbx_gene_src_cellular_location    ? 
_entity_src_gen.host_org_common_name               ? 
_entity_src_gen.pdbx_host_org_scientific_name      'Escherichia coli' 
_entity_src_gen.pdbx_host_org_ncbi_taxonomy_id     562 
_entity_src_gen.host_org_genus                     ? 
_entity_src_gen.pdbx_host_org_gene                 ? 
_entity_src_gen.pdbx_host_org_organ                ? 
_entity_src_gen.host_org_species                   ? 
_entity_src_gen.pdbx_host_org_tissue               ? 
_entity_src_gen.pdbx_host_org_tissue_fraction      ? 
_entity_src_gen.pdbx_host_org_strain               ? 
_entity_src_gen.pdbx_host_org_variant              ? 
_entity_src_gen.pdbx_host_org_cell_line            ? 
_entity_src_gen.pdbx_host_org_atcc                 ? 
_entity_src_gen.pdbx_host_org_culture_collection   ? 
_entity_src_gen.pdbx_host_org_cell                 ? 
_entity_src_gen.pdbx_host_org_organelle            ? 
_entity_src_gen.pdbx_host_org_cellular_location    ? 
_entity_src_gen.pdbx_host_org_vector_type          ? 
_entity_src_gen.pdbx_host_org_vector               ? 
_entity_src_gen.host_org_details                   ? 
_entity_src_gen.expression_system_id               ? 
_entity_src_gen.plasmid_name                       ? 
_entity_src_gen.plasmid_details                    ? 
_entity_src_gen.pdbx_description                   ? 
# 
_struct_ref.id                         1 
_struct_ref.db_name                    UNP 
_struct_ref.db_code                    CLPC1_MYCTU 
_struct_ref.pdbx_db_accession          P9WPC9 
_struct_ref.pdbx_db_isoform            ? 
_struct_ref.entity_id                  1 
_struct_ref.pdbx_seq_one_letter_code   
;MFERFTDRARRVVVLAQEEARMLNHNYIGTEHILLGLIHEGEGVAAKSLESLGISLEGVRSQVEEIIGQGQQAPSGHIPF
TPRAKKVLELSLREALQLGHNYIGTEHILLGLIREGEGVAAQVLVKLGAELTRVRQQVIQLLSGY
;
_struct_ref.pdbx_align_begin           1 
# 
_struct_ref_seq.align_id                      1 
_struct_ref_seq.ref_id                        1 
_struct_ref_seq.pdbx_PDB_id_code              6PBQ 
_struct_ref_seq.pdbx_strand_id                A 
_struct_ref_seq.seq_align_beg                 1 
_struct_ref_seq.pdbx_seq_align_beg_ins_code   ? 
_struct_ref_seq.seq_align_end                 145 
_struct_ref_seq.pdbx_seq_align_end_ins_code   ? 
_struct_ref_seq.pdbx_db_accession             P9WPC9 
_struct_ref_seq.db_align_beg                  1 
_struct_ref_seq.pdbx_db_align_beg_ins_code    ? 
_struct_ref_seq.db_align_end                  145 
_struct_ref_seq.pdbx_db_align_end_ins_code    ? 
_struct_ref_seq.pdbx_auth_seq_align_beg       1 
_struct_ref_seq.pdbx_auth_seq_align_end       145 
# 
loop_
_struct_ref_seq_dif.align_id 
_struct_ref_seq_dif.pdbx_pdb_id_code 
_struct_ref_seq_dif.mon_id 
_struct_ref_seq_dif.pdbx_pdb_strand_id 
_struct_ref_seq_dif.seq_num 
_struct_ref_seq_dif.pdbx_pdb_ins_code 
_struct_ref_seq_dif.pdbx_seq_db_name 
_struct_ref_seq_dif.pdbx_seq_db_accession_code 
_struct_ref_seq_dif.db_mon_id 
_struct_ref_seq_dif.pdbx_seq_db_seq_num 
_struct_ref_seq_dif.details 
_struct_ref_seq_dif.pdbx_auth_seq_num 
_struct_ref_seq_dif.pdbx_ordinal 
1 6PBQ LYS A 146 ? UNP P9WPC9 ? ? 'expression tag' 146 1  
1 6PBQ LEU A 147 ? UNP P9WPC9 ? ? 'expression tag' 147 2  
1 6PBQ ALA A 148 ? UNP P9WPC9 ? ? 'expression tag' 148 3  
1 6PBQ ALA A 149 ? UNP P9WPC9 ? ? 'expression tag' 149 4  
1 6PBQ ALA A 150 ? UNP P9WPC9 ? ? 'expression tag' 150 5  
1 6PBQ LEU A 151 ? UNP P9WPC9 ? ? 'expression tag' 151 6  
1 6PBQ GLU A 152 ? UNP P9WPC9 ? ? 'expression tag' 152 7  
1 6PBQ HIS A 153 ? UNP P9WPC9 ? ? 'expression tag' 153 8  
1 6PBQ HIS A 154 ? UNP P9WPC9 ? ? 'expression tag' 154 9  
1 6PBQ HIS A 155 ? UNP P9WPC9 ? ? 'expression tag' 155 10 
1 6PBQ HIS A 156 ? UNP P9WPC9 ? ? 'expression tag' 156 11 
1 6PBQ HIS A 157 ? UNP P9WPC9 ? ? 'expression tag' 157 12 
1 6PBQ HIS A 158 ? UNP P9WPC9 ? ? 'expression tag' 158 13 
# 
loop_
_chem_comp.id 
_chem_comp.type 
_chem_comp.mon_nstd_flag 
_chem_comp.name 
_chem_comp.pdbx_synonyms 
_chem_comp.formula 
_chem_comp.formula_weight 
ALA 'L-peptide linking' y ALANINE                                               ?     'C3 H7 N O2'     89.093  
ARG 'L-peptide linking' y ARGININE                                              ?     'C6 H15 N4 O2 1' 175.209 
ASN 'L-peptide linking' y ASPARAGINE                                            ?     'C4 H8 N2 O3'    132.118 
ASP 'L-peptide linking' y 'ASPARTIC ACID'                                       ?     'C4 H7 N O4'     133.103 
EPE non-polymer         . '4-(2-HYDROXYETHYL)-1-PIPERAZINE ETHANESULFONIC ACID' HEPES 'C8 H18 N2 O4 S' 238.305 
GLN 'L-peptide linking' y GLUTAMINE                                             ?     'C5 H10 N2 O3'   146.144 
GLU 'L-peptide linking' y 'GLUTAMIC ACID'                                       ?     'C5 H9 N O4'     147.129 
GLY 'peptide linking'   y GLYCINE                                               ?     'C2 H5 N O2'     75.067  
HIS 'L-peptide linking' y HISTIDINE                                             ?     'C6 H10 N3 O2 1' 156.162 
HOH non-polymer         . WATER                                                 ?     'H2 O'           18.015  
ILE 'L-peptide linking' y ISOLEUCINE                                            ?     'C6 H13 N O2'    131.173 
LEU 'L-peptide linking' y LEUCINE                                               ?     'C6 H13 N O2'    131.173 
LYS 'L-peptide linking' y LYSINE                                                ?     'C6 H15 N2 O2 1' 147.195 
MET 'L-peptide linking' y METHIONINE                                            ?     'C5 H11 N O2 S'  149.211 
PHE 'L-peptide linking' y PHENYLALANINE                                         ?     'C9 H11 N O2'    165.189 
PO4 non-polymer         . 'PHOSPHATE ION'                                       ?     'O4 P -3'        94.971  
PRO 'L-peptide linking' y PROLINE                                               ?     'C5 H9 N O2'     115.130 
SER 'L-peptide linking' y SERINE                                                ?     'C3 H7 N O3'     105.093 
THR 'L-peptide linking' y THREONINE                                             ?     'C4 H9 N O3'     119.119 
TYR 'L-peptide linking' y TYROSINE                                              ?     'C9 H11 N O3'    181.189 
VAL 'L-peptide linking' y VALINE                                                ?     'C5 H11 N O2'    117.146 
# 
_exptl.absorpt_coefficient_mu     ? 
_exptl.absorpt_correction_T_max   ? 
_exptl.absorpt_correction_T_min   ? 
_exptl.absorpt_correction_type    ? 
_exptl.absorpt_process_details    ? 
_exptl.entry_id                   6PBQ 
_exptl.crystals_number            1 
_exptl.details                    ? 
_exptl.method                     'X-RAY DIFFRACTION' 
_exptl.method_details             ? 
# 
_exptl_crystal.colour                      ? 
_exptl_crystal.density_diffrn              ? 
_exptl_crystal.density_Matthews            2.02 
_exptl_crystal.density_method              ? 
_exptl_crystal.density_percent_sol         39.08 
_exptl_crystal.description                 ? 
_exptl_crystal.F_000                       ? 
_exptl_crystal.id                          1 
_exptl_crystal.preparation                 ? 
_exptl_crystal.size_max                    ? 
_exptl_crystal.size_mid                    ? 
_exptl_crystal.size_min                    ? 
_exptl_crystal.size_rad                    ? 
_exptl_crystal.colour_lustre               ? 
_exptl_crystal.colour_modifier             ? 
_exptl_crystal.colour_primary              ? 
_exptl_crystal.density_meas                ? 
_exptl_crystal.density_meas_esd            ? 
_exptl_crystal.density_meas_gt             ? 
_exptl_crystal.density_meas_lt             ? 
_exptl_crystal.density_meas_temp           ? 
_exptl_crystal.density_meas_temp_esd       ? 
_exptl_crystal.density_meas_temp_gt        ? 
_exptl_crystal.density_meas_temp_lt        ? 
_exptl_crystal.pdbx_crystal_image_url      ? 
_exptl_crystal.pdbx_crystal_image_format   ? 
_exptl_crystal.pdbx_mosaicity              ? 
_exptl_crystal.pdbx_mosaicity_esd          ? 
# 
_exptl_crystal_grow.apparatus       ? 
_exptl_crystal_grow.atmosphere      ? 
_exptl_crystal_grow.crystal_id      1 
_exptl_crystal_grow.details         ? 
_exptl_crystal_grow.method          'VAPOR DIFFUSION, SITTING DROP' 
_exptl_crystal_grow.method_ref      ? 
_exptl_crystal_grow.pH              6.5 
_exptl_crystal_grow.pressure        ? 
_exptl_crystal_grow.pressure_esd    ? 
_exptl_crystal_grow.seeding         ? 
_exptl_crystal_grow.seeding_ref     ? 
_exptl_crystal_grow.temp            292 
_exptl_crystal_grow.temp_details    ? 
_exptl_crystal_grow.temp_esd        ? 
_exptl_crystal_grow.time            ? 
_exptl_crystal_grow.pdbx_details    '0.1 M HEPES, pH 6.5, 20% PEG6000' 
_exptl_crystal_grow.pdbx_pH_range   ? 
# 
_diffrn.ambient_environment              ? 
_diffrn.ambient_temp                     100 
_diffrn.ambient_temp_details             ? 
_diffrn.ambient_temp_esd                 ? 
_diffrn.crystal_id                       1 
_diffrn.crystal_support                  ? 
_diffrn.crystal_treatment                ? 
_diffrn.details                          ? 
_diffrn.id                               1 
_diffrn.ambient_pressure                 ? 
_diffrn.ambient_pressure_esd             ? 
_diffrn.ambient_pressure_gt              ? 
_diffrn.ambient_pressure_lt              ? 
_diffrn.ambient_temp_gt                  ? 
_diffrn.ambient_temp_lt                  ? 
_diffrn.pdbx_serial_crystal_experiment   N 
# 
_diffrn_detector.details                      ? 
_diffrn_detector.detector                     CCD 
_diffrn_detector.diffrn_id                    1 
_diffrn_detector.type                         'MARMOSAIC 300 mm CCD' 
_diffrn_detector.area_resol_mean              ? 
_diffrn_detector.dtime                        ? 
_diffrn_detector.pdbx_frames_total            ? 
_diffrn_detector.pdbx_collection_time_total   ? 
_diffrn_detector.pdbx_collection_date         2017-07-13 
_diffrn_detector.pdbx_frequency               ? 
# 
_diffrn_radiation.collimation                      ? 
_diffrn_radiation.diffrn_id                        1 
_diffrn_radiation.filter_edge                      ? 
_diffrn_radiation.inhomogeneity                    ? 
_diffrn_radiation.monochromator                    'double crystal Si(111)' 
_diffrn_radiation.polarisn_norm                    ? 
_diffrn_radiation.polarisn_ratio                   ? 
_diffrn_radiation.probe                            ? 
_diffrn_radiation.type                             ? 
_diffrn_radiation.xray_symbol                      ? 
_diffrn_radiation.wavelength_id                    1 
_diffrn_radiation.pdbx_monochromatic_or_laue_m_l   M 
_diffrn_radiation.pdbx_wavelength_list             ? 
_diffrn_radiation.pdbx_wavelength                  ? 
_diffrn_radiation.pdbx_diffrn_protocol             'SINGLE WAVELENGTH' 
_diffrn_radiation.pdbx_analyzer                    ? 
_diffrn_radiation.pdbx_scattering_type             x-ray 
# 
_diffrn_radiation_wavelength.id           1 
_diffrn_radiation_wavelength.wavelength   0.97856 
_diffrn_radiation_wavelength.wt           1.0 
# 
_diffrn_source.current                     ? 
_diffrn_source.details                     ? 
_diffrn_source.diffrn_id                   1 
_diffrn_source.power                       ? 
_diffrn_source.size                        ? 
_diffrn_source.source                      SYNCHROTRON 
_diffrn_source.target                      ? 
_diffrn_source.type                        'APS BEAMLINE 21-ID-G' 
_diffrn_source.voltage                     ? 
_diffrn_source.take-off_angle              ? 
_diffrn_source.pdbx_wavelength_list        0.97856 
_diffrn_source.pdbx_wavelength             ? 
_diffrn_source.pdbx_synchrotron_beamline   21-ID-G 
_diffrn_source.pdbx_synchrotron_site       APS 
# 
_reflns.B_iso_Wilson_estimate            ? 
_reflns.entry_id                         6PBQ 
_reflns.data_reduction_details           ? 
_reflns.data_reduction_method            ? 
_reflns.d_resolution_high                1.60 
_reflns.d_resolution_low                 40 
_reflns.details                          ? 
_reflns.limit_h_max                      ? 
_reflns.limit_h_min                      ? 
_reflns.limit_k_max                      ? 
_reflns.limit_k_min                      ? 
_reflns.limit_l_max                      ? 
_reflns.limit_l_min                      ? 
_reflns.number_all                       ? 
_reflns.number_obs                       18428 
_reflns.observed_criterion               ? 
_reflns.observed_criterion_F_max         ? 
_reflns.observed_criterion_F_min         ? 
_reflns.observed_criterion_I_max         ? 
_reflns.observed_criterion_I_min         ? 
_reflns.observed_criterion_sigma_F       ? 
_reflns.observed_criterion_sigma_I       ? 
_reflns.percent_possible_obs             94.0 
_reflns.R_free_details                   ? 
_reflns.Rmerge_F_all                     ? 
_reflns.Rmerge_F_obs                     ? 
_reflns.Friedel_coverage                 ? 
_reflns.number_gt                        ? 
_reflns.threshold_expression             ? 
_reflns.pdbx_redundancy                  3.6 
_reflns.pdbx_Rmerge_I_obs                ? 
_reflns.pdbx_Rmerge_I_all                ? 
_reflns.pdbx_Rsym_value                  ? 
_reflns.pdbx_netI_over_av_sigmaI         ? 
_reflns.pdbx_netI_over_sigmaI            21 
_reflns.pdbx_res_netI_over_av_sigmaI_2   ? 
_reflns.pdbx_res_netI_over_sigmaI_2      ? 
_reflns.pdbx_chi_squared                 ? 
_reflns.pdbx_scaling_rejects             ? 
_reflns.pdbx_d_res_high_opt              ? 
_reflns.pdbx_d_res_low_opt               ? 
_reflns.pdbx_d_res_opt_method            ? 
_reflns.phase_calculation_details        ? 
_reflns.pdbx_Rrim_I_all                  0.062 
_reflns.pdbx_Rpim_I_all                  0.033 
_reflns.pdbx_d_opt                       ? 
_reflns.pdbx_number_measured_all         ? 
_reflns.pdbx_diffrn_id                   1 
_reflns.pdbx_ordinal                     1 
_reflns.pdbx_CC_half                     ? 
_reflns.pdbx_R_split                     ? 
# 
_reflns_shell.d_res_high                  1.60 
_reflns_shell.d_res_low                   1.63 
_reflns_shell.meanI_over_sigI_all         ? 
_reflns_shell.meanI_over_sigI_obs         ? 
_reflns_shell.number_measured_all         ? 
_reflns_shell.number_measured_obs         ? 
_reflns_shell.number_possible             ? 
_reflns_shell.number_unique_all           ? 
_reflns_shell.number_unique_obs           899 
_reflns_shell.percent_possible_all        ? 
_reflns_shell.percent_possible_obs        ? 
_reflns_shell.Rmerge_F_all                ? 
_reflns_shell.Rmerge_F_obs                ? 
_reflns_shell.Rmerge_I_all                ? 
_reflns_shell.Rmerge_I_obs                ? 
_reflns_shell.meanI_over_sigI_gt          ? 
_reflns_shell.meanI_over_uI_all           ? 
_reflns_shell.meanI_over_uI_gt            ? 
_reflns_shell.number_measured_gt          ? 
_reflns_shell.number_unique_gt            ? 
_reflns_shell.percent_possible_gt         ? 
_reflns_shell.Rmerge_F_gt                 ? 
_reflns_shell.Rmerge_I_gt                 ? 
_reflns_shell.pdbx_redundancy             ? 
_reflns_shell.pdbx_Rsym_value             ? 
_reflns_shell.pdbx_chi_squared            ? 
_reflns_shell.pdbx_netI_over_sigmaI_all   ? 
_reflns_shell.pdbx_netI_over_sigmaI_obs   ? 
_reflns_shell.pdbx_Rrim_I_all             0.117 
_reflns_shell.pdbx_Rpim_I_all             0.061 
_reflns_shell.pdbx_rejects                ? 
_reflns_shell.pdbx_ordinal                1 
_reflns_shell.pdbx_diffrn_id              1 
_reflns_shell.pdbx_CC_half                0.991 
_reflns_shell.pdbx_R_split                ? 
# 
_refine.aniso_B[1][1]                            -0.15 
_refine.aniso_B[1][2]                            0.00 
_refine.aniso_B[1][3]                            -0.60 
_refine.aniso_B[2][2]                            0.43 
_refine.aniso_B[2][3]                            0.00 
_refine.aniso_B[3][3]                            0.20 
_refine.B_iso_max                                ? 
_refine.B_iso_mean                               15.480 
_refine.B_iso_min                                ? 
_refine.correlation_coeff_Fo_to_Fc               0.952 
_refine.correlation_coeff_Fo_to_Fc_free          0.939 
_refine.details                                  ? 
_refine.diff_density_max                         ? 
_refine.diff_density_max_esd                     ? 
_refine.diff_density_min                         ? 
_refine.diff_density_min_esd                     ? 
_refine.diff_density_rms                         ? 
_refine.diff_density_rms_esd                     ? 
_refine.entry_id                                 6PBQ 
_refine.pdbx_refine_id                           'X-RAY DIFFRACTION' 
_refine.ls_abs_structure_details                 ? 
_refine.ls_abs_structure_Flack                   ? 
_refine.ls_abs_structure_Flack_esd               ? 
_refine.ls_abs_structure_Rogers                  ? 
_refine.ls_abs_structure_Rogers_esd              ? 
_refine.ls_d_res_high                            1.60 
_refine.ls_d_res_low                             30.40 
_refine.ls_extinction_coef                       ? 
_refine.ls_extinction_coef_esd                   ? 
_refine.ls_extinction_expression                 ? 
_refine.ls_extinction_method                     ? 
_refine.ls_goodness_of_fit_all                   ? 
_refine.ls_goodness_of_fit_all_esd               ? 
_refine.ls_goodness_of_fit_obs                   ? 
_refine.ls_goodness_of_fit_obs_esd               ? 
_refine.ls_hydrogen_treatment                    ? 
_refine.ls_matrix_type                           ? 
_refine.ls_number_constraints                    ? 
_refine.ls_number_parameters                     ? 
_refine.ls_number_reflns_all                     ? 
_refine.ls_number_reflns_obs                     16483 
_refine.ls_number_reflns_R_free                  818 
_refine.ls_number_reflns_R_work                  ? 
_refine.ls_number_restraints                     ? 
_refine.ls_percent_reflns_obs                    93.85 
_refine.ls_percent_reflns_R_free                 4.7 
_refine.ls_R_factor_all                          ? 
_refine.ls_R_factor_obs                          0.17887 
_refine.ls_R_factor_R_free                       0.21287 
_refine.ls_R_factor_R_free_error                 ? 
_refine.ls_R_factor_R_free_error_details         ? 
_refine.ls_R_factor_R_work                       0.17711 
_refine.ls_R_Fsqd_factor_obs                     ? 
_refine.ls_R_I_factor_obs                        ? 
_refine.ls_redundancy_reflns_all                 ? 
_refine.ls_redundancy_reflns_obs                 ? 
_refine.ls_restrained_S_all                      ? 
_refine.ls_restrained_S_obs                      ? 
_refine.ls_shift_over_esd_max                    ? 
_refine.ls_shift_over_esd_mean                   ? 
_refine.ls_structure_factor_coef                 ? 
_refine.ls_weighting_details                     ? 
_refine.ls_weighting_scheme                      ? 
_refine.ls_wR_factor_all                         ? 
_refine.ls_wR_factor_obs                         ? 
_refine.ls_wR_factor_R_free                      ? 
_refine.ls_wR_factor_R_work                      ? 
_refine.occupancy_max                            ? 
_refine.occupancy_min                            ? 
_refine.solvent_model_details                    MASK 
_refine.solvent_model_param_bsol                 ? 
_refine.solvent_model_param_ksol                 ? 
_refine.ls_R_factor_gt                           ? 
_refine.ls_goodness_of_fit_gt                    ? 
_refine.ls_goodness_of_fit_ref                   ? 
_refine.ls_shift_over_su_max                     ? 
_refine.ls_shift_over_su_max_lt                  ? 
_refine.ls_shift_over_su_mean                    ? 
_refine.ls_shift_over_su_mean_lt                 ? 
_refine.pdbx_ls_sigma_I                          ? 
_refine.pdbx_ls_sigma_F                          ? 
_refine.pdbx_ls_sigma_Fsqd                       ? 
_refine.pdbx_data_cutoff_high_absF               ? 
_refine.pdbx_data_cutoff_high_rms_absF           ? 
_refine.pdbx_data_cutoff_low_absF                ? 
_refine.pdbx_isotropic_thermal_model             ? 
_refine.pdbx_ls_cross_valid_method               THROUGHOUT 
_refine.pdbx_method_to_determine_struct          'MOLECULAR REPLACEMENT' 
_refine.pdbx_starting_model                      'PDB entry 6CN8' 
_refine.pdbx_stereochemistry_target_values       'MAXIMUM LIKELIHOOD' 
_refine.pdbx_R_Free_selection_details            RANDOM 
_refine.pdbx_stereochem_target_val_spec_case     ? 
_refine.pdbx_overall_ESU_R                       0.104 
_refine.pdbx_overall_ESU_R_Free                  0.102 
_refine.pdbx_solvent_vdw_probe_radii             1.20 
_refine.pdbx_solvent_ion_probe_radii             0.80 
_refine.pdbx_solvent_shrinkage_radii             0.80 
_refine.pdbx_real_space_R                        ? 
_refine.pdbx_density_correlation                 ? 
_refine.pdbx_pd_number_of_powder_patterns        ? 
_refine.pdbx_pd_number_of_points                 ? 
_refine.pdbx_pd_meas_number_of_points            ? 
_refine.pdbx_pd_proc_ls_prof_R_factor            ? 
_refine.pdbx_pd_proc_ls_prof_wR_factor           ? 
_refine.pdbx_pd_Marquardt_correlation_coeff      ? 
_refine.pdbx_pd_Fsqrd_R_factor                   ? 
_refine.pdbx_pd_ls_matrix_band_width             ? 
_refine.pdbx_overall_phase_error                 ? 
_refine.pdbx_overall_SU_R_free_Cruickshank_DPI   ? 
_refine.pdbx_overall_SU_R_free_Blow_DPI          ? 
_refine.pdbx_overall_SU_R_Blow_DPI               ? 
_refine.pdbx_TLS_residual_ADP_flag               ? 
_refine.pdbx_diffrn_id                           1 
_refine.overall_SU_B                             1.444 
_refine.overall_SU_ML                            0.053 
_refine.overall_SU_R_Cruickshank_DPI             ? 
_refine.overall_SU_R_free                        ? 
_refine.overall_FOM_free_R_set                   ? 
_refine.overall_FOM_work_R_set                   ? 
_refine.pdbx_average_fsc_overall                 ? 
_refine.pdbx_average_fsc_work                    ? 
_refine.pdbx_average_fsc_free                    ? 
# 
_refine_hist.pdbx_refine_id                   'X-RAY DIFFRACTION' 
_refine_hist.cycle_id                         1 
_refine_hist.details                          ? 
_refine_hist.d_res_high                       1.60 
_refine_hist.d_res_low                        30.40 
_refine_hist.number_atoms_solvent             158 
_refine_hist.number_atoms_total               1352 
_refine_hist.number_reflns_all                ? 
_refine_hist.number_reflns_obs                ? 
_refine_hist.number_reflns_R_free             ? 
_refine_hist.number_reflns_R_work             ? 
_refine_hist.R_factor_all                     ? 
_refine_hist.R_factor_obs                     ? 
_refine_hist.R_factor_R_free                  ? 
_refine_hist.R_factor_R_work                  ? 
_refine_hist.pdbx_number_residues_total       ? 
_refine_hist.pdbx_B_iso_mean_ligand           ? 
_refine_hist.pdbx_B_iso_mean_solvent          ? 
_refine_hist.pdbx_number_atoms_protein        1174 
_refine_hist.pdbx_number_atoms_nucleic_acid   0 
_refine_hist.pdbx_number_atoms_ligand         20 
_refine_hist.pdbx_number_atoms_lipid          ? 
_refine_hist.pdbx_number_atoms_carb           ? 
_refine_hist.pdbx_pseudo_atom_details         ? 
# 
loop_
_refine_ls_restr.pdbx_refine_id 
_refine_ls_restr.criterion 
_refine_ls_restr.dev_ideal 
_refine_ls_restr.dev_ideal_target 
_refine_ls_restr.number 
_refine_ls_restr.rejects 
_refine_ls_restr.type 
_refine_ls_restr.weight 
_refine_ls_restr.pdbx_restraint_function 
'X-RAY DIFFRACTION' ? 0.011  0.012  1217 ? r_bond_refined_d             ? ? 
'X-RAY DIFFRACTION' ? ?      ?      ?    ? r_bond_other_d               ? ? 
'X-RAY DIFFRACTION' ? 1.943  1.637  1643 ? r_angle_refined_deg          ? ? 
'X-RAY DIFFRACTION' ? ?      ?      ?    ? r_angle_other_deg            ? ? 
'X-RAY DIFFRACTION' ? 4.901  5.000  155  ? r_dihedral_angle_1_deg       ? ? 
'X-RAY DIFFRACTION' ? 31.402 21.385 65   ? r_dihedral_angle_2_deg       ? ? 
'X-RAY DIFFRACTION' ? 14.246 15.000 224  ? r_dihedral_angle_3_deg       ? ? 
'X-RAY DIFFRACTION' ? 23.657 15.000 11   ? r_dihedral_angle_4_deg       ? ? 
'X-RAY DIFFRACTION' ? 0.104  0.200  156  ? r_chiral_restr               ? ? 
'X-RAY DIFFRACTION' ? 0.011  0.020  895  ? r_gen_planes_refined         ? ? 
'X-RAY DIFFRACTION' ? ?      ?      ?    ? r_gen_planes_other           ? ? 
'X-RAY DIFFRACTION' ? ?      ?      ?    ? r_nbd_refined                ? ? 
'X-RAY DIFFRACTION' ? ?      ?      ?    ? r_nbd_other                  ? ? 
'X-RAY DIFFRACTION' ? ?      ?      ?    ? r_nbtor_refined              ? ? 
'X-RAY DIFFRACTION' ? ?      ?      ?    ? r_nbtor_other                ? ? 
'X-RAY DIFFRACTION' ? ?      ?      ?    ? r_xyhbond_nbd_refined        ? ? 
'X-RAY DIFFRACTION' ? ?      ?      ?    ? r_xyhbond_nbd_other          ? ? 
'X-RAY DIFFRACTION' ? ?      ?      ?    ? r_metal_ion_refined          ? ? 
'X-RAY DIFFRACTION' ? ?      ?      ?    ? r_metal_ion_other            ? ? 
'X-RAY DIFFRACTION' ? ?      ?      ?    ? r_symmetry_vdw_refined       ? ? 
'X-RAY DIFFRACTION' ? ?      ?      ?    ? r_symmetry_vdw_other         ? ? 
'X-RAY DIFFRACTION' ? ?      ?      ?    ? r_symmetry_hbond_refined     ? ? 
'X-RAY DIFFRACTION' ? ?      ?      ?    ? r_symmetry_hbond_other       ? ? 
'X-RAY DIFFRACTION' ? ?      ?      ?    ? r_symmetry_metal_ion_refined ? ? 
'X-RAY DIFFRACTION' ? ?      ?      ?    ? r_symmetry_metal_ion_other   ? ? 
'X-RAY DIFFRACTION' ? 1.417  1.095  611  ? r_mcbond_it                  ? ? 
'X-RAY DIFFRACTION' ? ?      ?      ?    ? r_mcbond_other               ? ? 
'X-RAY DIFFRACTION' ? 2.197  1.638  764  ? r_mcangle_it                 ? ? 
'X-RAY DIFFRACTION' ? ?      ?      ?    ? r_mcangle_other              ? ? 
'X-RAY DIFFRACTION' ? 3.156  1.599  606  ? r_scbond_it                  ? ? 
'X-RAY DIFFRACTION' ? ?      ?      ?    ? r_scbond_other               ? ? 
'X-RAY DIFFRACTION' ? ?      ?      ?    ? r_scangle_it                 ? ? 
'X-RAY DIFFRACTION' ? ?      ?      ?    ? r_scangle_other              ? ? 
'X-RAY DIFFRACTION' ? 7.371  18.337 1960 ? r_long_range_B_refined       ? ? 
'X-RAY DIFFRACTION' ? ?      ?      ?    ? r_long_range_B_other         ? ? 
'X-RAY DIFFRACTION' ? ?      ?      ?    ? r_rigid_bond_restr           ? ? 
'X-RAY DIFFRACTION' ? ?      ?      ?    ? r_sphericity_free            ? ? 
'X-RAY DIFFRACTION' ? ?      ?      ?    ? r_sphericity_bonded          ? ? 
# 
_refine_ls_shell.pdbx_refine_id                   'X-RAY DIFFRACTION' 
_refine_ls_shell.d_res_high                       1.600 
_refine_ls_shell.d_res_low                        1.641 
_refine_ls_shell.number_reflns_all                ? 
_refine_ls_shell.number_reflns_obs                ? 
_refine_ls_shell.number_reflns_R_free             79 
_refine_ls_shell.number_reflns_R_work             1233 
_refine_ls_shell.percent_reflns_obs               97.62 
_refine_ls_shell.percent_reflns_R_free            ? 
_refine_ls_shell.R_factor_all                     ? 
_refine_ls_shell.R_factor_obs                     ? 
_refine_ls_shell.R_factor_R_free                  0.211 
_refine_ls_shell.R_factor_R_free_error            ? 
_refine_ls_shell.R_factor_R_work                  0.157 
_refine_ls_shell.redundancy_reflns_all            ? 
_refine_ls_shell.redundancy_reflns_obs            ? 
_refine_ls_shell.wR_factor_all                    ? 
_refine_ls_shell.wR_factor_obs                    ? 
_refine_ls_shell.wR_factor_R_free                 ? 
_refine_ls_shell.wR_factor_R_work                 ? 
_refine_ls_shell.pdbx_total_number_of_bins_used   20 
_refine_ls_shell.pdbx_phase_error                 ? 
_refine_ls_shell.pdbx_fsc_work                    ? 
_refine_ls_shell.pdbx_fsc_free                    ? 
# 
_struct.entry_id                     6PBQ 
_struct.title                        'Structure of ClpC1-NTD' 
_struct.pdbx_model_details           ? 
_struct.pdbx_formula_weight          ? 
_struct.pdbx_formula_weight_method   ? 
_struct.pdbx_model_type_details      ? 
_struct.pdbx_CASP_flag               N 
# 
_struct_keywords.entry_id        6PBQ 
_struct_keywords.text            'ClpC1-NTD, Ecumicin, Chaperone, ATPase, Mycobacterium tuberculosis' 
_struct_keywords.pdbx_keywords   CHAPERONE 
# 
loop_
_struct_asym.id 
_struct_asym.pdbx_blank_PDB_chainid_flag 
_struct_asym.pdbx_modified 
_struct_asym.entity_id 
_struct_asym.details 
A N N 1 ? 
B N N 2 ? 
C N N 3 ? 
D N N 4 ? 
# 
loop_
_struct_conf.conf_type_id 
_struct_conf.id 
_struct_conf.pdbx_PDB_helix_id 
_struct_conf.beg_label_comp_id 
_struct_conf.beg_label_asym_id 
_struct_conf.beg_label_seq_id 
_struct_conf.pdbx_beg_PDB_ins_code 
_struct_conf.end_label_comp_id 
_struct_conf.end_label_asym_id 
_struct_conf.end_label_seq_id 
_struct_conf.pdbx_end_PDB_ins_code 
_struct_conf.beg_auth_comp_id 
_struct_conf.beg_auth_asym_id 
_struct_conf.beg_auth_seq_id 
_struct_conf.end_auth_comp_id 
_struct_conf.end_auth_asym_id 
_struct_conf.end_auth_seq_id 
_struct_conf.pdbx_PDB_helix_class 
_struct_conf.details 
_struct_conf.pdbx_PDB_helix_length 
HELX_P HELX_P1 AA1 THR A 6   ? LEU A 23  ? THR A 6   LEU A 23  1 ? 18 
HELX_P HELX_P2 AA2 GLY A 29  ? GLY A 41  ? GLY A 29  GLY A 41  1 ? 13 
HELX_P HELX_P3 AA3 GLY A 43  ? LEU A 52  ? GLY A 43  LEU A 52  1 ? 10 
HELX_P HELX_P4 AA4 SER A 55  ? GLY A 68  ? SER A 55  GLY A 68  1 ? 14 
HELX_P HELX_P5 AA5 THR A 81  ? GLY A 99  ? THR A 81  GLY A 99  1 ? 19 
HELX_P HELX_P6 AA6 GLY A 104 ? GLY A 116 ? GLY A 104 GLY A 116 1 ? 13 
HELX_P HELX_P7 AA7 GLY A 118 ? LEU A 127 ? GLY A 118 LEU A 127 1 ? 10 
HELX_P HELX_P8 AA8 GLU A 130 ? GLU A 152 ? GLU A 130 GLU A 152 1 ? 23 
# 
_struct_conf_type.id          HELX_P 
_struct_conf_type.criteria    ? 
_struct_conf_type.reference   ? 
# 
loop_
_struct_site.id 
_struct_site.pdbx_evidence_code 
_struct_site.pdbx_auth_asym_id 
_struct_site.pdbx_auth_comp_id 
_struct_site.pdbx_auth_seq_id 
_struct_site.pdbx_auth_ins_code 
_struct_site.pdbx_num_residues 
_struct_site.details 
AC1 Software A PO4 501 ? 4 'binding site for residue PO4 A 501' 
AC2 Software A EPE 502 ? 9 'binding site for residue EPE A 502' 
# 
loop_
_struct_site_gen.id 
_struct_site_gen.site_id 
_struct_site_gen.pdbx_num_res 
_struct_site_gen.label_comp_id 
_struct_site_gen.label_asym_id 
_struct_site_gen.label_seq_id 
_struct_site_gen.pdbx_auth_ins_code 
_struct_site_gen.auth_comp_id 
_struct_site_gen.auth_asym_id 
_struct_site_gen.auth_seq_id 
_struct_site_gen.label_atom_id 
_struct_site_gen.label_alt_id 
_struct_site_gen.symmetry 
_struct_site_gen.details 
1  AC1 4 ARG A 83  ? ARG A 83  . ? 1_555 ? 
2  AC1 4 LYS A 86  ? LYS A 86  . ? 1_555 ? 
3  AC1 4 GLU A 115 ? GLU A 115 . ? 1_555 ? 
4  AC1 4 GLU A 117 ? GLU A 117 . ? 1_555 ? 
5  AC2 9 TYR A 27  ? TYR A 27  . ? 1_555 ? 
6  AC2 9 GLY A 29  ? GLY A 29  . ? 1_555 ? 
7  AC2 9 THR A 30  ? THR A 30  . ? 1_555 ? 
8  AC2 9 THR A 81  ? THR A 81  . ? 1_555 ? 
9  AC2 9 ARG A 83  ? ARG A 83  . ? 1_555 ? 
10 AC2 9 HOH D .   ? HOH A 611 . ? 1_555 ? 
11 AC2 9 HOH D .   ? HOH A 615 . ? 1_555 ? 
12 AC2 9 HOH D .   ? HOH A 622 . ? 1_555 ? 
13 AC2 9 HOH D .   ? HOH A 623 . ? 1_555 ? 
# 
_atom_sites.entry_id                    6PBQ 
_atom_sites.Cartn_transf_matrix[1][1]   ? 
_atom_sites.Cartn_transf_matrix[1][2]   ? 
_atom_sites.Cartn_transf_matrix[1][3]   ? 
_atom_sites.Cartn_transf_matrix[2][1]   ? 
_atom_sites.Cartn_transf_matrix[2][2]   ? 
_atom_sites.Cartn_transf_matrix[2][3]   ? 
_atom_sites.Cartn_transf_matrix[3][1]   ? 
_atom_sites.Cartn_transf_matrix[3][2]   ? 
_atom_sites.Cartn_transf_matrix[3][3]   ? 
_atom_sites.Cartn_transf_vector[1]      ? 
_atom_sites.Cartn_transf_vector[2]      ? 
_atom_sites.Cartn_transf_vector[3]      ? 
_atom_sites.fract_transf_matrix[1][1]   -0.02299681 
_atom_sites.fract_transf_matrix[1][2]   -0.00670271 
_atom_sites.fract_transf_matrix[1][3]   0.02258118 
_atom_sites.fract_transf_matrix[2][1]   0.01109694 
_atom_sites.fract_transf_matrix[2][2]   -0.00583451 
_atom_sites.fract_transf_matrix[2][3]   0.00956935 
_atom_sites.fract_transf_matrix[3][1]   -0.00553407 
_atom_sites.fract_transf_matrix[3][2]   0.02201915 
_atom_sites.fract_transf_matrix[3][3]   0.01984274 
_atom_sites.fract_transf_vector[1]      0.256399 
_atom_sites.fract_transf_vector[2]      -0.006051 
_atom_sites.fract_transf_vector[3]      0.116870 
_atom_sites.solution_primary            ? 
_atom_sites.solution_secondary          ? 
_atom_sites.solution_hydrogens          ? 
_atom_sites.special_details             ? 
# 
loop_
_atom_type.symbol 
C 
H 
N 
O 
P 
S 
# 
loop_
_atom_site.group_PDB 
_atom_site.id 
_atom_site.type_symbol 
_atom_site.label_atom_id 
_atom_site.label_alt_id 
_atom_site.label_comp_id 
_atom_site.label_asym_id 
_atom_site.label_entity_id 
_atom_site.label_seq_id 
_atom_site.pdbx_PDB_ins_code 
_atom_site.Cartn_x 
_atom_site.Cartn_y 
_atom_site.Cartn_z 
_atom_site.occupancy 
_atom_site.B_iso_or_equiv 
_atom_site.pdbx_formal_charge 
_atom_site.auth_seq_id 
_atom_site.auth_comp_id 
_atom_site.auth_asym_id 
_atom_site.auth_atom_id 
_atom_site.pdbx_PDB_model_num 
ATOM   1    N N   . MET A 1 1   ? -16.070 5.437   -1.863  1.00 40.68 ? 1   MET A N   1 
ATOM   2    C CA  . MET A 1 1   ? -14.643 5.638   -2.282  1.00 41.09 ? 1   MET A CA  1 
ATOM   3    C C   . MET A 1 1   ? -14.096 4.304   -2.782  1.00 35.39 ? 1   MET A C   1 
ATOM   4    O O   . MET A 1 1   ? -13.180 4.266   -3.605  1.00 36.31 ? 1   MET A O   1 
ATOM   5    C CB  . MET A 1 1   ? -13.789 6.129   -1.105  1.00 38.39 ? 1   MET A CB  1 
ATOM   6    C CG  . MET A 1 1   ? -12.312 5.767   -1.237  1.00 43.93 ? 1   MET A CG  1 
ATOM   7    S SD  . MET A 1 1   ? -11.197 7.124   -0.768  1.00 46.18 ? 1   MET A SD  1 
ATOM   8    C CE  . MET A 1 1   ? -11.532 7.152   0.991   1.00 43.66 ? 1   MET A CE  1 
ATOM   9    N N   . PHE A 1 2   ? -14.681 3.215   -2.272  1.00 31.05 ? 2   PHE A N   1 
ATOM   10   C CA  . PHE A 1 2   ? -14.167 1.878   -2.519  1.00 23.76 ? 2   PHE A CA  1 
ATOM   11   C C   . PHE A 1 2   ? -14.847 1.209   -3.713  1.00 22.39 ? 2   PHE A C   1 
ATOM   12   O O   . PHE A 1 2   ? -14.534 0.061   -4.001  1.00 21.12 ? 2   PHE A O   1 
ATOM   13   C CB  . PHE A 1 2   ? -14.313 1.017   -1.260  1.00 21.07 ? 2   PHE A CB  1 
ATOM   14   C CG  . PHE A 1 2   ? -13.538 1.498   -0.056  1.00 19.84 ? 2   PHE A CG  1 
ATOM   15   C CD1 . PHE A 1 2   ? -12.150 1.556   -0.081  1.00 17.96 ? 2   PHE A CD1 1 
ATOM   16   C CD2 . PHE A 1 2   ? -14.183 1.865   1.120   1.00 18.11 ? 2   PHE A CD2 1 
ATOM   17   C CE1 . PHE A 1 2   ? -11.429 1.987   1.014   1.00 18.16 ? 2   PHE A CE1 1 
ATOM   18   C CE2 . PHE A 1 2   ? -13.449 2.300   2.217   1.00 20.03 ? 2   PHE A CE2 1 
ATOM   19   C CZ  . PHE A 1 2   ? -12.075 2.381   2.158   1.00 19.40 ? 2   PHE A CZ  1 
ATOM   20   N N   . GLU A 1 3   ? -15.796 1.920   -4.367  1.00 23.50 ? 3   GLU A N   1 
ATOM   21   C CA  . GLU A 1 3   ? -16.569 1.435   -5.511  1.00 28.48 ? 3   GLU A CA  1 
ATOM   22   C C   . GLU A 1 3   ? -15.702 0.754   -6.574  1.00 23.73 ? 3   GLU A C   1 
ATOM   23   O O   . GLU A 1 3   ? -16.093 -0.264  -7.152  1.00 24.02 ? 3   GLU A O   1 
ATOM   24   C CB  . GLU A 1 3   ? -17.240 2.601   -6.257  1.00 32.75 ? 3   GLU A CB  1 
ATOM   25   C CG  . GLU A 1 3   ? -18.475 3.161   -5.575  1.00 38.66 ? 3   GLU A CG  1 
ATOM   26   C CD  . GLU A 1 3   ? -18.215 3.829   -4.236  1.00 40.35 ? 3   GLU A CD  1 
ATOM   27   O OE1 . GLU A 1 3   ? -17.173 4.506   -4.107  1.00 37.87 ? 3   GLU A OE1 1 
ATOM   28   O OE2 . GLU A 1 3   ? -19.059 3.662   -3.326  1.00 40.81 ? 3   GLU A OE2 1 
ATOM   29   N N   . ARG A 1 4   ? -14.555 1.365   -6.884  1.00 19.64 ? 4   ARG A N   1 
ATOM   30   C CA  . ARG A 1 4   ? -13.781 0.933   -8.025  1.00 16.73 ? 4   ARG A CA  1 
ATOM   31   C C   . ARG A 1 4   ? -12.542 0.136   -7.601  1.00 14.09 ? 4   ARG A C   1 
ATOM   32   O O   . ARG A 1 4   ? -11.729 -0.278  -8.441  1.00 13.22 ? 4   ARG A O   1 
ATOM   33   C CB  . ARG A 1 4   ? -13.484 2.181   -8.855  1.00 19.53 ? 4   ARG A CB  1 
ATOM   34   C CG  . ARG A 1 4   ? -14.775 2.736   -9.454  1.00 21.35 ? 4   ARG A CG  1 
ATOM   35   C CD  . ARG A 1 4   ? -14.570 4.173   -9.840  1.00 22.58 ? 4   ARG A CD  1 
ATOM   36   N NE  . ARG A 1 4   ? -13.691 4.125   -10.992 1.00 23.08 ? 4   ARG A NE  1 
ATOM   37   C CZ  . ARG A 1 4   ? -12.527 4.769   -11.114 1.00 20.94 ? 4   ARG A CZ  1 
ATOM   38   N NH1 . ARG A 1 4   ? -12.084 5.567   -10.160 1.00 21.81 ? 4   ARG A NH1 1 
ATOM   39   N NH2 . ARG A 1 4   ? -11.829 4.633   -12.229 1.00 20.62 ? 4   ARG A NH2 1 
ATOM   40   N N   . PHE A 1 5   ? -12.477 -0.183  -6.293  1.00 11.75 ? 5   PHE A N   1 
ATOM   41   C CA  . PHE A 1 5   ? -11.374 -0.979  -5.798  1.00 10.46 ? 5   PHE A CA  1 
ATOM   42   C C   . PHE A 1 5   ? -11.559 -2.404  -6.293  1.00 11.07 ? 5   PHE A C   1 
ATOM   43   O O   . PHE A 1 5   ? -12.688 -2.936  -6.272  1.00 12.92 ? 5   PHE A O   1 
ATOM   44   C CB  . PHE A 1 5   ? -11.317 -0.941  -4.257  1.00 9.90  ? 5   PHE A CB  1 
ATOM   45   C CG  . PHE A 1 5   ? -10.601 0.233   -3.611  1.00 9.57  ? 5   PHE A CG  1 
ATOM   46   C CD1 . PHE A 1 5   ? -10.898 1.564   -3.912  1.00 10.67 ? 5   PHE A CD1 1 
ATOM   47   C CD2 . PHE A 1 5   ? -9.620  -0.022  -2.647  1.00 10.31 ? 5   PHE A CD2 1 
ATOM   48   C CE1 . PHE A 1 5   ? -10.203 2.626   -3.318  1.00 10.80 ? 5   PHE A CE1 1 
ATOM   49   C CE2 . PHE A 1 5   ? -8.930  1.028   -2.059  1.00 10.82 ? 5   PHE A CE2 1 
ATOM   50   C CZ  . PHE A 1 5   ? -9.205  2.348   -2.405  1.00 9.47  ? 5   PHE A CZ  1 
ATOM   51   N N   . THR A 1 6   ? -10.473 -3.006  -6.792  1.00 9.39  ? 6   THR A N   1 
ATOM   52   C CA  . THR A 1 6   ? -10.454 -4.420  -7.109  1.00 8.90  ? 6   THR A CA  1 
ATOM   53   C C   . THR A 1 6   ? -10.674 -5.253  -5.844  1.00 10.33 ? 6   THR A C   1 
ATOM   54   O O   . THR A 1 6   ? -10.488 -4.751  -4.720  1.00 9.41  ? 6   THR A O   1 
ATOM   55   C CB  . THR A 1 6   ? -9.122  -4.834  -7.733  1.00 9.98  ? 6   THR A CB  1 
ATOM   56   O OG1 . THR A 1 6   ? -8.069  -4.677  -6.764  1.00 10.68 ? 6   THR A OG1 1 
ATOM   57   C CG2 . THR A 1 6   ? -8.786  -3.991  -8.948  1.00 11.09 ? 6   THR A CG2 1 
ATOM   58   N N   . ASP A 1 7   ? -10.961 -6.541  -6.029  1.00 13.35 ? 7   ASP A N   1 
ATOM   59   C CA  . ASP A 1 7   ? -11.160 -7.369  -4.847  1.00 12.58 ? 7   ASP A CA  1 
ATOM   60   C C   . ASP A 1 7   ? -9.867  -7.436  -4.025  1.00 11.10 ? 7   ASP A C   1 
ATOM   61   O O   . ASP A 1 7   ? -9.957  -7.433  -2.792  1.00 10.70 ? 7   ASP A O   1 
ATOM   62   C CB  . ASP A 1 7   ? -11.529 -8.804  -5.203  1.00 17.86 ? 7   ASP A CB  1 
ATOM   63   C CG  . ASP A 1 7   ? -12.925 -8.936  -5.793  1.00 23.23 ? 7   ASP A CG  1 
ATOM   64   O OD1 . ASP A 1 7   ? -13.695 -7.941  -5.782  1.00 23.18 ? 7   ASP A OD1 1 
ATOM   65   O OD2 . ASP A 1 7   ? -13.235 -10.067 -6.269  1.00 28.27 ? 7   ASP A OD2 1 
ATOM   66   N N   . ARG A 1 8   ? -8.714  -7.489  -4.696  1.00 11.01 ? 8   ARG A N   1 
ATOM   67   C CA  . ARG A 1 8   ? -7.416  -7.573  -4.033  1.00 10.39 ? 8   ARG A CA  1 
ATOM   68   C C   . ARG A 1 8   ? -7.160  -6.255  -3.269  1.00 9.55  ? 8   ARG A C   1 
ATOM   69   O O   . ARG A 1 8   ? -6.655  -6.293  -2.127  1.00 9.33  ? 8   ARG A O   1 
ATOM   70   C CB  . ARG A 1 8   ? -6.321  -7.902  -5.038  1.00 11.32 ? 8   ARG A CB  1 
ATOM   71   C CG  . ARG A 1 8   ? -4.959  -8.126  -4.396  1.00 13.64 ? 8   ARG A CG  1 
ATOM   72   C CD  . ARG A 1 8   ? -3.797  -8.321  -5.376  1.00 17.62 ? 8   ARG A CD  1 
ATOM   73   N NE  . ARG A 1 8   ? -4.073  -9.255  -6.448  1.00 21.81 ? 8   ARG A NE  1 
ATOM   74   C CZ  . ARG A 1 8   ? -3.941  -10.575 -6.306  1.00 28.77 ? 8   ARG A CZ  1 
ATOM   75   N NH1 . ARG A 1 8   ? -3.496  -11.095 -5.172  1.00 27.65 ? 8   ARG A NH1 1 
ATOM   76   N NH2 . ARG A 1 8   ? -4.271  -11.387 -7.298  1.00 30.55 ? 8   ARG A NH2 1 
ATOM   77   N N   . ALA A 1 9   ? -7.482  -5.098  -3.891  1.00 8.60  ? 9   ALA A N   1 
ATOM   78   C CA  . ALA A 1 9   ? -7.243  -3.833  -3.188  1.00 7.82  ? 9   ALA A CA  1 
ATOM   79   C C   . ALA A 1 9   ? -8.149  -3.705  -1.969  1.00 7.72  ? 9   ALA A C   1 
ATOM   80   O O   . ALA A 1 9   ? -7.729  -3.180  -0.938  1.00 7.37  ? 9   ALA A O   1 
ATOM   81   C CB  . ALA A 1 9   ? -7.393  -2.636  -4.137  1.00 7.70  ? 9   ALA A CB  1 
ATOM   82   N N   . ARG A 1 10  ? -9.420  -4.181  -2.081  1.00 7.93  ? 10  ARG A N   1 
ATOM   83   C CA  . ARG A 1 10  ? -10.301 -4.157  -0.922  1.00 9.56  ? 10  ARG A CA  1 
ATOM   84   C C   . ARG A 1 10  ? -9.705  -5.033  0.199   1.00 9.46  ? 10  ARG A C   1 
ATOM   85   O O   . ARG A 1 10  ? -9.735  -4.642  1.387   1.00 10.09 ? 10  ARG A O   1 
ATOM   86   C CB  . ARG A 1 10  ? -11.694 -4.677  -1.322  1.00 11.38 ? 10  ARG A CB  1 
ATOM   87   C CG  . ARG A 1 10  ? -12.555 -3.667  -2.056  1.00 17.06 ? 10  ARG A CG  1 
ATOM   88   C CD  . ARG A 1 10  ? -14.039 -4.039  -2.030  1.00 22.51 ? 10  ARG A CD  1 
ATOM   89   N NE  . ARG A 1 10  ? -14.667 -3.195  -3.040  1.00 30.80 ? 10  ARG A NE  1 
ATOM   90   C CZ  . ARG A 1 10  ? -14.761 -3.474  -4.346  1.00 30.51 ? 10  ARG A CZ  1 
ATOM   91   N NH1 . ARG A 1 10  ? -14.292 -4.616  -4.836  1.00 35.74 ? 10  ARG A NH1 1 
ATOM   92   N NH2 . ARG A 1 10  ? -15.334 -2.599  -5.155  1.00 35.13 ? 10  ARG A NH2 1 
ATOM   93   N N   . ARG A 1 11  ? -9.138  -6.179  -0.189  1.00 9.18  ? 11  ARG A N   1 
ATOM   94   C CA  . ARG A 1 11  ? -8.514  -7.123  0.777   1.00 9.47  ? 11  ARG A CA  1 
ATOM   95   C C   . ARG A 1 11  ? -7.396  -6.406  1.545   1.00 9.48  ? 11  ARG A C   1 
ATOM   96   O O   . ARG A 1 11  ? -7.254  -6.668  2.755   1.00 10.94 ? 11  ARG A O   1 
ATOM   97   C CB  . ARG A 1 11  ? -7.975  -8.357  0.045   1.00 12.37 ? 11  ARG A CB  1 
ATOM   98   C CG  . ARG A 1 11  ? -8.941  -9.531  0.011   1.00 18.78 ? 11  ARG A CG  1 
ATOM   99   C CD  . ARG A 1 11  ? -8.301  -10.793 -0.535  1.00 21.20 ? 11  ARG A CD  1 
ATOM   100  N NE  . ARG A 1 11  ? -8.976  -11.288 -1.727  1.00 31.54 ? 11  ARG A NE  1 
ATOM   101  C CZ  . ARG A 1 11  ? -8.460  -11.266 -2.949  1.00 28.65 ? 11  ARG A CZ  1 
ATOM   102  N NH1 . ARG A 1 11  ? -7.251  -10.771 -3.147  1.00 29.57 ? 11  ARG A NH1 1 
ATOM   103  N NH2 . ARG A 1 11  ? -9.152  -11.740 -3.968  1.00 36.75 ? 11  ARG A NH2 1 
ATOM   104  N N   . VAL A 1 12  ? -6.637  -5.540  0.864   1.00 7.72  ? 12  VAL A N   1 
ATOM   105  C CA  . VAL A 1 12  ? -5.550  -4.817  1.500   1.00 7.16  ? 12  VAL A CA  1 
ATOM   106  C C   . VAL A 1 12  ? -6.089  -3.917  2.595   1.00 6.80  ? 12  VAL A C   1 
ATOM   107  O O   . VAL A 1 12  ? -5.409  -3.824  3.654   1.00 6.80  ? 12  VAL A O   1 
ATOM   108  C CB  . VAL A 1 12  ? -4.739  -4.019  0.455   1.00 7.04  ? 12  VAL A CB  1 
ATOM   109  C CG1 . VAL A 1 12  ? -3.790  -2.971  1.075   1.00 7.77  ? 12  VAL A CG1 1 
ATOM   110  C CG2 . VAL A 1 12  ? -3.947  -5.006  -0.379  1.00 8.74  ? 12  VAL A CG2 1 
ATOM   111  N N   . VAL A 1 13  ? -7.176  -3.167  2.282   1.00 8.04  ? 13  VAL A N   1 
ATOM   112  C CA  . VAL A 1 13  ? -7.698  -2.250  3.292   1.00 7.50  ? 13  VAL A CA  1 
ATOM   113  C C   . VAL A 1 13  ? -8.264  -3.050  4.474   1.00 7.55  ? 13  VAL A C   1 
ATOM   114  O O   . VAL A 1 13  ? -8.088  -2.657  5.631   1.00 7.52  ? 13  VAL A O   1 
ATOM   115  C CB  . VAL A 1 13  ? -8.697  -1.269  2.647   1.00 9.00  ? 13  VAL A CB  1 
ATOM   116  C CG1 . VAL A 1 13  ? -9.140  -0.225  3.648   1.00 10.29 ? 13  VAL A CG1 1 
ATOM   117  C CG2 . VAL A 1 13  ? -8.044  -0.597  1.448   1.00 11.22 ? 13  VAL A CG2 1 
ATOM   118  N N   . VAL A 1 14  ? -8.908  -4.225  4.213   1.00 6.75  ? 14  VAL A N   1 
ATOM   119  C CA  . VAL A 1 14  ? -9.383  -5.035  5.323   1.00 7.11  ? 14  VAL A CA  1 
ATOM   120  C C   . VAL A 1 14  ? -8.205  -5.537  6.171   1.00 7.69  ? 14  VAL A C   1 
ATOM   121  O O   . VAL A 1 14  ? -8.273  -5.563  7.421   1.00 8.21  ? 14  VAL A O   1 
ATOM   122  C CB  . VAL A 1 14  ? -10.272 -6.179  4.793   1.00 7.28  ? 14  VAL A CB  1 
ATOM   123  C CG1 . VAL A 1 14  ? -10.535 -7.215  5.877   1.00 8.59  ? 14  VAL A CG1 1 
ATOM   124  C CG2 . VAL A 1 14  ? -11.560 -5.622  4.229   1.00 8.28  ? 14  VAL A CG2 1 
ATOM   125  N N   . LEU A 1 15  ? -7.126  -5.936  5.489   1.00 7.62  ? 15  LEU A N   1 
ATOM   126  C CA  . LEU A 1 15  ? -5.939  -6.403  6.215   1.00 7.69  ? 15  LEU A CA  1 
ATOM   127  C C   . LEU A 1 15  ? -5.334  -5.263  7.030   1.00 7.67  ? 15  LEU A C   1 
ATOM   128  O O   . LEU A 1 15  ? -4.784  -5.568  8.089   1.00 8.14  ? 15  LEU A O   1 
ATOM   129  C CB  . LEU A 1 15  ? -4.914  -7.078  5.302   1.00 8.75  ? 15  LEU A CB  1 
ATOM   130  C CG  . LEU A 1 15  ? -5.401  -8.402  4.707   1.00 9.53  ? 15  LEU A CG  1 
ATOM   131  C CD1 . LEU A 1 15  ? -4.473  -8.841  3.605   1.00 10.55 ? 15  LEU A CD1 1 
ATOM   132  C CD2 . LEU A 1 15  ? -5.554  -9.457  5.802   1.00 11.91 ? 15  LEU A CD2 1 
ATOM   133  N N   . ALA A 1 16  ? -5.434  -4.006  6.568   1.00 7.41  ? 16  ALA A N   1 
ATOM   134  C CA  . ALA A 1 16  ? -4.958  -2.868  7.360   1.00 6.76  ? 16  ALA A CA  1 
ATOM   135  C C   . ALA A 1 16  ? -5.698  -2.820  8.696   1.00 6.93  ? 16  ALA A C   1 
ATOM   136  O O   . ALA A 1 16  ? -5.066  -2.559  9.725   1.00 6.37  ? 16  ALA A O   1 
ATOM   137  C CB  . ALA A 1 16  ? -5.086  -1.561  6.585   1.00 7.75  ? 16  ALA A CB  1 
ATOM   138  N N   . GLN A 1 17  ? -7.017  -3.057  8.669   1.00 6.83  ? 17  GLN A N   1 
ATOM   139  C CA  . GLN A 1 17  ? -7.788  -3.092  9.914   1.00 8.00  ? 17  GLN A CA  1 
ATOM   140  C C   . GLN A 1 17  ? -7.256  -4.199  10.835  1.00 8.11  ? 17  GLN A C   1 
ATOM   141  O O   . GLN A 1 17  ? -7.169  -3.982  12.034  1.00 8.68  ? 17  GLN A O   1 
ATOM   142  C CB  . GLN A 1 17  ? -9.255  -3.326  9.572   1.00 9.01  ? 17  GLN A CB  1 
ATOM   143  C CG  . GLN A 1 17  ? -9.949  -2.214  8.782   1.00 12.15 ? 17  GLN A CG  1 
ATOM   144  C CD  . GLN A 1 17  ? -11.365 -2.570  8.373   1.00 15.64 ? 17  GLN A CD  1 
ATOM   145  O OE1 . GLN A 1 17  ? -11.632 -3.673  7.863   1.00 16.80 ? 17  GLN A OE1 1 
ATOM   146  N NE2 . GLN A 1 17  ? -12.281 -1.624  8.582   1.00 15.83 ? 17  GLN A NE2 1 
ATOM   147  N N   . GLU A 1 18  ? -6.973  -5.371  10.255  1.00 8.11  ? 18  GLU A N   1 
ATOM   148  C CA  . GLU A 1 18  ? -6.471  -6.541  11.024  1.00 9.34  ? 18  GLU A CA  1 
ATOM   149  C C   . GLU A 1 18  ? -5.103  -6.201  11.625  1.00 9.21  ? 18  GLU A C   1 
ATOM   150  O O   . GLU A 1 18  ? -4.905  -6.462  12.828  1.00 9.87  ? 18  GLU A O   1 
ATOM   151  C CB  . GLU A 1 18  ? -6.389  -7.775  10.126  1.00 12.44 ? 18  GLU A CB  1 
ATOM   152  C CG  . GLU A 1 18  ? -7.700  -8.531  10.017  1.00 15.95 ? 18  GLU A CG  1 
ATOM   153  C CD  . GLU A 1 18  ? -8.789  -8.044  10.958  1.00 23.10 ? 18  GLU A CD  1 
ATOM   154  O OE1 . GLU A 1 18  ? -8.814  -8.501  12.118  1.00 19.44 ? 18  GLU A OE1 1 
ATOM   155  O OE2 . GLU A 1 18  ? -9.609  -7.208  10.528  1.00 32.39 ? 18  GLU A OE2 1 
ATOM   156  N N   . GLU A 1 19  ? -4.203  -5.643  10.810  1.00 9.83  ? 19  GLU A N   1 
ATOM   157  C CA  . GLU A 1 19  ? -2.862  -5.278  11.288  1.00 9.24  ? 19  GLU A CA  1 
ATOM   158  C C   . GLU A 1 19  ? -2.946  -4.370  12.508  1.00 9.40  ? 19  GLU A C   1 
ATOM   159  O O   . GLU A 1 19  ? -2.217  -4.637  13.487  1.00 9.19  ? 19  GLU A O   1 
ATOM   160  C CB  . GLU A 1 19  ? -2.028  -4.680  10.155  1.00 9.37  ? 19  GLU A CB  1 
ATOM   161  C CG  . GLU A 1 19  ? -1.664  -5.738  9.107   1.00 10.89 ? 19  GLU A CG  1 
ATOM   162  C CD  . GLU A 1 19  ? -0.517  -6.697  9.415   1.00 13.23 ? 19  GLU A CD  1 
ATOM   163  O OE1 . GLU A 1 19  ? 0.352   -6.342  10.245  1.00 12.48 ? 19  GLU A OE1 1 
ATOM   164  O OE2 . GLU A 1 19  ? -0.429  -7.765  8.760   1.00 15.30 ? 19  GLU A OE2 1 
ATOM   165  N N   . ALA A 1 20  ? -3.868  -3.388  12.485  1.00 8.23  ? 20  ALA A N   1 
ATOM   166  C CA  . ALA A 1 20  ? -4.049  -2.468  13.594  1.00 8.42  ? 20  ALA A CA  1 
ATOM   167  C C   . ALA A 1 20  ? -4.523  -3.262  14.801  1.00 9.38  ? 20  ALA A C   1 
ATOM   168  O O   . ALA A 1 20  ? -3.995  -3.103  15.899  1.00 10.32 ? 20  ALA A O   1 
ATOM   169  C CB  . ALA A 1 20  ? -4.958  -1.308  13.254  1.00 8.21  ? 20  ALA A CB  1 
ATOM   170  N N   . ARG A 1 21  ? -5.491  -4.153  14.576  1.00 8.11  ? 21  ARG A N   1 
ATOM   171  C CA  . ARG A 1 21  ? -6.002  -4.974  15.680  1.00 9.03  ? 21  ARG A CA  1 
ATOM   172  C C   . ARG A 1 21  ? -4.881  -5.836  16.287  1.00 8.60  ? 21  ARG A C   1 
ATOM   173  O O   . ARG A 1 21  ? -4.758  -5.898  17.530  1.00 9.91  ? 21  ARG A O   1 
ATOM   174  C CB  . ARG A 1 21  ? -7.166  -5.825  15.152  1.00 9.14  ? 21  ARG A CB  1 
ATOM   175  C CG  . ARG A 1 21  ? -7.825  -6.627  16.274  1.00 11.61 ? 21  ARG A CG  1 
ATOM   176  C CD  . ARG A 1 21  ? -8.753  -7.712  15.728  1.00 12.50 ? 21  ARG A CD  1 
ATOM   177  N NE  . ARG A 1 21  ? -8.140  -8.674  14.792  1.00 14.88 ? 21  ARG A NE  1 
ATOM   178  C CZ  . ARG A 1 21  ? -7.378  -9.743  15.086  1.00 14.29 ? 21  ARG A CZ  1 
ATOM   179  N NH1 . ARG A 1 21  ? -7.097  -10.104 16.332  1.00 16.52 ? 21  ARG A NH1 1 
ATOM   180  N NH2 . ARG A 1 21  ? -6.897  -10.480 14.108  1.00 17.38 ? 21  ARG A NH2 1 
ATOM   181  N N   . MET A 1 22  ? -4.045  -6.463  15.474  1.00 10.37 ? 22  MET A N   1 
ATOM   182  C CA  . MET A 1 22  ? -3.017  -7.382  15.940  1.00 10.62 ? 22  MET A CA  1 
ATOM   183  C C   . MET A 1 22  ? -1.941  -6.653  16.743  1.00 10.78 ? 22  MET A C   1 
ATOM   184  O O   . MET A 1 22  ? -1.305  -7.259  17.608  1.00 11.70 ? 22  MET A O   1 
ATOM   185  C CB  . MET A 1 22  ? -2.402  -8.157  14.787  1.00 13.63 ? 22  MET A CB  1 
ATOM   186  C CG  . MET A 1 22  ? -3.377  -9.258  14.372  1.00 17.56 ? 22  MET A CG  1 
ATOM   187  S SD  . MET A 1 22  ? -2.773  -10.386 13.096  1.00 22.90 ? 22  MET A SD  1 
ATOM   188  C CE  . MET A 1 22  ? -2.620  -9.208  11.745  1.00 18.84 ? 22  MET A CE  1 
ATOM   189  N N   . LEU A 1 23  ? -1.729  -5.384  16.417  1.00 9.98  ? 23  LEU A N   1 
ATOM   190  C CA  . LEU A 1 23  ? -0.733  -4.562  17.115  1.00 10.02 ? 23  LEU A CA  1 
ATOM   191  C C   . LEU A 1 23  ? -1.379  -3.823  18.289  1.00 11.19 ? 23  LEU A C   1 
ATOM   192  O O   . LEU A 1 23  ? -0.733  -3.013  18.960  1.00 12.49 ? 23  LEU A O   1 
ATOM   193  C CB  . LEU A 1 23  ? -0.137  -3.574  16.107  1.00 10.75 ? 23  LEU A CB  1 
ATOM   194  C CG  . LEU A 1 23  ? 0.836   -4.215  15.118  1.00 10.91 ? 23  LEU A CG  1 
ATOM   195  C CD1 . LEU A 1 23  ? 1.341   -3.183  14.086  1.00 12.36 ? 23  LEU A CD1 1 
ATOM   196  C CD2 . LEU A 1 23  ? 2.052   -4.848  15.817  1.00 14.33 ? 23  LEU A CD2 1 
ATOM   197  N N   . ASN A 1 24  ? -2.678  -4.042  18.556  1.00 10.97 ? 24  ASN A N   1 
ATOM   198  C CA  . ASN A 1 24  ? -3.309  -3.343  19.682  1.00 12.21 ? 24  ASN A CA  1 
ATOM   199  C C   . ASN A 1 24  ? -3.335  -1.822  19.508  1.00 11.04 ? 24  ASN A C   1 
ATOM   200  O O   . ASN A 1 24  ? -3.284  -1.037  20.444  1.00 12.47 ? 24  ASN A O   1 
ATOM   201  C CB  . ASN A 1 24  ? -2.707  -3.727  21.045  1.00 13.81 ? 24  ASN A CB  1 
ATOM   202  C CG  . ASN A 1 24  ? -2.942  -5.183  21.386  1.00 18.27 ? 24  ASN A CG  1 
ATOM   203  O OD1 . ASN A 1 24  ? -4.036  -5.699  21.145  1.00 21.13 ? 24  ASN A OD1 1 
ATOM   204  N ND2 . ASN A 1 24  ? -1.955  -5.818  21.984  1.00 23.63 ? 24  ASN A ND2 1 
ATOM   205  N N   . HIS A 1 25  ? -3.498  -1.345  18.261  1.00 9.38  ? 25  HIS A N   1 
ATOM   206  C CA  . HIS A 1 25  ? -3.551  0.088   18.042  1.00 9.93  ? 25  HIS A CA  1 
ATOM   207  C C   . HIS A 1 25  ? -4.993  0.570   17.999  1.00 11.07 ? 25  HIS A C   1 
ATOM   208  O O   . HIS A 1 25  ? -5.834  -0.186  17.551  1.00 13.96 ? 25  HIS A O   1 
ATOM   209  C CB  . HIS A 1 25  ? -2.858  0.381   16.702  1.00 9.60  ? 25  HIS A CB  1 
ATOM   210  C CG  . HIS A 1 25  ? -1.365  0.283   16.798  1.00 10.01 ? 25  HIS A CG  1 
ATOM   211  N ND1 . HIS A 1 25  ? -0.606  0.587   17.931  1.00 13.34 ? 25  HIS A ND1 1 
ATOM   212  C CD2 . HIS A 1 25  ? -0.473  -0.024  15.832  1.00 9.02  ? 25  HIS A CD2 1 
ATOM   213  C CE1 . HIS A 1 25  ? 0.679   0.437   17.651  1.00 9.95  ? 25  HIS A CE1 1 
ATOM   214  N NE2 . HIS A 1 25  ? 0.788   0.046   16.368  1.00 11.81 ? 25  HIS A NE2 1 
ATOM   215  N N   . ASN A 1 26  ? -5.194  1.869   18.307  1.00 12.96 ? 26  ASN A N   1 
ATOM   216  C CA  . ASN A 1 26  ? -6.516  2.451   18.410  1.00 13.67 ? 26  ASN A CA  1 
ATOM   217  C C   . ASN A 1 26  ? -6.817  3.336   17.186  1.00 13.69 ? 26  ASN A C   1 
ATOM   218  O O   . ASN A 1 26  ? -7.759  4.112   17.235  1.00 14.65 ? 26  ASN A O   1 
ATOM   219  C CB  . ASN A 1 26  ? -6.601  3.271   19.715  1.00 14.84 ? 26  ASN A CB  1 
ATOM   220  C CG  . ASN A 1 26  ? -5.622  4.423   19.879  1.00 17.54 ? 26  ASN A CG  1 
ATOM   221  O OD1 . ASN A 1 26  ? -5.170  5.061   18.918  1.00 18.10 ? 26  ASN A OD1 1 
ATOM   222  N ND2 . ASN A 1 26  ? -5.359  4.792   21.132  1.00 17.66 ? 26  ASN A ND2 1 
ATOM   223  N N   . TYR A 1 27  ? -6.004  3.230   16.117  1.00 10.98 ? 27  TYR A N   1 
ATOM   224  C CA  . TYR A 1 27  ? -6.117  4.015   14.903  1.00 8.76  ? 27  TYR A CA  1 
ATOM   225  C C   . TYR A 1 27  ? -5.710  3.073   13.757  1.00 7.92  ? 27  TYR A C   1 
ATOM   226  O O   . TYR A 1 27  ? -4.953  2.139   14.032  1.00 7.80  ? 27  TYR A O   1 
ATOM   227  C CB  . TYR A 1 27  ? -5.231  5.268   14.982  1.00 10.10 ? 27  TYR A CB  1 
ATOM   228  C CG  . TYR A 1 27  ? -3.766  4.937   15.008  1.00 11.00 ? 27  TYR A CG  1 
ATOM   229  C CD1 . TYR A 1 27  ? -3.109  4.562   16.180  1.00 11.82 ? 27  TYR A CD1 1 
ATOM   230  C CD2 . TYR A 1 27  ? -3.028  4.992   13.836  1.00 10.59 ? 27  TYR A CD2 1 
ATOM   231  C CE1 . TYR A 1 27  ? -1.790  4.134   16.166  1.00 12.01 ? 27  TYR A CE1 1 
ATOM   232  C CE2 . TYR A 1 27  ? -1.688  4.643   13.825  1.00 10.55 ? 27  TYR A CE2 1 
ATOM   233  C CZ  . TYR A 1 27  ? -1.081  4.171   14.974  1.00 11.69 ? 27  TYR A CZ  1 
ATOM   234  O OH  . TYR A 1 27  ? 0.241   3.793   14.890  1.00 12.70 ? 27  TYR A OH  1 
ATOM   235  N N   . ILE A 1 28  ? -6.178  3.381   12.523  1.00 7.36  ? 28  ILE A N   1 
ATOM   236  C CA  . ILE A 1 28  ? -5.653  2.735   11.313  1.00 7.30  ? 28  ILE A CA  1 
ATOM   237  C C   . ILE A 1 28  ? -4.988  3.854   10.541  1.00 7.36  ? 28  ILE A C   1 
ATOM   238  O O   . ILE A 1 28  ? -5.653  4.744   9.984   1.00 7.37  ? 28  ILE A O   1 
ATOM   239  C CB  . ILE A 1 28  ? -6.734  2.078   10.439  1.00 7.23  ? 28  ILE A CB  1 
ATOM   240  C CG1 . ILE A 1 28  ? -7.596  1.082   11.231  1.00 8.39  ? 28  ILE A CG1 1 
ATOM   241  C CG2 . ILE A 1 28  ? -6.079  1.378   9.230   1.00 6.84  ? 28  ILE A CG2 1 
ATOM   242  C CD1 . ILE A 1 28  ? -8.750  0.631   10.424  1.00 8.46  ? 28  ILE A CD1 1 
ATOM   243  N N   . GLY A 1 29  ? -3.646  3.829   10.573  1.00 6.65  ? 29  GLY A N   1 
ATOM   244  C CA  . GLY A 1 29  ? -2.879  4.860   9.901   1.00 6.04  ? 29  GLY A CA  1 
ATOM   245  C C   . GLY A 1 29  ? -2.207  4.380   8.614   1.00 5.55  ? 29  GLY A C   1 
ATOM   246  O O   . GLY A 1 29  ? -2.415  3.265   8.148   1.00 6.45  ? 29  GLY A O   1 
ATOM   247  N N   . THR A 1 30  ? -1.394  5.298   8.067   1.00 5.59  ? 30  THR A N   1 
ATOM   248  C CA  . THR A 1 30  ? -0.708  4.942   6.827   1.00 6.09  ? 30  THR A CA  1 
ATOM   249  C C   . THR A 1 30  ? 0.112   3.666   7.028   1.00 5.96  ? 30  THR A C   1 
ATOM   250  O O   . THR A 1 30  ? 0.225   2.859   6.107   1.00 5.69  ? 30  THR A O   1 
ATOM   251  C CB  . THR A 1 30  ? 0.166   6.086   6.308   1.00 6.46  ? 30  THR A CB  1 
ATOM   252  O OG1 . THR A 1 30  ? 1.381   6.178   7.062   1.00 8.21  ? 30  THR A OG1 1 
ATOM   253  C CG2 . THR A 1 30  ? -0.556  7.416   6.233   1.00 7.53  ? 30  THR A CG2 1 
ATOM   254  N N   . GLU A 1 31  ? 0.723   3.492   8.213   1.00 6.68  ? 31  GLU A N   1 
ATOM   255  C CA  . GLU A 1 31  ? 1.545   2.333   8.550   1.00 6.05  ? 31  GLU A CA  1 
ATOM   256  C C   . GLU A 1 31  ? 0.757   1.028   8.385   1.00 5.45  ? 31  GLU A C   1 
ATOM   257  O O   . GLU A 1 31  ? 1.305   0.029   7.902   1.00 5.68  ? 31  GLU A O   1 
ATOM   258  C CB  . GLU A 1 31  ? 2.125   2.385   9.985   1.00 7.36  ? 31  GLU A CB  1 
ATOM   259  C CG  . GLU A 1 31  ? 1.122   2.765   11.115  1.00 8.64  ? 31  GLU A CG  1 
ATOM   260  C CD  . GLU A 1 31  ? 1.081   4.263   11.412  1.00 9.34  ? 31  GLU A CD  1 
ATOM   261  O OE1 . GLU A 1 31  ? 0.912   5.098   10.482  1.00 9.28  ? 31  GLU A OE1 1 
ATOM   262  O OE2 . GLU A 1 31  ? 1.253   4.639   12.634  1.00 12.85 ? 31  GLU A OE2 1 
ATOM   263  N N   . HIS A 1 32  ? -0.519  1.059   8.771   1.00 5.58  ? 32  HIS A N   1 
ATOM   264  C CA  . HIS A 1 32  ? -1.277  -0.170  8.719   1.00 5.48  ? 32  HIS A CA  1 
ATOM   265  C C   . HIS A 1 32  ? -1.714  -0.502  7.290   1.00 5.42  ? 32  HIS A C   1 
ATOM   266  O O   . HIS A 1 32  ? -1.870  -1.673  6.956   1.00 5.12  ? 32  HIS A O   1 
ATOM   267  C CB  . HIS A 1 32  ? -2.507  -0.088  9.655   1.00 6.24  ? 32  HIS A CB  1 
ATOM   268  C CG  . HIS A 1 32  ? -2.135  0.167   11.074  1.00 5.85  ? 32  HIS A CG  1 
ATOM   269  N ND1 . HIS A 1 32  ? -2.360  1.403   11.665  1.00 6.68  ? 32  HIS A ND1 1 
ATOM   270  C CD2 . HIS A 1 32  ? -1.439  -0.584  11.951  1.00 5.90  ? 32  HIS A CD2 1 
ATOM   271  C CE1 . HIS A 1 32  ? -1.895  1.361   12.893  1.00 6.67  ? 32  HIS A CE1 1 
ATOM   272  N NE2 . HIS A 1 32  ? -1.385  0.139   13.122  1.00 6.05  ? 32  HIS A NE2 1 
ATOM   273  N N   . ILE A 1 33  ? -1.972  0.521   6.485   1.00 5.78  ? 33  ILE A N   1 
ATOM   274  C CA  . ILE A 1 33  ? -2.278  0.293   5.078   1.00 5.62  ? 33  ILE A CA  1 
ATOM   275  C C   . ILE A 1 33  ? -1.051  -0.350  4.432   1.00 5.68  ? 33  ILE A C   1 
ATOM   276  O O   . ILE A 1 33  ? -1.181  -1.287  3.657   1.00 6.17  ? 33  ILE A O   1 
ATOM   277  C CB  . ILE A 1 33  ? -2.757  1.567   4.374   1.00 5.47  ? 33  ILE A CB  1 
ATOM   278  C CG1 . ILE A 1 33  ? -4.060  2.063   5.028   1.00 6.21  ? 33  ILE A CG1 1 
ATOM   279  C CG2 . ILE A 1 33  ? -2.955  1.240   2.880   1.00 6.04  ? 33  ILE A CG2 1 
ATOM   280  C CD1 . ILE A 1 33  ? -4.599  3.327   4.429   1.00 6.97  ? 33  ILE A CD1 1 
ATOM   281  N N   . LEU A 1 34  ? 0.174   0.135   4.754   1.00 5.29  ? 34  LEU A N   1 
ATOM   282  C CA  . LEU A 1 34  ? 1.362   -0.510  4.192   1.00 5.37  ? 34  LEU A CA  1 
ATOM   283  C C   . LEU A 1 34  ? 1.525   -1.940  4.703   1.00 5.58  ? 34  LEU A C   1 
ATOM   284  O O   . LEU A 1 34  ? 1.822   -2.801  3.873   1.00 6.37  ? 34  LEU A O   1 
ATOM   285  C CB  . LEU A 1 34  ? 2.589   0.380   4.500   1.00 5.55  ? 34  LEU A CB  1 
ATOM   286  C CG  . LEU A 1 34  ? 3.944   -0.168  4.039   1.00 5.20  ? 34  LEU A CG  1 
ATOM   287  C CD1 . LEU A 1 34  ? 3.932   -0.445  2.544   1.00 6.77  ? 34  LEU A CD1 1 
ATOM   288  C CD2 . LEU A 1 34  ? 5.003   0.882   4.331   1.00 5.70  ? 34  LEU A CD2 1 
ATOM   289  N N   . LEU A 1 35  ? 1.265   -2.178  5.996   1.00 5.78  ? 35  LEU A N   1 
ATOM   290  C CA  . LEU A 1 35  ? 1.348   -3.557  6.482   1.00 6.52  ? 35  LEU A CA  1 
ATOM   291  C C   . LEU A 1 35  ? 0.325   -4.450  5.792   1.00 7.24  ? 35  LEU A C   1 
ATOM   292  O O   . LEU A 1 35  ? 0.639   -5.609  5.490   1.00 8.71  ? 35  LEU A O   1 
ATOM   293  C CB  . LEU A 1 35  ? 1.259   -3.613  8.015   1.00 7.09  ? 35  LEU A CB  1 
ATOM   294  C CG  . LEU A 1 35  ? 2.426   -2.949  8.732   1.00 7.66  ? 35  LEU A CG  1 
ATOM   295  C CD1 . LEU A 1 35  ? 2.113   -2.900  10.226  1.00 9.64  ? 35  LEU A CD1 1 
ATOM   296  C CD2 . LEU A 1 35  ? 3.746   -3.671  8.445   1.00 8.64  ? 35  LEU A CD2 1 
ATOM   297  N N   . GLY A 1 36  ? -0.860  -3.920  5.524   1.00 7.17  ? 36  GLY A N   1 
ATOM   298  C CA  . GLY A 1 36  ? -1.881  -4.716  4.820   1.00 7.41  ? 36  GLY A CA  1 
ATOM   299  C C   . GLY A 1 36  ? -1.477  -5.037  3.389   1.00 8.66  ? 36  GLY A C   1 
ATOM   300  O O   . GLY A 1 36  ? -1.671  -6.151  2.913   1.00 8.59  ? 36  GLY A O   1 
ATOM   301  N N   . LEU A 1 37  ? -0.783  -4.108  2.744   1.00 7.64  ? 37  LEU A N   1 
ATOM   302  C CA  . LEU A 1 37  ? -0.337  -4.315  1.375   1.00 8.78  ? 37  LEU A CA  1 
ATOM   303  C C   . LEU A 1 37  ? 0.740   -5.399  1.350   1.00 9.99  ? 37  LEU A C   1 
ATOM   304  O O   . LEU A 1 37  ? 0.744   -6.212  0.429   1.00 12.46 ? 37  LEU A O   1 
ATOM   305  C CB  . LEU A 1 37  ? 0.206   -2.953  0.902   1.00 9.77  ? 37  LEU A CB  1 
ATOM   306  C CG  . LEU A 1 37  ? 0.476   -2.750  -0.580  1.00 11.58 ? 37  LEU A CG  1 
ATOM   307  C CD1 . LEU A 1 37  ? -0.832  -2.669  -1.373  1.00 13.02 ? 37  LEU A CD1 1 
ATOM   308  C CD2 . LEU A 1 37  ? 1.207   -1.429  -0.768  1.00 14.20 ? 37  LEU A CD2 1 
ATOM   309  N N   . ILE A 1 38  ? 1.648   -5.393  2.355   1.00 9.93  ? 38  ILE A N   1 
ATOM   310  C CA  . ILE A 1 38  ? 2.682   -6.429  2.515   1.00 13.12 ? 38  ILE A CA  1 
ATOM   311  C C   . ILE A 1 38  ? 2.056   -7.775  2.838   1.00 14.66 ? 38  ILE A C   1 
ATOM   312  O O   . ILE A 1 38  ? 2.541   -8.794  2.326   1.00 17.94 ? 38  ILE A O   1 
ATOM   313  C CB  . ILE A 1 38  ? 3.633   -6.005  3.662   1.00 15.54 ? 38  ILE A CB  1 
ATOM   314  C CG1 . ILE A 1 38  ? 4.529   -4.854  3.222   1.00 19.72 ? 38  ILE A CG1 1 
ATOM   315  C CG2 . ILE A 1 38  ? 4.453   -7.178  4.228   1.00 16.96 ? 38  ILE A CG2 1 
ATOM   316  C CD1 . ILE A 1 38  ? 5.200   -4.227  4.421   1.00 18.76 ? 38  ILE A CD1 1 
ATOM   317  N N   . HIS A 1 39  ? 1.048   -7.776  3.720   1.00 15.27 ? 39  HIS A N   1 
ATOM   318  C CA  . HIS A 1 39  ? 0.459   -9.022  4.205   1.00 15.71 ? 39  HIS A CA  1 
ATOM   319  C C   . HIS A 1 39  ? -0.208  -9.722  3.021   1.00 15.77 ? 39  HIS A C   1 
ATOM   320  O O   . HIS A 1 39  ? -0.065  -10.932 2.836   1.00 18.27 ? 39  HIS A O   1 
ATOM   321  C CB  . HIS A 1 39  ? -0.523  -8.707  5.331   1.00 17.10 ? 39  HIS A CB  1 
ATOM   322  C CG  . HIS A 1 39  ? -1.192  -9.901  5.945   1.00 21.41 ? 39  HIS A CG  1 
ATOM   323  N ND1 . HIS A 1 39  ? -1.422  -9.995  7.309   1.00 27.50 ? 39  HIS A ND1 1 
ATOM   324  C CD2 . HIS A 1 39  ? -1.736  -11.000 5.393   1.00 23.10 ? 39  HIS A CD2 1 
ATOM   325  C CE1 . HIS A 1 39  ? -2.038  -11.131 7.581   1.00 27.07 ? 39  HIS A CE1 1 
ATOM   326  N NE2 . HIS A 1 39  ? -2.212  -11.783 6.424   1.00 27.28 ? 39  HIS A NE2 1 
ATOM   327  N N   . GLU A 1 40  ? -0.896  -8.930  2.185   1.00 16.49 ? 40  GLU A N   1 
ATOM   328  C CA  . GLU A 1 40  ? -1.497  -9.478  0.974   1.00 16.96 ? 40  GLU A CA  1 
ATOM   329  C C   . GLU A 1 40  ? -0.429  -10.058 0.039   1.00 18.45 ? 40  GLU A C   1 
ATOM   330  O O   . GLU A 1 40  ? -0.524  -11.231 -0.387  1.00 18.79 ? 40  GLU A O   1 
ATOM   331  C CB  . GLU A 1 40  ? -2.347  -8.394  0.340   1.00 17.08 ? 40  GLU A CB  1 
ATOM   332  C CG  . GLU A 1 40  ? -3.291  -8.916  -0.725  1.00 19.06 ? 40  GLU A CG  1 
ATOM   333  C CD  . GLU A 1 40  ? -2.694  -9.280  -2.062  1.00 23.81 ? 40  GLU A CD  1 
ATOM   334  O OE1 . GLU A 1 40  ? -1.736  -8.594  -2.502  1.00 20.81 ? 40  GLU A OE1 1 
ATOM   335  O OE2 . GLU A 1 40  ? -3.222  -10.278 -2.684  1.00 25.37 ? 40  GLU A OE2 1 
ATOM   336  N N   . GLY A 1 41  ? 0.582   -9.242  -0.272  1.00 17.62 ? 41  GLY A N   1 
ATOM   337  C CA  . GLY A 1 41  ? 1.868   -9.712  -0.764  1.00 19.37 ? 41  GLY A CA  1 
ATOM   338  C C   . GLY A 1 41  ? 1.959   -10.245 -2.203  1.00 19.41 ? 41  GLY A C   1 
ATOM   339  O O   . GLY A 1 41  ? 3.033   -10.715 -2.576  1.00 19.69 ? 41  GLY A O   1 
ATOM   340  N N   . GLU A 1 42  ? 0.914   -10.128 -3.044  1.00 20.04 ? 42  GLU A N   1 
ATOM   341  C CA  . GLU A 1 42  ? 1.001   -10.839 -4.334  1.00 20.79 ? 42  GLU A CA  1 
ATOM   342  C C   . GLU A 1 42  ? 0.688   -9.989  -5.573  1.00 22.01 ? 42  GLU A C   1 
ATOM   343  O O   . GLU A 1 42  ? 0.956   -10.417 -6.696  1.00 27.36 ? 42  GLU A O   1 
ATOM   344  C CB  . GLU A 1 42  ? 0.262   -12.181 -4.382  1.00 25.33 ? 42  GLU A CB  1 
ATOM   345  C CG  . GLU A 1 42  ? -0.969  -12.324 -3.508  1.00 31.09 ? 42  GLU A CG  1 
ATOM   346  C CD  . GLU A 1 42  ? -1.497  -13.748 -3.603  1.00 34.59 ? 42  GLU A CD  1 
ATOM   347  O OE1 . GLU A 1 42  ? -2.160  -14.063 -4.621  1.00 37.92 ? 42  GLU A OE1 1 
ATOM   348  O OE2 . GLU A 1 42  ? -1.206  -14.557 -2.688  1.00 38.74 ? 42  GLU A OE2 1 
ATOM   349  N N   . GLY A 1 43  ? 0.193   -8.771  -5.395  1.00 17.15 ? 43  GLY A N   1 
ATOM   350  C CA  . GLY A 1 43  ? -0.190  -7.991  -6.565  1.00 12.25 ? 43  GLY A CA  1 
ATOM   351  C C   . GLY A 1 43  ? 0.952   -7.145  -7.124  1.00 9.54  ? 43  GLY A C   1 
ATOM   352  O O   . GLY A 1 43  ? 2.129   -7.339  -6.837  1.00 9.91  ? 43  GLY A O   1 
ATOM   353  N N   . VAL A 1 44  ? 0.576   -6.191  -7.975  1.00 8.91  ? 44  VAL A N   1 
ATOM   354  C CA  . VAL A 1 44  ? 1.563   -5.398  -8.677  1.00 8.47  ? 44  VAL A CA  1 
ATOM   355  C C   . VAL A 1 44  ? 2.376   -4.555  -7.705  1.00 8.10  ? 44  VAL A C   1 
ATOM   356  O O   . VAL A 1 44  ? 3.529   -4.247  -8.001  1.00 8.04  ? 44  VAL A O   1 
ATOM   357  C CB  . VAL A 1 44  ? 0.844   -4.554  -9.757  1.00 9.39  ? 44  VAL A CB  1 
ATOM   358  C CG1 . VAL A 1 44  ? 1.829   -3.646  -10.497 1.00 9.50  ? 44  VAL A CG1 1 
ATOM   359  C CG2 . VAL A 1 44  ? 0.095   -5.487  -10.713 1.00 11.15 ? 44  VAL A CG2 1 
ATOM   360  N N   . ALA A 1 45  ? 1.732   -4.064  -6.623  1.00 7.64  ? 45  ALA A N   1 
ATOM   361  C CA  . ALA A 1 45  ? 2.500   -3.283  -5.638  1.00 7.67  ? 45  ALA A CA  1 
ATOM   362  C C   . ALA A 1 45  ? 3.659   -4.103  -5.076  1.00 7.65  ? 45  ALA A C   1 
ATOM   363  O O   . ALA A 1 45  ? 4.800   -3.609  -5.062  1.00 7.67  ? 45  ALA A O   1 
ATOM   364  C CB  . ALA A 1 45  ? 1.579   -2.703  -4.530  1.00 8.11  ? 45  ALA A CB  1 
ATOM   365  N N   . ALA A 1 46  ? 3.389   -5.349  -4.662  1.00 8.55  ? 46  ALA A N   1 
ATOM   366  C CA  . ALA A 1 46  ? 4.438   -6.185  -4.069  1.00 9.11  ? 46  ALA A CA  1 
ATOM   367  C C   . ALA A 1 46  ? 5.505   -6.506  -5.093  1.00 9.73  ? 46  ALA A C   1 
ATOM   368  O O   . ALA A 1 46  ? 6.704   -6.410  -4.780  1.00 10.68 ? 46  ALA A O   1 
ATOM   369  C CB  . ALA A 1 46  ? 3.828   -7.449  -3.491  1.00 10.57 ? 46  ALA A CB  1 
ATOM   370  N N   . LYS A 1 47  ? 5.092   -6.835  -6.312  1.00 9.30  ? 47  LYS A N   1 
ATOM   371  C CA  . LYS A 1 47  ? 6.103   -7.166  -7.300  1.00 10.67 ? 47  LYS A CA  1 
ATOM   372  C C   . LYS A 1 47  ? 6.898   -5.943  -7.718  1.00 9.33  ? 47  LYS A C   1 
ATOM   373  O O   . LYS A 1 47  ? 8.056   -6.061  -8.120  1.00 10.69 ? 47  LYS A O   1 
ATOM   374  C CB  . LYS A 1 47  ? 5.422   -7.783  -8.521  1.00 12.10 ? 47  LYS A CB  1 
ATOM   375  C CG  . LYS A 1 47  ? 4.682   -9.090  -8.230  1.00 15.28 ? 47  LYS A CG  1 
ATOM   376  C CD  . LYS A 1 47  ? 5.640   -10.239 -7.910  1.00 16.59 ? 47  LYS A CD  1 
ATOM   377  C CE  . LYS A 1 47  ? 4.924   -11.578 -7.867  1.00 22.08 ? 47  LYS A CE  1 
ATOM   378  N NZ  . LYS A 1 47  ? 5.883   -12.690 -7.660  1.00 25.86 ? 47  LYS A NZ  1 
ATOM   379  N N   . SER A 1 48  ? 6.301   -4.741  -7.650  1.00 8.69  ? 48  SER A N   1 
ATOM   380  C CA  A SER A 1 48  ? 7.018   -3.514  -7.987  0.50 9.37  ? 48  SER A CA  1 
ATOM   381  C CA  B SER A 1 48  ? 7.012   -3.513  -7.982  0.50 8.04  ? 48  SER A CA  1 
ATOM   382  C C   . SER A 1 48  ? 8.108   -3.245  -6.955  1.00 8.96  ? 48  SER A C   1 
ATOM   383  O O   . SER A 1 48  ? 9.218   -2.871  -7.320  1.00 10.03 ? 48  SER A O   1 
ATOM   384  C CB  A SER A 1 48  ? 6.097   -2.318  -8.131  0.50 10.99 ? 48  SER A CB  1 
ATOM   385  C CB  B SER A 1 48  ? 6.053   -2.359  -8.085  0.50 7.55  ? 48  SER A CB  1 
ATOM   386  O OG  A SER A 1 48  ? 5.615   -1.871  -6.878  0.50 14.18 ? 48  SER A OG  1 
ATOM   387  O OG  B SER A 1 48  ? 5.238   -2.541  -9.238  0.50 5.78  ? 48  SER A OG  1 
ATOM   388  N N   . LEU A 1 49  ? 7.778   -3.438  -5.677  1.00 8.91  ? 49  LEU A N   1 
ATOM   389  C CA  . LEU A 1 49  ? 8.782   -3.208  -4.658  1.00 8.87  ? 49  LEU A CA  1 
ATOM   390  C C   . LEU A 1 49  ? 9.891   -4.265  -4.823  1.00 8.76  ? 49  LEU A C   1 
ATOM   391  O O   . LEU A 1 49  ? 11.075  -3.896  -4.792  1.00 9.13  ? 49  LEU A O   1 
ATOM   392  C CB  . LEU A 1 49  ? 8.158   -3.289  -3.250  1.00 8.89  ? 49  LEU A CB  1 
ATOM   393  C CG  . LEU A 1 49  ? 7.289   -2.114  -2.818  1.00 9.81  ? 49  LEU A CG  1 
ATOM   394  C CD1 . LEU A 1 49  ? 6.637   -2.408  -1.469  1.00 11.19 ? 49  LEU A CD1 1 
ATOM   395  C CD2 . LEU A 1 49  ? 8.079   -0.789  -2.890  1.00 10.76 ? 49  LEU A CD2 1 
ATOM   396  N N   . GLU A 1 50  ? 9.516   -5.544  -5.033  1.00 9.21  ? 50  GLU A N   1 
ATOM   397  C CA  . GLU A 1 50  ? 10.564  -6.562  -5.149  1.00 10.79 ? 50  GLU A CA  1 
ATOM   398  C C   . GLU A 1 50  ? 11.432  -6.323  -6.381  1.00 10.20 ? 50  GLU A C   1 
ATOM   399  O O   . GLU A 1 50  ? 12.680  -6.516  -6.274  1.00 11.02 ? 50  GLU A O   1 
ATOM   400  C CB  . GLU A 1 50  ? 10.009  -7.973  -5.117  1.00 12.47 ? 50  GLU A CB  1 
ATOM   401  C CG  . GLU A 1 50  ? 9.379   -8.296  -3.787  1.00 17.10 ? 50  GLU A CG  1 
ATOM   402  C CD  . GLU A 1 50  ? 8.469   -9.511  -3.862  1.00 25.16 ? 50  GLU A CD  1 
ATOM   403  O OE1 . GLU A 1 50  ? 7.311   -9.381  -3.417  1.00 36.97 ? 50  GLU A OE1 1 
ATOM   404  O OE2 . GLU A 1 50  ? 8.893   -10.561 -4.406  1.00 35.95 ? 50  GLU A OE2 1 
ATOM   405  N N   . SER A 1 51  ? 10.830  -5.814  -7.471  1.00 10.33 ? 51  SER A N   1 
ATOM   406  C CA  . SER A 1 51  ? 11.630  -5.608  -8.673  1.00 12.38 ? 51  SER A CA  1 
ATOM   407  C C   . SER A 1 51  ? 12.561  -4.396  -8.480  1.00 11.72 ? 51  SER A C   1 
ATOM   408  O O   . SER A 1 51  ? 13.581  -4.286  -9.164  1.00 13.71 ? 51  SER A O   1 
ATOM   409  C CB  . SER A 1 51  ? 10.694  -5.522  -9.870  1.00 16.76 ? 51  SER A CB  1 
ATOM   410  O OG  . SER A 1 51  ? 10.126  -4.241  -9.910  1.00 25.44 ? 51  SER A OG  1 
ATOM   411  N N   . LEU A 1 52  ? 12.293  -3.522  -7.485  1.00 11.52 ? 52  LEU A N   1 
ATOM   412  C CA  . LEU A 1 52  ? 13.145  -2.372  -7.169  1.00 11.41 ? 52  LEU A CA  1 
ATOM   413  C C   . LEU A 1 52  ? 14.172  -2.688  -6.062  1.00 11.73 ? 52  LEU A C   1 
ATOM   414  O O   . LEU A 1 52  ? 14.886  -1.803  -5.556  1.00 13.87 ? 52  LEU A O   1 
ATOM   415  C CB  . LEU A 1 52  ? 12.272  -1.182  -6.738  1.00 11.69 ? 52  LEU A CB  1 
ATOM   416  C CG  . LEU A 1 52  ? 11.436  -0.574  -7.870  1.00 11.28 ? 52  LEU A CG  1 
ATOM   417  C CD1 . LEU A 1 52  ? 10.391  0.390   -7.340  1.00 13.35 ? 52  LEU A CD1 1 
ATOM   418  C CD2 . LEU A 1 52  ? 12.294  0.054   -8.956  1.00 12.70 ? 52  LEU A CD2 1 
ATOM   419  N N   . GLY A 1 53  ? 14.226  -3.952  -5.654  1.00 10.97 ? 53  GLY A N   1 
ATOM   420  C CA  . GLY A 1 53  ? 15.224  -4.400  -4.695  1.00 12.07 ? 53  GLY A CA  1 
ATOM   421  C C   . GLY A 1 53  ? 14.847  -4.000  -3.272  1.00 12.06 ? 53  GLY A C   1 
ATOM   422  O O   . GLY A 1 53  ? 15.729  -3.766  -2.446  1.00 14.27 ? 53  GLY A O   1 
ATOM   423  N N   . ILE A 1 54  ? 13.541  -3.973  -2.973  1.00 10.43 ? 54  ILE A N   1 
ATOM   424  C CA  . ILE A 1 54  ? 13.047  -3.740  -1.626  1.00 10.22 ? 54  ILE A CA  1 
ATOM   425  C C   . ILE A 1 54  ? 12.245  -4.960  -1.221  1.00 12.50 ? 54  ILE A C   1 
ATOM   426  O O   . ILE A 1 54  ? 11.417  -5.418  -2.013  1.00 13.04 ? 54  ILE A O   1 
ATOM   427  C CB  . ILE A 1 54  ? 12.121  -2.508  -1.623  1.00 9.09  ? 54  ILE A CB  1 
ATOM   428  C CG1 . ILE A 1 54  ? 12.927  -1.287  -2.073  1.00 10.05 ? 54  ILE A CG1 1 
ATOM   429  C CG2 . ILE A 1 54  ? 11.466  -2.330  -0.256  1.00 10.81 ? 54  ILE A CG2 1 
ATOM   430  C CD1 . ILE A 1 54  ? 12.120  -0.022  -2.300  1.00 10.17 ? 54  ILE A CD1 1 
ATOM   431  N N   . SER A 1 55  ? 12.484  -5.499  -0.021  1.00 9.93  ? 55  SER A N   1 
ATOM   432  C CA  . SER A 1 55  ? 11.747  -6.677  0.386   1.00 10.08 ? 55  SER A CA  1 
ATOM   433  C C   . SER A 1 55  ? 10.563  -6.336  1.272   1.00 9.88  ? 55  SER A C   1 
ATOM   434  O O   . SER A 1 55  ? 10.591  -5.377  2.050   1.00 9.04  ? 55  SER A O   1 
ATOM   435  C CB  . SER A 1 55  ? 12.635  -7.713  1.046   1.00 13.91 ? 55  SER A CB  1 
ATOM   436  O OG  . SER A 1 55  ? 12.839  -7.435  2.408   1.00 16.28 ? 55  SER A OG  1 
ATOM   437  N N   . LEU A 1 56  ? 9.537   -7.169  1.161   1.00 10.19 ? 56  LEU A N   1 
ATOM   438  C CA  . LEU A 1 56  ? 8.355   -7.052  1.985   1.00 10.12 ? 56  LEU A CA  1 
ATOM   439  C C   . LEU A 1 56  ? 8.702   -7.247  3.454   1.00 9.47  ? 56  LEU A C   1 
ATOM   440  O O   . LEU A 1 56  ? 8.187   -6.480  4.287   1.00 9.45  ? 56  LEU A O   1 
ATOM   441  C CB  . LEU A 1 56  ? 7.291   -8.055  1.540   1.00 11.92 ? 56  LEU A CB  1 
ATOM   442  C CG  . LEU A 1 56  ? 6.967   -8.050  0.053   1.00 15.04 ? 56  LEU A CG  1 
ATOM   443  C CD1 . LEU A 1 56  ? 5.786   -8.968  -0.195  1.00 16.13 ? 56  LEU A CD1 1 
ATOM   444  C CD2 . LEU A 1 56  ? 6.669   -6.662  -0.476  1.00 15.84 ? 56  LEU A CD2 1 
ATOM   445  N N   . GLU A 1 57  ? 9.596   -8.209  3.768   1.00 10.53 ? 57  GLU A N   1 
ATOM   446  C CA  . GLU A 1 57  ? 9.895   -8.496  5.160   1.00 11.80 ? 57  GLU A CA  1 
ATOM   447  C C   . GLU A 1 57  ? 10.699  -7.322  5.728   1.00 9.15  ? 57  GLU A C   1 
ATOM   448  O O   . GLU A 1 57  ? 10.467  -6.917  6.889   1.00 9.77  ? 57  GLU A O   1 
ATOM   449  C CB  . GLU A 1 57  ? 10.588  -9.858  5.299   1.00 15.72 ? 57  GLU A CB  1 
ATOM   450  C CG  . GLU A 1 57  ? 11.946  -9.895  4.609   1.00 22.95 ? 57  GLU A CG  1 
ATOM   451  C CD  . GLU A 1 57  ? 12.639  -11.214 4.257   1.00 31.64 ? 57  GLU A CD  1 
ATOM   452  O OE1 . GLU A 1 57  ? 12.851  -12.079 5.187   1.00 35.45 ? 57  GLU A OE1 1 
ATOM   453  O OE2 . GLU A 1 57  ? 13.025  -11.359 3.055   1.00 30.69 ? 57  GLU A OE2 1 
ATOM   454  N N   . GLY A 1 58  ? 11.502  -6.685  4.878   1.00 7.56  ? 58  GLY A N   1 
ATOM   455  C CA  . GLY A 1 58  ? 12.331  -5.579  5.355   1.00 8.15  ? 58  GLY A CA  1 
ATOM   456  C C   . GLY A 1 58  ? 11.476  -4.346  5.628   1.00 7.77  ? 58  GLY A C   1 
ATOM   457  O O   . GLY A 1 58  ? 11.667  -3.679  6.642   1.00 7.60  ? 58  GLY A O   1 
ATOM   458  N N   . VAL A 1 59  ? 10.517  -4.068  4.724   1.00 7.57  ? 59  VAL A N   1 
ATOM   459  C CA  . VAL A 1 59  ? 9.556   -2.977  4.970   1.00 8.23  ? 59  VAL A CA  1 
ATOM   460  C C   . VAL A 1 59  ? 8.786   -3.255  6.272   1.00 7.47  ? 59  VAL A C   1 
ATOM   461  O O   . VAL A 1 59  ? 8.615   -2.355  7.089   1.00 7.89  ? 59  VAL A O   1 
ATOM   462  C CB  . VAL A 1 59  ? 8.613   -2.829  3.758   1.00 8.02  ? 59  VAL A CB  1 
ATOM   463  C CG1 . VAL A 1 59  ? 7.490   -1.832  4.049   1.00 8.97  ? 59  VAL A CG1 1 
ATOM   464  C CG2 . VAL A 1 59  ? 9.451   -2.350  2.574   1.00 8.49  ? 59  VAL A CG2 1 
ATOM   465  N N   . ARG A 1 60  ? 8.309   -4.494  6.428   1.00 7.54  ? 60  ARG A N   1 
ATOM   466  C CA  . ARG A 1 60  ? 7.515   -4.895  7.621   1.00 8.06  ? 60  ARG A CA  1 
ATOM   467  C C   . ARG A 1 60  ? 8.317   -4.637  8.902   1.00 8.45  ? 60  ARG A C   1 
ATOM   468  O O   . ARG A 1 60  ? 7.711   -4.194  9.899   1.00 8.42  ? 60  ARG A O   1 
ATOM   469  C CB  . ARG A 1 60  ? 7.105   -6.368  7.522   1.00 9.14  ? 60  ARG A CB  1 
ATOM   470  C CG  . ARG A 1 60  ? 6.336   -6.882  8.730   1.00 10.25 ? 60  ARG A CG  1 
ATOM   471  C CD  . ARG A 1 60  ? 5.805   -8.288  8.525   1.00 12.52 ? 60  ARG A CD  1 
ATOM   472  N NE  . ARG A 1 60  ? 4.492   -8.300  7.895   1.00 13.14 ? 60  ARG A NE  1 
ATOM   473  C CZ  . ARG A 1 60  ? 3.387   -7.818  8.451   1.00 13.15 ? 60  ARG A CZ  1 
ATOM   474  N NH1 . ARG A 1 60  ? 3.433   -7.279  9.658   1.00 11.98 ? 60  ARG A NH1 1 
ATOM   475  N NH2 . ARG A 1 60  ? 2.240   -7.874  7.799   1.00 15.54 ? 60  ARG A NH2 1 
ATOM   476  N N   . SER A 1 61  ? 9.626   -4.904  8.870   1.00 8.25  ? 61  SER A N   1 
ATOM   477  C CA  . SER A 1 61  ? 10.486  -4.720  10.030  1.00 9.06  ? 61  SER A CA  1 
ATOM   478  C C   . SER A 1 61  ? 10.661  -3.243  10.332  1.00 8.45  ? 61  SER A C   1 
ATOM   479  O O   . SER A 1 61  ? 10.576  -2.830  11.514  1.00 8.58  ? 61  SER A O   1 
ATOM   480  C CB  . SER A 1 61  ? 11.820  -5.386  9.760   1.00 10.73 ? 61  SER A CB  1 
ATOM   481  O OG  . SER A 1 61  ? 11.589  -6.806  9.744   1.00 15.33 ? 61  SER A OG  1 
ATOM   482  N N   . GLN A 1 62  ? 10.880  -2.461  9.292   1.00 8.32  ? 62  GLN A N   1 
ATOM   483  C CA  . GLN A 1 62  ? 11.150  -1.031  9.494   1.00 8.14  ? 62  GLN A CA  1 
ATOM   484  C C   . GLN A 1 62  ? 9.897   -0.288  9.976   1.00 8.64  ? 62  GLN A C   1 
ATOM   485  O O   . GLN A 1 62  ? 9.980   0.612   10.822  1.00 10.65 ? 62  GLN A O   1 
ATOM   486  C CB  . GLN A 1 62  ? 11.739  -0.346  8.243   1.00 9.07  ? 62  GLN A CB  1 
ATOM   487  C CG  . GLN A 1 62  ? 13.110  -0.892  7.813   1.00 9.34  ? 62  GLN A CG  1 
ATOM   488  C CD  . GLN A 1 62  ? 14.107  -0.670  8.927   1.00 10.75 ? 62  GLN A CD  1 
ATOM   489  O OE1 . GLN A 1 62  ? 14.068  0.318   9.674   1.00 12.38 ? 62  GLN A OE1 1 
ATOM   490  N NE2 . GLN A 1 62  ? 15.034  -1.598  9.068   1.00 12.77 ? 62  GLN A NE2 1 
ATOM   491  N N   . VAL A 1 63  ? 8.696   -0.709  9.532   1.00 7.13  ? 63  VAL A N   1 
ATOM   492  C CA  . VAL A 1 63  ? 7.473   -0.076  10.020  1.00 7.49  ? 63  VAL A CA  1 
ATOM   493  C C   . VAL A 1 63  ? 7.241   -0.438  11.486  1.00 7.36  ? 63  VAL A C   1 
ATOM   494  O O   . VAL A 1 63  ? 6.902   0.430   12.303  1.00 7.79  ? 63  VAL A O   1 
ATOM   495  C CB  . VAL A 1 63  ? 6.266   -0.523  9.157   1.00 6.21  ? 63  VAL A CB  1 
ATOM   496  C CG1 . VAL A 1 63  ? 4.909   -0.094  9.775   1.00 6.87  ? 63  VAL A CG1 1 
ATOM   497  C CG2 . VAL A 1 63  ? 6.401   0.015   7.721   1.00 7.17  ? 63  VAL A CG2 1 
ATOM   498  N N   . GLU A 1 64  ? 7.338   -1.738  11.772  1.00 8.93  ? 64  GLU A N   1 
ATOM   499  C CA  . GLU A 1 64  ? 7.039   -2.258  13.107  1.00 9.45  ? 64  GLU A CA  1 
ATOM   500  C C   . GLU A 1 64  ? 7.963   -1.598  14.143  1.00 10.51 ? 64  GLU A C   1 
ATOM   501  O O   . GLU A 1 64  ? 7.539   -1.317  15.265  1.00 9.75  ? 64  GLU A O   1 
ATOM   502  C CB  . GLU A 1 64  ? 7.016   -3.786  13.134  1.00 11.22 ? 64  GLU A CB  1 
ATOM   503  C CG  . GLU A 1 64  ? 5.757   -4.322  12.472  1.00 12.17 ? 64  GLU A CG  1 
ATOM   504  C CD  . GLU A 1 64  ? 5.573   -5.839  12.534  1.00 18.28 ? 64  GLU A CD  1 
ATOM   505  O OE1 . GLU A 1 64  ? 6.497   -6.546  13.059  1.00 22.21 ? 64  GLU A OE1 1 
ATOM   506  O OE2 . GLU A 1 64  ? 4.493   -6.330  12.011  1.00 18.56 ? 64  GLU A OE2 1 
ATOM   507  N N   . GLU A 1 65  ? 9.223   -1.363  13.776  1.00 9.92  ? 65  GLU A N   1 
ATOM   508  C CA  . GLU A 1 65  ? 10.142  -0.776  14.748  1.00 12.78 ? 65  GLU A CA  1 
ATOM   509  C C   . GLU A 1 65  ? 9.649   0.609   15.183  1.00 12.15 ? 65  GLU A C   1 
ATOM   510  O O   . GLU A 1 65  ? 9.836   1.001   16.345  1.00 13.66 ? 65  GLU A O   1 
ATOM   511  C CB  . GLU A 1 65  ? 11.589  -0.755  14.223  1.00 13.31 ? 65  GLU A CB  1 
ATOM   512  C CG  . GLU A 1 65  ? 12.584  -0.033  15.123  1.00 15.95 ? 65  GLU A CG  1 
ATOM   513  C CD  . GLU A 1 65  ? 12.939  -0.677  16.456  1.00 18.63 ? 65  GLU A CD  1 
ATOM   514  O OE1 . GLU A 1 65  ? 12.584  -1.868  16.683  1.00 21.58 ? 65  GLU A OE1 1 
ATOM   515  O OE2 . GLU A 1 65  ? 13.686  -0.010  17.232  1.00 17.95 ? 65  GLU A OE2 1 
ATOM   516  N N   . ILE A 1 66  ? 9.093   1.374   14.232  1.00 10.32 ? 66  ILE A N   1 
ATOM   517  C CA  . ILE A 1 66  ? 8.675   2.738   14.524  1.00 10.25 ? 66  ILE A CA  1 
ATOM   518  C C   . ILE A 1 66  ? 7.416   2.719   15.401  1.00 11.11 ? 66  ILE A C   1 
ATOM   519  O O   . ILE A 1 66  ? 7.272   3.566   16.307  1.00 12.56 ? 66  ILE A O   1 
ATOM   520  C CB  . ILE A 1 66  ? 8.461   3.580   13.230  1.00 9.77  ? 66  ILE A CB  1 
ATOM   521  C CG1 . ILE A 1 66  ? 9.817   3.829   12.533  1.00 9.73  ? 66  ILE A CG1 1 
ATOM   522  C CG2 . ILE A 1 66  ? 7.732   4.905   13.452  1.00 10.70 ? 66  ILE A CG2 1 
ATOM   523  C CD1 . ILE A 1 66  ? 9.666   4.341   11.123  1.00 10.92 ? 66  ILE A CD1 1 
ATOM   524  N N   . ILE A 1 67  ? 6.419   1.911   14.990  1.00 10.45 ? 67  ILE A N   1 
ATOM   525  C CA  . ILE A 1 67  ? 5.067   2.083   15.505  1.00 9.79  ? 67  ILE A CA  1 
ATOM   526  C C   . ILE A 1 67  ? 4.765   1.273   16.766  1.00 10.99 ? 67  ILE A C   1 
ATOM   527  O O   . ILE A 1 67  ? 3.770   1.599   17.419  1.00 10.37 ? 67  ILE A O   1 
ATOM   528  C CB  . ILE A 1 67  ? 3.985   1.816   14.426  1.00 9.81  ? 67  ILE A CB  1 
ATOM   529  C CG1 . ILE A 1 67  ? 3.886   0.325   14.091  1.00 8.63  ? 67  ILE A CG1 1 
ATOM   530  C CG2 . ILE A 1 67  ? 4.228   2.709   13.219  1.00 9.28  ? 67  ILE A CG2 1 
ATOM   531  C CD1 . ILE A 1 67  ? 2.791   -0.025  13.025  1.00 9.33  ? 67  ILE A CD1 1 
ATOM   532  N N   . GLY A 1 68  ? 5.630   0.302   17.127  1.00 11.38 ? 68  GLY A N   1 
ATOM   533  C CA  . GLY A 1 68  ? 5.471   -0.494  18.344  1.00 13.55 ? 68  GLY A CA  1 
ATOM   534  C C   . GLY A 1 68  ? 4.084   -1.140  18.460  1.00 15.60 ? 68  GLY A C   1 
ATOM   535  O O   . GLY A 1 68  ? 3.463   -1.518  17.470  1.00 13.75 ? 68  GLY A O   1 
ATOM   536  N N   . GLN A 1 69  ? 3.666   -1.414  19.700  1.00 18.21 ? 69  GLN A N   1 
ATOM   537  C CA  . GLN A 1 69  ? 2.373   -2.049  19.930  1.00 22.28 ? 69  GLN A CA  1 
ATOM   538  C C   . GLN A 1 69  ? 1.702   -1.412  21.134  1.00 23.81 ? 69  GLN A C   1 
ATOM   539  O O   . GLN A 1 69  ? 2.387   -1.074  22.092  1.00 24.93 ? 69  GLN A O   1 
ATOM   540  C CB  . GLN A 1 69  ? 2.455   -3.542  20.281  1.00 25.08 ? 69  GLN A CB  1 
ATOM   541  C CG  . GLN A 1 69  ? 3.749   -4.248  19.944  1.00 32.21 ? 69  GLN A CG  1 
ATOM   542  C CD  . GLN A 1 69  ? 3.532   -5.725  19.760  1.00 37.73 ? 69  GLN A CD  1 
ATOM   543  O OE1 . GLN A 1 69  ? 4.111   -6.342  18.872  1.00 37.36 ? 69  GLN A OE1 1 
ATOM   544  N NE2 . GLN A 1 69  ? 2.660   -6.296  20.573  1.00 38.37 ? 69  GLN A NE2 1 
ATOM   545  N N   . GLY A 1 70  ? 0.367   -1.328  21.100  1.00 21.36 ? 70  GLY A N   1 
ATOM   546  C CA  . GLY A 1 70  ? -0.446  -0.898  22.224  1.00 22.26 ? 70  GLY A CA  1 
ATOM   547  C C   . GLY A 1 70  ? -0.706  -2.016  23.239  1.00 24.82 ? 70  GLY A C   1 
ATOM   548  O O   . GLY A 1 70  ? -0.137  -3.108  23.174  1.00 23.62 ? 70  GLY A O   1 
ATOM   549  N N   . GLN A 1 71  ? -1.645  -1.735  24.142  1.00 30.22 ? 71  GLN A N   1 
ATOM   550  C CA  . GLN A 1 71  ? -2.027  -2.638  25.219  1.00 34.86 ? 71  GLN A CA  1 
ATOM   551  C C   . GLN A 1 71  ? -3.162  -3.545  24.754  1.00 32.27 ? 71  GLN A C   1 
ATOM   552  O O   . GLN A 1 71  ? -4.068  -3.072  24.081  1.00 34.20 ? 71  GLN A O   1 
ATOM   553  C CB  . GLN A 1 71  ? -2.526  -1.822  26.415  1.00 39.58 ? 71  GLN A CB  1 
ATOM   554  C CG  . GLN A 1 71  ? -2.101  -2.422  27.744  1.00 48.82 ? 71  GLN A CG  1 
ATOM   555  C CD  . GLN A 1 71  ? -0.599  -2.364  27.893  1.00 54.43 ? 71  GLN A CD  1 
ATOM   556  O OE1 . GLN A 1 71  ? 0.145   -3.155  27.314  1.00 56.62 ? 71  GLN A OE1 1 
ATOM   557  N NE2 . GLN A 1 71  ? -0.140  -1.416  28.691  1.00 57.93 ? 71  GLN A NE2 1 
ATOM   558  N N   . GLN A 1 72  ? -3.105  -4.828  25.145  1.00 35.62 ? 72  GLN A N   1 
ATOM   559  C CA  . GLN A 1 72  ? -4.189  -5.766  24.877  1.00 39.37 ? 72  GLN A CA  1 
ATOM   560  C C   . GLN A 1 72  ? -5.518  -5.036  25.048  1.00 37.81 ? 72  GLN A C   1 
ATOM   561  O O   . GLN A 1 72  ? -5.763  -4.443  26.099  1.00 35.38 ? 72  GLN A O   1 
ATOM   562  C CB  . GLN A 1 72  ? -4.077  -7.012  25.760  1.00 44.67 ? 72  GLN A CB  1 
ATOM   563  C CG  . GLN A 1 72  ? -4.695  -8.259  25.140  1.00 50.34 ? 72  GLN A CG  1 
ATOM   564  C CD  . GLN A 1 72  ? -4.046  -8.668  23.837  1.00 56.21 ? 72  GLN A CD  1 
ATOM   565  O OE1 . GLN A 1 72  ? -4.693  -9.232  22.955  1.00 61.18 ? 72  GLN A OE1 1 
ATOM   566  N NE2 . GLN A 1 72  ? -2.758  -8.383  23.699  1.00 55.88 ? 72  GLN A NE2 1 
ATOM   567  N N   . ALA A 1 73  ? -6.338  -5.057  23.982  1.00 35.79 ? 73  ALA A N   1 
ATOM   568  C CA  . ALA A 1 73  ? -7.597  -4.328  23.923  1.00 30.51 ? 73  ALA A CA  1 
ATOM   569  C C   . ALA A 1 73  ? -8.658  -5.222  23.280  1.00 28.11 ? 73  ALA A C   1 
ATOM   570  O O   . ALA A 1 73  ? -8.312  -6.024  22.422  1.00 25.74 ? 73  ALA A O   1 
ATOM   571  C CB  . ALA A 1 73  ? -7.392  -3.057  23.122  1.00 34.23 ? 73  ALA A CB  1 
ATOM   572  N N   . PRO A 1 74  ? -9.965  -5.125  23.649  1.00 26.77 ? 74  PRO A N   1 
ATOM   573  C CA  . PRO A 1 74  ? -11.028 -5.807  22.889  1.00 26.18 ? 74  PRO A CA  1 
ATOM   574  C C   . PRO A 1 74  ? -10.977 -5.405  21.414  1.00 25.88 ? 74  PRO A C   1 
ATOM   575  O O   . PRO A 1 74  ? -10.562 -4.290  21.068  1.00 27.00 ? 74  PRO A O   1 
ATOM   576  C CB  . PRO A 1 74  ? -12.356 -5.290  23.480  1.00 27.74 ? 74  PRO A CB  1 
ATOM   577  C CG  . PRO A 1 74  ? -11.960 -4.145  24.417  1.00 32.57 ? 74  PRO A CG  1 
ATOM   578  C CD  . PRO A 1 74  ? -10.505 -4.367  24.784  1.00 29.55 ? 74  PRO A CD  1 
ATOM   579  N N   . SER A 1 75  ? -11.370 -6.337  20.551  1.00 19.90 ? 75  SER A N   1 
ATOM   580  C CA  . SER A 1 75  ? -11.497 -6.053  19.138  1.00 18.42 ? 75  SER A CA  1 
ATOM   581  C C   . SER A 1 75  ? -12.792 -5.264  18.902  1.00 20.28 ? 75  SER A C   1 
ATOM   582  O O   . SER A 1 75  ? -13.747 -5.310  19.680  1.00 21.28 ? 75  SER A O   1 
ATOM   583  C CB  . SER A 1 75  ? -11.422 -7.363  18.341  1.00 17.29 ? 75  SER A CB  1 
ATOM   584  O OG  . SER A 1 75  ? -12.415 -8.277  18.805  1.00 14.91 ? 75  SER A OG  1 
ATOM   585  N N   . GLY A 1 76  ? -12.817 -4.519  17.794  1.00 21.69 ? 76  GLY A N   1 
ATOM   586  C CA  . GLY A 1 76  ? -14.033 -3.833  17.405  1.00 19.97 ? 76  GLY A CA  1 
ATOM   587  C C   . GLY A 1 76  ? -13.740 -2.861  16.272  1.00 23.01 ? 76  GLY A C   1 
ATOM   588  O O   . GLY A 1 76  ? -13.023 -3.188  15.328  1.00 21.14 ? 76  GLY A O   1 
ATOM   589  N N   . HIS A 1 77  ? -14.409 -1.707  16.292  1.00 20.18 ? 77  HIS A N   1 
ATOM   590  C CA  . HIS A 1 77  ? -14.271 -0.736  15.171  1.00 23.17 ? 77  HIS A CA  1 
ATOM   591  C C   . HIS A 1 77  ? -13.070 0.189   15.380  1.00 18.87 ? 77  HIS A C   1 
ATOM   592  O O   . HIS A 1 77  ? -13.058 0.914   16.395  1.00 23.97 ? 77  HIS A O   1 
ATOM   593  C CB  . HIS A 1 77  ? -15.576 0.052   14.984  1.00 28.16 ? 77  HIS A CB  1 
ATOM   594  C CG  . HIS A 1 77  ? -16.284 -0.255  13.708  1.00 37.04 ? 77  HIS A CG  1 
ATOM   595  N ND1 . HIS A 1 77  ? -17.408 -1.057  13.660  1.00 44.50 ? 77  HIS A ND1 1 
ATOM   596  C CD2 . HIS A 1 77  ? -16.037 0.127   12.436  1.00 37.57 ? 77  HIS A CD2 1 
ATOM   597  C CE1 . HIS A 1 77  ? -17.823 -1.157  12.413  1.00 46.44 ? 77  HIS A CE1 1 
ATOM   598  N NE2 . HIS A 1 77  ? -16.997 -0.438  11.642  1.00 46.60 ? 77  HIS A NE2 1 
ATOM   599  N N   . ILE A 1 78  ? -12.101 0.164   14.457  1.00 15.54 ? 78  ILE A N   1 
ATOM   600  C CA  . ILE A 1 78  ? -10.974 1.074   14.595  1.00 14.53 ? 78  ILE A CA  1 
ATOM   601  C C   . ILE A 1 78  ? -11.096 2.149   13.525  1.00 11.37 ? 78  ILE A C   1 
ATOM   602  O O   . ILE A 1 78  ? -11.179 1.857   12.345  1.00 12.27 ? 78  ILE A O   1 
ATOM   603  C CB  . ILE A 1 78  ? -9.614  0.351   14.505  1.00 12.50 ? 78  ILE A CB  1 
ATOM   604  C CG1 . ILE A 1 78  ? -9.595  -0.884  15.418  1.00 14.30 ? 78  ILE A CG1 1 
ATOM   605  C CG2 . ILE A 1 78  ? -8.453  1.281   14.848  1.00 13.95 ? 78  ILE A CG2 1 
ATOM   606  C CD1 . ILE A 1 78  ? -8.361  -1.744  15.219  1.00 16.40 ? 78  ILE A CD1 1 
ATOM   607  N N   . PRO A 1 79  ? -11.059 3.417   13.925  1.00 10.40 ? 79  PRO A N   1 
ATOM   608  C CA  . PRO A 1 79  ? -11.233 4.486   12.940  1.00 9.57  ? 79  PRO A CA  1 
ATOM   609  C C   . PRO A 1 79  ? -9.951  4.709   12.128  1.00 8.82  ? 79  PRO A C   1 
ATOM   610  O O   . PRO A 1 79  ? -8.836  4.730   12.680  1.00 9.66  ? 79  PRO A O   1 
ATOM   611  C CB  . PRO A 1 79  ? -11.527 5.713   13.830  1.00 9.54  ? 79  PRO A CB  1 
ATOM   612  C CG  . PRO A 1 79  ? -10.868 5.382   15.199  1.00 10.18 ? 79  PRO A CG  1 
ATOM   613  C CD  . PRO A 1 79  ? -10.922 3.869   15.317  1.00 10.25 ? 79  PRO A CD  1 
ATOM   614  N N   . PHE A 1 80  ? -10.121 4.955   10.836  1.00 8.06  ? 80  PHE A N   1 
ATOM   615  C CA  . PHE A 1 80  ? -9.013  5.437   10.018  1.00 7.92  ? 80  PHE A CA  1 
ATOM   616  C C   . PHE A 1 80  ? -8.612  6.865   10.399  1.00 8.10  ? 80  PHE A C   1 
ATOM   617  O O   . PHE A 1 80  ? -9.467  7.672   10.733  1.00 9.02  ? 80  PHE A O   1 
ATOM   618  C CB  . PHE A 1 80  ? -9.420  5.447   8.541   1.00 8.12  ? 80  PHE A CB  1 
ATOM   619  C CG  . PHE A 1 80  ? -9.554  4.067   7.915   1.00 9.24  ? 80  PHE A CG  1 
ATOM   620  C CD1 . PHE A 1 80  ? -8.480  3.483   7.281   1.00 10.56 ? 80  PHE A CD1 1 
ATOM   621  C CD2 . PHE A 1 80  ? -10.734 3.342   7.965   1.00 11.27 ? 80  PHE A CD2 1 
ATOM   622  C CE1 . PHE A 1 80  ? -8.569  2.221   6.709   1.00 10.38 ? 80  PHE A CE1 1 
ATOM   623  C CE2 . PHE A 1 80  ? -10.826 2.060   7.444   1.00 11.76 ? 80  PHE A CE2 1 
ATOM   624  C CZ  . PHE A 1 80  ? -9.747  1.504   6.793   1.00 11.54 ? 80  PHE A CZ  1 
ATOM   625  N N   . THR A 1 81  ? -7.334  7.185   10.266  1.00 7.29  ? 81  THR A N   1 
ATOM   626  C CA  . THR A 1 81  ? -6.857  8.535   10.511  1.00 7.66  ? 81  THR A CA  1 
ATOM   627  C C   . THR A 1 81  ? -7.077  9.375   9.269   1.00 7.87  ? 81  THR A C   1 
ATOM   628  O O   . THR A 1 81  ? -7.301  8.876   8.149   1.00 6.46  ? 81  THR A O   1 
ATOM   629  C CB  . THR A 1 81  ? -5.357  8.495   10.796  1.00 7.80  ? 81  THR A CB  1 
ATOM   630  O OG1 . THR A 1 81  ? -4.681  8.090   9.597   1.00 8.82  ? 81  THR A OG1 1 
ATOM   631  C CG2 . THR A 1 81  ? -4.982  7.618   11.960  1.00 7.79  ? 81  THR A CG2 1 
ATOM   632  N N   . PRO A 1 82  ? -7.058  10.703  9.383   1.00 7.59  ? 82  PRO A N   1 
ATOM   633  C CA  . PRO A 1 82  ? -7.158  11.531  8.197   1.00 8.53  ? 82  PRO A CA  1 
ATOM   634  C C   . PRO A 1 82  ? -6.065  11.233  7.170   1.00 7.99  ? 82  PRO A C   1 
ATOM   635  O O   . PRO A 1 82  ? -6.382  11.321  5.993   1.00 9.26  ? 82  PRO A O   1 
ATOM   636  C CB  . PRO A 1 82  ? -7.070  12.981  8.720   1.00 9.83  ? 82  PRO A CB  1 
ATOM   637  C CG  . PRO A 1 82  ? -7.623  12.814  10.132  1.00 8.40  ? 82  PRO A CG  1 
ATOM   638  C CD  . PRO A 1 82  ? -7.126  11.478  10.654  1.00 9.59  ? 82  PRO A CD  1 
ATOM   639  N N   . ARG A 1 83  ? -4.806  11.008  7.604   1.00 8.13  ? 83  ARG A N   1 
ATOM   640  C CA  . ARG A 1 83  ? -3.783  10.763  6.581   1.00 9.05  ? 83  ARG A CA  1 
ATOM   641  C C   . ARG A 1 83  ? -4.053  9.408   5.911   1.00 8.33  ? 83  ARG A C   1 
ATOM   642  O O   . ARG A 1 83  ? -3.711  9.255   4.741   1.00 8.02  ? 83  ARG A O   1 
ATOM   643  C CB  . ARG A 1 83  ? -2.349  10.728  7.131   1.00 11.64 ? 83  ARG A CB  1 
ATOM   644  C CG  . ARG A 1 83  ? -1.849  11.964  7.877   1.00 18.87 ? 83  ARG A CG  1 
ATOM   645  C CD  . ARG A 1 83  ? -0.342  11.787  8.108   1.00 23.61 ? 83  ARG A CD  1 
ATOM   646  N NE  . ARG A 1 83  ? 0.316   13.086  8.162   1.00 35.93 ? 83  ARG A NE  1 
ATOM   647  C CZ  . ARG A 1 83  ? 0.698   13.703  9.269   1.00 38.44 ? 83  ARG A CZ  1 
ATOM   648  N NH1 . ARG A 1 83  ? 1.273   14.890  9.202   1.00 44.45 ? 83  ARG A NH1 1 
ATOM   649  N NH2 . ARG A 1 83  ? 0.523   13.117  10.438  1.00 45.63 ? 83  ARG A NH2 1 
ATOM   650  N N   . ALA A 1 84  ? -4.634  8.425   6.644   1.00 6.93  ? 84  ALA A N   1 
ATOM   651  C CA  . ALA A 1 84  ? -4.990  7.146   5.970   1.00 6.20  ? 84  ALA A CA  1 
ATOM   652  C C   . ALA A 1 84  ? -6.045  7.402   4.892   1.00 6.61  ? 84  ALA A C   1 
ATOM   653  O O   . ALA A 1 84  ? -5.967  6.843   3.776   1.00 6.29  ? 84  ALA A O   1 
ATOM   654  C CB  . ALA A 1 84  ? -5.475  6.107   6.992   1.00 6.84  ? 84  ALA A CB  1 
ATOM   655  N N   . LYS A 1 85  ? -7.072  8.217   5.224   1.00 7.15  ? 85  LYS A N   1 
ATOM   656  C CA  . LYS A 1 85  ? -8.103  8.581   4.246   1.00 8.32  ? 85  LYS A CA  1 
ATOM   657  C C   . LYS A 1 85  ? -7.437  9.278   3.059   1.00 8.13  ? 85  LYS A C   1 
ATOM   658  O O   . LYS A 1 85  ? -7.762  9.041   1.915   1.00 8.44  ? 85  LYS A O   1 
ATOM   659  C CB  . LYS A 1 85  ? -9.197  9.465   4.872   1.00 9.10  ? 85  LYS A CB  1 
ATOM   660  C CG  . LYS A 1 85  ? -10.366 9.783   3.926   1.00 10.82 ? 85  LYS A CG  1 
ATOM   661  C CD  . LYS A 1 85  ? -11.522 10.402  4.657   1.00 11.80 ? 85  LYS A CD  1 
ATOM   662  C CE  . LYS A 1 85  ? -12.613 10.841  3.706   1.00 13.45 ? 85  LYS A CE  1 
ATOM   663  N NZ  . LYS A 1 85  ? -13.718 11.543  4.427   1.00 14.27 ? 85  LYS A NZ  1 
ATOM   664  N N   . LYS A 1 86  ? -6.461  10.149  3.338   1.00 8.54  ? 86  LYS A N   1 
ATOM   665  C CA  . LYS A 1 86  ? -5.805  10.836  2.230   1.00 9.37  ? 86  LYS A CA  1 
ATOM   666  C C   . LYS A 1 86  ? -5.026  9.851   1.343   1.00 8.10  ? 86  LYS A C   1 
ATOM   667  O O   . LYS A 1 86  ? -5.056  10.044  0.127   1.00 9.57  ? 86  LYS A O   1 
ATOM   668  C CB  . LYS A 1 86  ? -4.882  11.947  2.757   1.00 11.18 ? 86  LYS A CB  1 
ATOM   669  C CG  . LYS A 1 86  ? -4.126  12.688  1.642   1.00 14.40 ? 86  LYS A CG  1 
ATOM   670  C CD  . LYS A 1 86  ? -3.294  13.840  2.115   1.00 22.07 ? 86  LYS A CD  1 
ATOM   671  C CE  . LYS A 1 86  ? -3.011  14.806  0.975   1.00 26.65 ? 86  LYS A CE  1 
ATOM   672  N NZ  . LYS A 1 86  ? -1.726  15.529  1.177   1.00 33.05 ? 86  LYS A NZ  1 
ATOM   673  N N   . VAL A 1 87  ? -4.371  8.826   1.922   1.00 7.05  ? 87  VAL A N   1 
ATOM   674  C CA  . VAL A 1 87  ? -3.717  7.808   1.093   1.00 6.84  ? 87  VAL A CA  1 
ATOM   675  C C   . VAL A 1 87  ? -4.731  7.242   0.099   1.00 6.50  ? 87  VAL A C   1 
ATOM   676  O O   . VAL A 1 87  ? -4.380  6.993   -1.067  1.00 6.85  ? 87  VAL A O   1 
ATOM   677  C CB  . VAL A 1 87  ? -3.121  6.673   1.963   1.00 6.81  ? 87  VAL A CB  1 
ATOM   678  C CG1 . VAL A 1 87  ? -2.766  5.442   1.114   1.00 7.27  ? 87  VAL A CG1 1 
ATOM   679  C CG2 . VAL A 1 87  ? -1.902  7.120   2.729   1.00 7.36  ? 87  VAL A CG2 1 
ATOM   680  N N   . LEU A 1 88  ? -5.921  6.879   0.596   1.00 7.75  ? 88  LEU A N   1 
ATOM   681  C CA  . LEU A 1 88  ? -6.902  6.257   -0.290  1.00 8.32  ? 88  LEU A CA  1 
ATOM   682  C C   . LEU A 1 88  ? -7.433  7.259   -1.336  1.00 9.57  ? 88  LEU A C   1 
ATOM   683  O O   . LEU A 1 88  ? -7.617  6.898   -2.506  1.00 10.44 ? 88  LEU A O   1 
ATOM   684  C CB  . LEU A 1 88  ? -7.999  5.654   0.599   1.00 9.57  ? 88  LEU A CB  1 
ATOM   685  C CG  . LEU A 1 88  ? -7.509  4.550   1.532   1.00 9.98  ? 88  LEU A CG  1 
ATOM   686  C CD1 . LEU A 1 88  ? -8.558  4.210   2.582   1.00 14.28 ? 88  LEU A CD1 1 
ATOM   687  C CD2 . LEU A 1 88  ? -7.011  3.320   0.797   1.00 11.99 ? 88  LEU A CD2 1 
ATOM   688  N N   . GLU A 1 89  ? -7.608  8.535   -0.989  1.00 9.49  ? 89  GLU A N   1 
ATOM   689  C CA  . GLU A 1 89  ? -7.958  9.526   -1.985  1.00 10.70 ? 89  GLU A CA  1 
ATOM   690  C C   . GLU A 1 89  ? -6.863  9.666   -3.049  1.00 9.58  ? 89  GLU A C   1 
ATOM   691  O O   . GLU A 1 89  ? -7.169  9.868   -4.230  1.00 10.08 ? 89  GLU A O   1 
ATOM   692  C CB  . GLU A 1 89  ? -8.302  10.849  -1.315  1.00 13.38 ? 89  GLU A CB  1 
ATOM   693  C CG  . GLU A 1 89  ? -9.552  10.678  -0.474  1.00 17.17 ? 89  GLU A CG  1 
ATOM   694  C CD  . GLU A 1 89  ? -9.768  11.851  0.482   1.00 24.27 ? 89  GLU A CD  1 
ATOM   695  O OE1 . GLU A 1 89  ? -8.789  12.609  0.754   1.00 30.48 ? 89  GLU A OE1 1 
ATOM   696  O OE2 . GLU A 1 89  ? -10.921 12.007  0.969   1.00 29.06 ? 89  GLU A OE2 1 
ATOM   697  N N   . LEU A 1 90  ? -5.595  9.619   -2.626  1.00 8.01  ? 90  LEU A N   1 
ATOM   698  C CA  . LEU A 1 90  ? -4.500  9.788   -3.563  1.00 8.74  ? 90  LEU A CA  1 
ATOM   699  C C   . LEU A 1 90  ? -4.443  8.550   -4.468  1.00 8.66  ? 90  LEU A C   1 
ATOM   700  O O   . LEU A 1 90  ? -3.989  8.648   -5.617  1.00 9.37  ? 90  LEU A O   1 
ATOM   701  C CB  . LEU A 1 90  ? -3.184  10.015  -2.810  1.00 9.03  ? 90  LEU A CB  1 
ATOM   702  C CG  . LEU A 1 90  ? -3.039  11.410  -2.186  1.00 8.90  ? 90  LEU A CG  1 
ATOM   703  C CD1 . LEU A 1 90  ? -1.786  11.481  -1.344  1.00 9.17  ? 90  LEU A CD1 1 
ATOM   704  C CD2 . LEU A 1 90  ? -3.021  12.487  -3.273  1.00 12.18 ? 90  LEU A CD2 1 
ATOM   705  N N   . SER A 1 91  ? -4.952  7.396   -3.992  1.00 8.26  ? 91  SER A N   1 
ATOM   706  C CA  A SER A 1 91  ? -4.885  6.181   -4.810  0.50 8.11  ? 91  SER A CA  1 
ATOM   707  C CA  B SER A 1 91  ? -4.953  6.123   -4.765  0.50 8.11  ? 91  SER A CA  1 
ATOM   708  C C   . SER A 1 91  ? -5.813  6.396   -6.017  1.00 8.18  ? 91  SER A C   1 
ATOM   709  O O   . SER A 1 91  ? -5.508  5.942   -7.139  1.00 7.84  ? 91  SER A O   1 
ATOM   710  C CB  A SER A 1 91  ? -5.323  4.960   -4.032  0.50 8.71  ? 91  SER A CB  1 
ATOM   711  C CB  B SER A 1 91  ? -5.392  4.902   -3.988  0.50 8.71  ? 91  SER A CB  1 
ATOM   712  O OG  A SER A 1 91  ? -4.447  4.778   -2.919  0.50 13.29 ? 91  SER A OG  1 
ATOM   713  O OG  B SER A 1 91  ? -6.756  5.064   -3.599  0.50 13.29 ? 91  SER A OG  1 
ATOM   714  N N   . LEU A 1 92  ? -6.970  7.052   -5.797  1.00 9.36  ? 92  LEU A N   1 
ATOM   715  C CA  . LEU A 1 92  ? -7.860  7.417   -6.900  1.00 9.74  ? 92  LEU A CA  1 
ATOM   716  C C   . LEU A 1 92  ? -7.186  8.378   -7.873  1.00 9.34  ? 92  LEU A C   1 
ATOM   717  O O   . LEU A 1 92  ? -7.303  8.153   -9.069  1.00 9.63  ? 92  LEU A O   1 
ATOM   718  C CB  . LEU A 1 92  ? -9.106  8.104   -6.318  1.00 12.99 ? 92  LEU A CB  1 
ATOM   719  C CG  . LEU A 1 92  ? -10.281 7.223   -5.869  1.00 20.21 ? 92  LEU A CG  1 
ATOM   720  C CD1 . LEU A 1 92  ? -9.857  5.970   -5.149  1.00 21.65 ? 92  LEU A CD1 1 
ATOM   721  C CD2 . LEU A 1 92  ? -11.219 8.008   -4.954  1.00 21.43 ? 92  LEU A CD2 1 
ATOM   722  N N   . ARG A 1 93  ? -6.452  9.380   -7.370  1.00 8.87  ? 93  ARG A N   1 
ATOM   723  C CA  . ARG A 1 93  ? -5.782  10.366  -8.230  1.00 9.68  ? 93  ARG A CA  1 
ATOM   724  C C   . ARG A 1 93  ? -4.724  9.654   -9.076  1.00 9.38  ? 93  ARG A C   1 
ATOM   725  O O   . ARG A 1 93  ? -4.538  9.960   -10.243 1.00 10.21 ? 93  ARG A O   1 
ATOM   726  C CB  . ARG A 1 93  ? -5.195  11.563  -7.483  1.00 12.71 ? 93  ARG A CB  1 
ATOM   727  C CG  . ARG A 1 93  ? -6.202  12.390  -6.702  1.00 19.63 ? 93  ARG A CG  1 
ATOM   728  C CD  . ARG A 1 93  ? -5.517  13.740  -6.645  1.00 22.68 ? 93  ARG A CD  1 
ATOM   729  N NE  . ARG A 1 93  ? -5.745  14.443  -5.402  1.00 31.88 ? 93  ARG A NE  1 
ATOM   730  C CZ  . ARG A 1 93  ? -4.797  15.175  -4.821  1.00 34.66 ? 93  ARG A CZ  1 
ATOM   731  N NH1 . ARG A 1 93  ? -3.603  15.269  -5.384  1.00 35.83 ? 93  ARG A NH1 1 
ATOM   732  N NH2 . ARG A 1 93  ? -5.041  15.808  -3.685  1.00 39.34 ? 93  ARG A NH2 1 
ATOM   733  N N   . GLU A 1 94  ? -3.990  8.704   -8.478  1.00 8.93  ? 94  GLU A N   1 
ATOM   734  C CA  . GLU A 1 94  ? -2.963  7.985   -9.224  1.00 9.04  ? 94  GLU A CA  1 
ATOM   735  C C   . GLU A 1 94  ? -3.578  7.180   -10.367 1.00 8.98  ? 94  GLU A C   1 
ATOM   736  O O   . GLU A 1 94  ? -3.009  7.157   -11.465 1.00 10.62 ? 94  GLU A O   1 
ATOM   737  C CB  . GLU A 1 94  ? -2.149  7.104   -8.274  1.00 9.00  ? 94  GLU A CB  1 
ATOM   738  C CG  . GLU A 1 94  ? -1.187  7.967   -7.426  1.00 12.34 ? 94  GLU A CG  1 
ATOM   739  C CD  . GLU A 1 94  ? -0.003  8.529   -8.214  1.00 14.04 ? 94  GLU A CD  1 
ATOM   740  O OE1 . GLU A 1 94  ? 0.433   7.914   -9.167  1.00 14.65 ? 94  GLU A OE1 1 
ATOM   741  O OE2 . GLU A 1 94  ? 0.435   9.672   -7.887  1.00 21.35 ? 94  GLU A OE2 1 
ATOM   742  N N   . ALA A 1 95  ? -4.670  6.458   -10.105 1.00 8.26  ? 95  ALA A N   1 
ATOM   743  C CA  . ALA A 1 95  ? -5.291  5.661   -11.153 1.00 7.57  ? 95  ALA A CA  1 
ATOM   744  C C   . ALA A 1 95  ? -5.822  6.592   -12.254 1.00 8.27  ? 95  ALA A C   1 
ATOM   745  O O   . ALA A 1 95  ? -5.680  6.254   -13.426 1.00 8.13  ? 95  ALA A O   1 
ATOM   746  C CB  . ALA A 1 95  ? -6.399  4.811   -10.587 1.00 8.98  ? 95  ALA A CB  1 
ATOM   747  N N   . LEU A 1 96  ? -6.344  7.756   -11.842 1.00 9.27  ? 96  LEU A N   1 
ATOM   748  C CA  . LEU A 1 96  ? -6.873  8.715   -12.806 1.00 9.64  ? 96  LEU A CA  1 
ATOM   749  C C   . LEU A 1 96  ? -5.764  9.130   -13.775 1.00 9.96  ? 96  LEU A C   1 
ATOM   750  O O   . LEU A 1 96  ? -5.927  9.135   -15.007 1.00 9.72  ? 96  LEU A O   1 
ATOM   751  C CB  . LEU A 1 96  ? -7.459  9.911   -12.020 1.00 10.82 ? 96  LEU A CB  1 
ATOM   752  C CG  . LEU A 1 96  ? -7.991  11.121  -12.807 1.00 11.74 ? 96  LEU A CG  1 
ATOM   753  C CD1 . LEU A 1 96  ? -9.191  10.719  -13.633 1.00 11.78 ? 96  LEU A CD1 1 
ATOM   754  C CD2 . LEU A 1 96  ? -8.378  12.252  -11.856 1.00 11.65 ? 96  LEU A CD2 1 
ATOM   755  N N   . GLN A 1 97  ? -4.632  9.535   -13.231 1.00 9.28  ? 97  GLN A N   1 
ATOM   756  C CA  . GLN A 1 97  ? -3.531  10.093  -14.017 1.00 11.16 ? 97  GLN A CA  1 
ATOM   757  C C   . GLN A 1 97  ? -2.928  9.022   -14.921 1.00 9.20  ? 97  GLN A C   1 
ATOM   758  O O   . GLN A 1 97  ? -2.426  9.307   -16.015 1.00 9.84  ? 97  GLN A O   1 
ATOM   759  C CB  . GLN A 1 97  ? -2.414  10.576  -13.089 1.00 14.88 ? 97  GLN A CB  1 
ATOM   760  C CG  . GLN A 1 97  ? -2.614  11.960  -12.473 1.00 24.31 ? 97  GLN A CG  1 
ATOM   761  C CD  . GLN A 1 97  ? -1.516  12.293  -11.469 1.00 30.57 ? 97  GLN A CD  1 
ATOM   762  O OE1 . GLN A 1 97  ? -1.762  12.855  -10.381 1.00 34.47 ? 97  GLN A OE1 1 
ATOM   763  N NE2 . GLN A 1 97  ? -0.279  11.952  -11.827 1.00 32.27 ? 97  GLN A NE2 1 
ATOM   764  N N   . LEU A 1 98  ? -2.948  7.753   -14.473 1.00 8.31  ? 98  LEU A N   1 
ATOM   765  C CA  . LEU A 1 98  ? -2.358  6.683   -15.264 1.00 8.04  ? 98  LEU A CA  1 
ATOM   766  C C   . LEU A 1 98  ? -3.325  6.166   -16.322 1.00 8.30  ? 98  LEU A C   1 
ATOM   767  O O   . LEU A 1 98  ? -2.920  5.413   -17.178 1.00 8.28  ? 98  LEU A O   1 
ATOM   768  C CB  . LEU A 1 98  ? -1.968  5.534   -14.326 1.00 9.13  ? 98  LEU A CB  1 
ATOM   769  C CG  . LEU A 1 98  ? -0.732  5.828   -13.479 1.00 10.23 ? 98  LEU A CG  1 
ATOM   770  C CD1 . LEU A 1 98  ? -0.564  4.711   -12.465 1.00 11.50 ? 98  LEU A CD1 1 
ATOM   771  C CD2 . LEU A 1 98  ? 0.509   5.907   -14.344 1.00 14.04 ? 98  LEU A CD2 1 
ATOM   772  N N   . GLY A 1 99  ? -4.606  6.567   -16.281 1.00 7.43  ? 99  GLY A N   1 
ATOM   773  C CA  . GLY A 1 99  ? -5.573  6.043   -17.240 1.00 8.10  ? 99  GLY A CA  1 
ATOM   774  C C   . GLY A 1 99  ? -6.004  4.613   -16.931 1.00 7.85  ? 99  GLY A C   1 
ATOM   775  O O   . GLY A 1 99  ? -6.165  3.782   -17.837 1.00 8.53  ? 99  GLY A O   1 
ATOM   776  N N   . HIS A 1 100 ? -6.159  4.316   -15.626 1.00 7.81  ? 100 HIS A N   1 
ATOM   777  C CA  . HIS A 1 100 ? -6.597  3.004   -15.223 1.00 8.20  ? 100 HIS A CA  1 
ATOM   778  C C   . HIS A 1 100 ? -8.012  3.055   -14.669 1.00 9.73  ? 100 HIS A C   1 
ATOM   779  O O   . HIS A 1 100 ? -8.290  3.880   -13.790 1.00 11.47 ? 100 HIS A O   1 
ATOM   780  C CB  . HIS A 1 100 ? -5.693  2.434   -14.098 1.00 7.78  ? 100 HIS A CB  1 
ATOM   781  C CG  . HIS A 1 100 ? -4.268  2.167   -14.468 1.00 8.31  ? 100 HIS A CG  1 
ATOM   782  N ND1 . HIS A 1 100 ? -3.796  1.855   -15.751 1.00 9.83  ? 100 HIS A ND1 1 
ATOM   783  C CD2 . HIS A 1 100 ? -3.196  2.183   -13.671 1.00 7.31  ? 100 HIS A CD2 1 
ATOM   784  C CE1 . HIS A 1 100 ? -2.489  1.637   -15.676 1.00 8.18  ? 100 HIS A CE1 1 
ATOM   785  N NE2 . HIS A 1 100 ? -2.098  1.888   -14.411 1.00 11.04 ? 100 HIS A NE2 1 
ATOM   786  N N   . ASN A 1 101 ? -8.870  2.147   -15.149 1.00 11.63 ? 101 ASN A N   1 
ATOM   787  C CA  . ASN A 1 101 ? -10.257 2.247   -14.742 1.00 13.01 ? 101 ASN A CA  1 
ATOM   788  C C   . ASN A 1 101 ? -10.601 1.312   -13.596 1.00 13.99 ? 101 ASN A C   1 
ATOM   789  O O   . ASN A 1 101 ? -11.666 0.687   -13.586 1.00 18.03 ? 101 ASN A O   1 
ATOM   790  C CB  . ASN A 1 101 ? -11.178 1.884   -15.893 1.00 16.49 ? 101 ASN A CB  1 
ATOM   791  C CG  . ASN A 1 101 ? -12.551 2.501   -15.701 1.00 19.62 ? 101 ASN A CG  1 
ATOM   792  O OD1 . ASN A 1 101 ? -12.821 3.232   -14.730 1.00 23.85 ? 101 ASN A OD1 1 
ATOM   793  N ND2 . ASN A 1 101 ? -13.456 2.187   -16.618 1.00 25.17 ? 101 ASN A ND2 1 
ATOM   794  N N   . TYR A 1 102 ? -9.666  1.174   -12.658 1.00 10.83 ? 102 TYR A N   1 
ATOM   795  C CA  . TYR A 1 102 ? -9.864  0.351   -11.480 1.00 9.66  ? 102 TYR A CA  1 
ATOM   796  C C   . TYR A 1 102 ? -8.849  0.898   -10.466 1.00 9.05  ? 102 TYR A C   1 
ATOM   797  O O   . TYR A 1 102 ? -7.890  1.564   -10.873 1.00 10.85 ? 102 TYR A O   1 
ATOM   798  C CB  . TYR A 1 102 ? -9.473  -1.101  -11.799 1.00 10.30 ? 102 TYR A CB  1 
ATOM   799  C CG  . TYR A 1 102 ? -8.016  -1.248  -12.189 1.00 9.88  ? 102 TYR A CG  1 
ATOM   800  C CD1 . TYR A 1 102 ? -7.585  -0.974  -13.491 1.00 10.05 ? 102 TYR A CD1 1 
ATOM   801  C CD2 . TYR A 1 102 ? -7.021  -1.558  -11.254 1.00 9.96  ? 102 TYR A CD2 1 
ATOM   802  C CE1 . TYR A 1 102 ? -6.250  -1.067  -13.863 1.00 10.86 ? 102 TYR A CE1 1 
ATOM   803  C CE2 . TYR A 1 102 ? -5.685  -1.631  -11.604 1.00 10.26 ? 102 TYR A CE2 1 
ATOM   804  C CZ  . TYR A 1 102 ? -5.281  -1.395  -12.911 1.00 10.85 ? 102 TYR A CZ  1 
ATOM   805  O OH  . TYR A 1 102 ? -3.956  -1.465  -13.263 1.00 10.92 ? 102 TYR A OH  1 
ATOM   806  N N   . ILE A 1 103 ? -9.047  0.650   -9.160  1.00 8.99  ? 103 ILE A N   1 
ATOM   807  C CA  . ILE A 1 103 ? -8.055  0.995   -8.138  1.00 8.33  ? 103 ILE A CA  1 
ATOM   808  C C   . ILE A 1 103 ? -7.486  -0.330  -7.654  1.00 8.08  ? 103 ILE A C   1 
ATOM   809  O O   . ILE A 1 103 ? -8.197  -1.164  -7.051  1.00 9.42  ? 103 ILE A O   1 
ATOM   810  C CB  . ILE A 1 103 ? -8.682  1.747   -6.939  1.00 8.57  ? 103 ILE A CB  1 
ATOM   811  C CG1 . ILE A 1 103 ? -9.478  2.992   -7.336  1.00 9.20  ? 103 ILE A CG1 1 
ATOM   812  C CG2 . ILE A 1 103 ? -7.653  1.992   -5.815  1.00 8.66  ? 103 ILE A CG2 1 
ATOM   813  C CD1 . ILE A 1 103 ? -8.848  3.849   -8.399  1.00 7.87  ? 103 ILE A CD1 1 
ATOM   814  N N   . GLY A 1 104 ? -6.207  -0.578  -7.951  1.00 7.17  ? 104 GLY A N   1 
ATOM   815  C CA  . GLY A 1 104 ? -5.556  -1.824  -7.583  1.00 6.96  ? 104 GLY A CA  1 
ATOM   816  C C   . GLY A 1 104 ? -4.495  -1.567  -6.491  1.00 5.86  ? 104 GLY A C   1 
ATOM   817  O O   . GLY A 1 104 ? -4.309  -0.427  -6.020  1.00 6.52  ? 104 GLY A O   1 
ATOM   818  N N   . THR A 1 105 ? -3.826  -2.657  -6.099  1.00 6.07  ? 105 THR A N   1 
ATOM   819  C CA  . THR A 1 105 ? -2.745  -2.547  -5.119  1.00 5.54  ? 105 THR A CA  1 
ATOM   820  C C   . THR A 1 105 ? -1.668  -1.539  -5.544  1.00 5.88  ? 105 THR A C   1 
ATOM   821  O O   . THR A 1 105 ? -1.122  -0.861  -4.672  1.00 5.42  ? 105 THR A O   1 
ATOM   822  C CB  . THR A 1 105 ? -2.125  -3.890  -4.706  1.00 6.18  ? 105 THR A CB  1 
ATOM   823  O OG1 . THR A 1 105 ? -1.331  -4.432  -5.781  1.00 7.02  ? 105 THR A OG1 1 
ATOM   824  C CG2 . THR A 1 105 ? -3.172  -4.880  -4.260  1.00 7.80  ? 105 THR A CG2 1 
ATOM   825  N N   . GLU A 1 106 ? -1.352  -1.465  -6.842  1.00 5.85  ? 106 GLU A N   1 
ATOM   826  C CA  . GLU A 1 106 ? -0.327  -0.507  -7.278  1.00 5.83  ? 106 GLU A CA  1 
ATOM   827  C C   . GLU A 1 106 ? -0.709  0.924   -6.923  1.00 5.57  ? 106 GLU A C   1 
ATOM   828  O O   . GLU A 1 106 ? 0.180   1.745   -6.627  1.00 5.49  ? 106 GLU A O   1 
ATOM   829  C CB  . GLU A 1 106 ? -0.062  -0.653  -8.796  1.00 7.09  ? 106 GLU A CB  1 
ATOM   830  C CG  . GLU A 1 106 ? -1.268  -0.585  -9.733  1.00 7.62  ? 106 GLU A CG  1 
ATOM   831  C CD  . GLU A 1 106 ? -2.000  -1.912  -9.988  1.00 9.55  ? 106 GLU A CD  1 
ATOM   832  O OE1 . GLU A 1 106 ? -2.257  -2.723  -9.006  1.00 9.52  ? 106 GLU A OE1 1 
ATOM   833  O OE2 . GLU A 1 106 ? -2.308  -2.191  -11.188 1.00 11.55 ? 106 GLU A OE2 1 
ATOM   834  N N   . HIS A 1 107 ? -2.010  1.230   -6.972  1.00 5.23  ? 107 HIS A N   1 
ATOM   835  C CA  . HIS A 1 107 ? -2.458  2.588   -6.676  1.00 5.49  ? 107 HIS A CA  1 
ATOM   836  C C   . HIS A 1 107 ? -2.403  2.924   -5.198  1.00 5.46  ? 107 HIS A C   1 
ATOM   837  O O   . HIS A 1 107 ? -2.067  4.076   -4.888  1.00 5.69  ? 107 HIS A O   1 
ATOM   838  C CB  . HIS A 1 107 ? -3.826  2.845   -7.288  1.00 5.92  ? 107 HIS A CB  1 
ATOM   839  C CG  . HIS A 1 107 ? -3.942  2.461   -8.717  1.00 6.57  ? 107 HIS A CG  1 
ATOM   840  N ND1 . HIS A 1 107 ? -3.288  3.072   -9.798  1.00 8.38  ? 107 HIS A ND1 1 
ATOM   841  C CD2 . HIS A 1 107 ? -4.664  1.455   -9.220  1.00 6.09  ? 107 HIS A CD2 1 
ATOM   842  C CE1 . HIS A 1 107 ? -3.627  2.398   -10.906 1.00 5.96  ? 107 HIS A CE1 1 
ATOM   843  N NE2 . HIS A 1 107 ? -4.514  1.463   -10.579 1.00 8.68  ? 107 HIS A NE2 1 
ATOM   844  N N   . ILE A 1 108 ? -2.622  1.916   -4.345  1.00 5.37  ? 108 ILE A N   1 
ATOM   845  C CA  . ILE A 1 108 ? -2.514  2.178   -2.919  1.00 5.21  ? 108 ILE A CA  1 
ATOM   846  C C   . ILE A 1 108 ? -1.026  2.396   -2.601  1.00 5.35  ? 108 ILE A C   1 
ATOM   847  O O   . ILE A 1 108 ? -0.748  3.275   -1.802  1.00 5.80  ? 108 ILE A O   1 
ATOM   848  C CB  . ILE A 1 108 ? -3.070  0.957   -2.156  1.00 5.30  ? 108 ILE A CB  1 
ATOM   849  C CG1 . ILE A 1 108 ? -4.583  0.862   -2.406  1.00 5.64  ? 108 ILE A CG1 1 
ATOM   850  C CG2 . ILE A 1 108 ? -2.772  1.044   -0.654  1.00 5.06  ? 108 ILE A CG2 1 
ATOM   851  C CD1 . ILE A 1 108 ? -5.168  -0.479  -1.932  1.00 5.83  ? 108 ILE A CD1 1 
ATOM   852  N N   . LEU A 1 109 ? -0.112  1.638   -3.242  1.00 5.19  ? 109 LEU A N   1 
ATOM   853  C CA  . LEU A 1 109 ? 1.310   1.878   -2.986  1.00 5.57  ? 109 LEU A CA  1 
ATOM   854  C C   . LEU A 1 109 ? 1.702   3.313   -3.395  1.00 5.61  ? 109 LEU A C   1 
ATOM   855  O O   . LEU A 1 109 ? 2.392   4.014   -2.632  1.00 6.02  ? 109 LEU A O   1 
ATOM   856  C CB  . LEU A 1 109 ? 2.143   0.849   -3.748  1.00 5.52  ? 109 LEU A CB  1 
ATOM   857  C CG  . LEU A 1 109 ? 3.641   1.121   -3.705  1.00 6.41  ? 109 LEU A CG  1 
ATOM   858  C CD1 . LEU A 1 109 ? 4.120   1.037   -2.257  1.00 7.52  ? 109 LEU A CD1 1 
ATOM   859  C CD2 . LEU A 1 109 ? 4.353   0.053   -4.546  1.00 6.58  ? 109 LEU A CD2 1 
ATOM   860  N N   . LEU A 1 110 ? 1.235   3.753   -4.580  1.00 6.18  ? 110 LEU A N   1 
ATOM   861  C CA  . LEU A 1 110 ? 1.563   5.095   -5.019  1.00 5.97  ? 110 LEU A CA  1 
ATOM   862  C C   . LEU A 1 110 ? 0.938   6.124   -4.077  1.00 6.31  ? 110 LEU A C   1 
ATOM   863  O O   . LEU A 1 110 ? 1.609   7.114   -3.759  1.00 7.04  ? 110 LEU A O   1 
ATOM   864  C CB  . LEU A 1 110 ? 1.073   5.264   -6.462  1.00 6.20  ? 110 LEU A CB  1 
ATOM   865  C CG  . LEU A 1 110 ? 1.871   4.426   -7.456  1.00 6.03  ? 110 LEU A CG  1 
ATOM   866  C CD1 . LEU A 1 110 ? 1.145   4.361   -8.778  1.00 6.29  ? 110 LEU A CD1 1 
ATOM   867  C CD2 . LEU A 1 110 ? 3.327   4.893   -7.597  1.00 6.62  ? 110 LEU A CD2 1 
ATOM   868  N N   . GLY A 1 111 ? -0.306  5.870   -3.614  1.00 5.72  ? 111 GLY A N   1 
ATOM   869  C CA  . GLY A 1 111 ? -0.937  6.755   -2.637  1.00 6.11  ? 111 GLY A CA  1 
ATOM   870  C C   . GLY A 1 111 ? -0.117  6.875   -1.346  1.00 6.45  ? 111 GLY A C   1 
ATOM   871  O O   . GLY A 1 111 ? 0.013   7.949   -0.751  1.00 7.02  ? 111 GLY A O   1 
ATOM   872  N N   . LEU A 1 112 ? 0.371   5.739   -0.838  1.00 5.83  ? 112 LEU A N   1 
ATOM   873  C CA  . LEU A 1 112 ? 1.161   5.713   0.397   1.00 5.76  ? 112 LEU A CA  1 
ATOM   874  C C   . LEU A 1 112 ? 2.405   6.597   0.251   1.00 6.19  ? 112 LEU A C   1 
ATOM   875  O O   . LEU A 1 112 ? 2.725   7.362   1.158   1.00 7.18  ? 112 LEU A O   1 
ATOM   876  C CB  . LEU A 1 112 ? 1.581   4.285   0.762   1.00 6.27  ? 112 LEU A CB  1 
ATOM   877  C CG  . LEU A 1 112 ? 0.458   3.399   1.302   1.00 5.93  ? 112 LEU A CG  1 
ATOM   878  C CD1 . LEU A 1 112 ? 0.898   1.920   1.238   1.00 7.03  ? 112 LEU A CD1 1 
ATOM   879  C CD2 . LEU A 1 112 ? 0.123   3.832   2.722   1.00 6.73  ? 112 LEU A CD2 1 
ATOM   880  N N   . ILE A 1 113 ? 3.095   6.484   -0.896  1.00 6.07  ? 113 ILE A N   1 
ATOM   881  C CA  . ILE A 1 113 ? 4.301   7.298   -1.097  1.00 6.62  ? 113 ILE A CA  1 
ATOM   882  C C   . ILE A 1 113 ? 3.926   8.761   -1.319  1.00 7.47  ? 113 ILE A C   1 
ATOM   883  O O   . ILE A 1 113 ? 4.549   9.657   -0.733  1.00 7.96  ? 113 ILE A O   1 
ATOM   884  C CB  . ILE A 1 113 ? 5.097   6.725   -2.271  1.00 6.11  ? 113 ILE A CB  1 
ATOM   885  C CG1 . ILE A 1 113 ? 5.571   5.301   -1.962  1.00 6.49  ? 113 ILE A CG1 1 
ATOM   886  C CG2 . ILE A 1 113 ? 6.310   7.660   -2.555  1.00 7.29  ? 113 ILE A CG2 1 
ATOM   887  C CD1 . ILE A 1 113 ? 5.890   4.527   -3.226  1.00 7.45  ? 113 ILE A CD1 1 
ATOM   888  N N   . ARG A 1 114 ? 2.906   9.020   -2.134  1.00 8.42  ? 114 ARG A N   1 
ATOM   889  C CA  . ARG A 1 114 ? 2.562   10.411  -2.465  1.00 8.76  ? 114 ARG A CA  1 
ATOM   890  C C   . ARG A 1 114 ? 2.061   11.176  -1.234  1.00 9.56  ? 114 ARG A C   1 
ATOM   891  O O   . ARG A 1 114 ? 2.233   12.404  -1.206  1.00 13.03 ? 114 ARG A O   1 
ATOM   892  C CB  . ARG A 1 114 ? 1.530   10.445  -3.585  1.00 10.62 ? 114 ARG A CB  1 
ATOM   893  C CG  . ARG A 1 114 ? 1.263   11.841  -4.115  1.00 11.82 ? 114 ARG A CG  1 
ATOM   894  C CD  . ARG A 1 114 ? 0.442   11.625  -5.361  1.00 13.79 ? 114 ARG A CD  1 
ATOM   895  N NE  . ARG A 1 114 ? -0.095  12.914  -5.754  1.00 19.05 ? 114 ARG A NE  1 
ATOM   896  C CZ  . ARG A 1 114 ? -0.760  13.100  -6.889  1.00 22.85 ? 114 ARG A CZ  1 
ATOM   897  N NH1 . ARG A 1 114 ? -0.948  12.093  -7.729  1.00 21.85 ? 114 ARG A NH1 1 
ATOM   898  N NH2 . ARG A 1 114 ? -1.225  14.306  -7.180  1.00 25.93 ? 114 ARG A NH2 1 
ATOM   899  N N   . GLU A 1 115 ? 1.477   10.489  -0.235  1.00 9.29  ? 115 GLU A N   1 
ATOM   900  C CA  . GLU A 1 115 ? 1.008   11.166  0.985   1.00 9.23  ? 115 GLU A CA  1 
ATOM   901  C C   . GLU A 1 115 ? 2.171   11.869  1.686   1.00 10.34 ? 115 GLU A C   1 
ATOM   902  O O   . GLU A 1 115 ? 1.930   12.915  2.298   1.00 12.42 ? 115 GLU A O   1 
ATOM   903  C CB  . GLU A 1 115 ? 0.229   10.132  1.818   1.00 9.47  ? 115 GLU A CB  1 
ATOM   904  C CG  . GLU A 1 115 ? -0.377  10.720  3.102   1.00 11.36 ? 115 GLU A CG  1 
ATOM   905  C CD  . GLU A 1 115 ? 0.641   10.908  4.223   1.00 13.71 ? 115 GLU A CD  1 
ATOM   906  O OE1 . GLU A 1 115 ? 1.588   10.106  4.377   1.00 14.08 ? 115 GLU A OE1 1 
ATOM   907  O OE2 . GLU A 1 115 ? 0.458   11.907  5.001   1.00 17.54 ? 115 GLU A OE2 1 
ATOM   908  N N   . GLY A 1 116 ? 3.381   11.309  1.628   1.00 10.22 ? 116 GLY A N   1 
ATOM   909  C CA  . GLY A 1 116 ? 4.610   12.024  1.991   1.00 11.82 ? 116 GLY A CA  1 
ATOM   910  C C   . GLY A 1 116 ? 4.914   12.079  3.489   1.00 11.18 ? 116 GLY A C   1 
ATOM   911  O O   . GLY A 1 116 ? 6.037   11.840  3.904   1.00 14.74 ? 116 GLY A O   1 
ATOM   912  N N   . GLU A 1 117 ? 3.929   12.366  4.336   1.00 14.29 ? 117 GLU A N   1 
ATOM   913  C CA  . GLU A 1 117 ? 4.263   12.733  5.705   1.00 14.35 ? 117 GLU A CA  1 
ATOM   914  C C   . GLU A 1 117 ? 4.245   11.550  6.673   1.00 13.72 ? 117 GLU A C   1 
ATOM   915  O O   . GLU A 1 117 ? 4.892   11.594  7.731   1.00 13.70 ? 117 GLU A O   1 
ATOM   916  C CB  . GLU A 1 117 ? 3.298   13.799  6.250   1.00 19.75 ? 117 GLU A CB  1 
ATOM   917  C CG  . GLU A 1 117 ? 3.435   15.187  5.643   1.00 27.76 ? 117 GLU A CG  1 
ATOM   918  C CD  . GLU A 1 117 ? 2.362   16.189  6.064   1.00 36.35 ? 117 GLU A CD  1 
ATOM   919  O OE1 . GLU A 1 117 ? 1.636   15.928  7.066   1.00 42.46 ? 117 GLU A OE1 1 
ATOM   920  O OE2 . GLU A 1 117 ? 2.225   17.227  5.381   1.00 41.69 ? 117 GLU A OE2 1 
ATOM   921  N N   . GLY A 1 118 ? 3.457   10.506  6.342   1.00 11.33 ? 118 GLY A N   1 
ATOM   922  C CA  . GLY A 1 118 ? 3.194   9.470   7.308   1.00 9.55  ? 118 GLY A CA  1 
ATOM   923  C C   . GLY A 1 118 ? 4.320   8.446   7.421   1.00 9.33  ? 118 GLY A C   1 
ATOM   924  O O   . GLY A 1 118 ? 5.276   8.478   6.638   1.00 8.70  ? 118 GLY A O   1 
ATOM   925  N N   . VAL A 1 119 ? 4.178   7.507   8.365   1.00 8.73  ? 119 VAL A N   1 
ATOM   926  C CA  . VAL A 1 119 ? 5.131   6.431   8.601   1.00 8.26  ? 119 VAL A CA  1 
ATOM   927  C C   . VAL A 1 119 ? 5.414   5.684   7.287   1.00 7.93  ? 119 VAL A C   1 
ATOM   928  O O   . VAL A 1 119 ? 6.556   5.363   6.958   1.00 7.52  ? 119 VAL A O   1 
ATOM   929  C CB  . VAL A 1 119 ? 4.688   5.457   9.701   1.00 9.04  ? 119 VAL A CB  1 
ATOM   930  C CG1 . VAL A 1 119 ? 5.640   4.295   9.792   1.00 9.61  ? 119 VAL A CG1 1 
ATOM   931  C CG2 . VAL A 1 119 ? 4.616   6.149   11.058  1.00 9.91  ? 119 VAL A CG2 1 
ATOM   932  N N   . ALA A 1 120 ? 4.354   5.284   6.582   1.00 6.83  ? 120 ALA A N   1 
ATOM   933  C CA  . ALA A 1 120 ? 4.571   4.529   5.353   1.00 6.75  ? 120 ALA A CA  1 
ATOM   934  C C   . ALA A 1 120 ? 5.492   5.258   4.375   1.00 6.59  ? 120 ALA A C   1 
ATOM   935  O O   . ALA A 1 120 ? 6.399   4.617   3.836   1.00 7.74  ? 120 ALA A O   1 
ATOM   936  C CB  . ALA A 1 120 ? 3.229   4.206   4.694   1.00 7.26  ? 120 ALA A CB  1 
ATOM   937  N N   . ALA A 1 121 ? 5.206   6.502   4.043   1.00 6.76  ? 121 ALA A N   1 
ATOM   938  C CA  . ALA A 1 121 ? 6.049   7.253   3.109   1.00 6.82  ? 121 ALA A CA  1 
ATOM   939  C C   . ALA A 1 121 ? 7.460   7.373   3.671   1.00 6.96  ? 121 ALA A C   1 
ATOM   940  O O   . ALA A 1 121 ? 8.422   7.233   2.919   1.00 7.82  ? 121 ALA A O   1 
ATOM   941  C CB  . ALA A 1 121 ? 5.505   8.629   2.936   1.00 7.21  ? 121 ALA A CB  1 
ATOM   942  N N   . GLN A 1 122 ? 7.609   7.637   4.974   1.00 7.26  ? 122 GLN A N   1 
ATOM   943  C CA  . GLN A 1 122 ? 8.965   7.790   5.502   1.00 7.70  ? 122 GLN A CA  1 
ATOM   944  C C   . GLN A 1 122 ? 9.791   6.517   5.300   1.00 7.41  ? 122 GLN A C   1 
ATOM   945  O O   . GLN A 1 122 ? 10.932  6.565   4.855   1.00 8.06  ? 122 GLN A O   1 
ATOM   946  C CB  . GLN A 1 122 ? 8.895   8.140   6.991   1.00 9.65  ? 122 GLN A CB  1 
ATOM   947  C CG  . GLN A 1 122 ? 8.260   9.507   7.252   1.00 10.96 ? 122 GLN A CG  1 
ATOM   948  C CD  . GLN A 1 122 ? 9.049   10.661  6.690   1.00 14.54 ? 122 GLN A CD  1 
ATOM   949  O OE1 . GLN A 1 122 ? 10.250  10.766  6.961   1.00 15.81 ? 122 GLN A OE1 1 
ATOM   950  N NE2 . GLN A 1 122 ? 8.385   11.479  5.891   1.00 15.10 ? 122 GLN A NE2 1 
ATOM   951  N N   . VAL A 1 123 ? 9.199   5.352   5.550   1.00 7.08  ? 123 VAL A N   1 
ATOM   952  C CA  . VAL A 1 123 ? 9.913   4.092   5.445   1.00 6.75  ? 123 VAL A CA  1 
ATOM   953  C C   . VAL A 1 123 ? 10.201  3.771   3.978   1.00 6.42  ? 123 VAL A C   1 
ATOM   954  O O   . VAL A 1 123 ? 11.337  3.433   3.634   1.00 6.65  ? 123 VAL A O   1 
ATOM   955  C CB  . VAL A 1 123 ? 9.069   2.985   6.096   1.00 7.72  ? 123 VAL A CB  1 
ATOM   956  C CG1 . VAL A 1 123 ? 9.561   1.606   5.661   1.00 8.82  ? 123 VAL A CG1 1 
ATOM   957  C CG2 . VAL A 1 123 ? 9.034   3.179   7.607   1.00 7.55  ? 123 VAL A CG2 1 
ATOM   958  N N   . LEU A 1 124 ? 9.219   3.937   3.091   1.00 6.04  ? 124 LEU A N   1 
ATOM   959  C CA  . LEU A 1 124 ? 9.391   3.625   1.680   1.00 6.24  ? 124 LEU A CA  1 
ATOM   960  C C   . LEU A 1 124 ? 10.425  4.553   1.037   1.00 6.53  ? 124 LEU A C   1 
ATOM   961  O O   . LEU A 1 124 ? 11.269  4.086   0.282   1.00 6.98  ? 124 LEU A O   1 
ATOM   962  C CB  . LEU A 1 124 ? 8.036   3.681   0.984   1.00 6.91  ? 124 LEU A CB  1 
ATOM   963  C CG  . LEU A 1 124 ? 7.121   2.520   1.353   1.00 6.68  ? 124 LEU A CG  1 
ATOM   964  C CD1 . LEU A 1 124 ? 5.712   2.818   0.851   1.00 7.63  ? 124 LEU A CD1 1 
ATOM   965  C CD2 . LEU A 1 124 ? 7.683   1.170   0.840   1.00 7.05  ? 124 LEU A CD2 1 
ATOM   966  N N   . VAL A 1 125 ? 10.375  5.838   1.368   1.00 7.42  ? 125 VAL A N   1 
ATOM   967  C CA  . VAL A 1 125 ? 11.263  6.814   0.737   1.00 7.95  ? 125 VAL A CA  1 
ATOM   968  C C   . VAL A 1 125 ? 12.696  6.526   1.216   1.00 8.45  ? 125 VAL A C   1 
ATOM   969  O O   . VAL A 1 125 ? 13.618  6.630   0.402   1.00 10.25 ? 125 VAL A O   1 
ATOM   970  C CB  . VAL A 1 125 ? 10.742  8.250   1.002   1.00 8.41  ? 125 VAL A CB  1 
ATOM   971  C CG1 . VAL A 1 125 ? 11.801  9.291   0.687   1.00 9.32  ? 125 VAL A CG1 1 
ATOM   972  C CG2 . VAL A 1 125 ? 9.529   8.518   0.149   1.00 9.04  ? 125 VAL A CG2 1 
ATOM   973  N N   . LYS A 1 126 ? 12.882  6.160   2.501   1.00 8.88  ? 126 LYS A N   1 
ATOM   974  C CA  . LYS A 1 126 ? 14.227  5.878   3.007   1.00 9.64  ? 126 LYS A CA  1 
ATOM   975  C C   . LYS A 1 126 ? 14.799  4.657   2.297   1.00 9.43  ? 126 LYS A C   1 
ATOM   976  O O   . LYS A 1 126 ? 16.003  4.594   2.094   1.00 12.19 ? 126 LYS A O   1 
ATOM   977  C CB  . LYS A 1 126 ? 14.197  5.691   4.518   1.00 10.27 ? 126 LYS A CB  1 
ATOM   978  C CG  . LYS A 1 126 ? 15.566  5.377   5.119   1.00 11.00 ? 126 LYS A CG  1 
ATOM   979  C CD  . LYS A 1 126 ? 15.517  5.352   6.642   1.00 14.30 ? 126 LYS A CD  1 
ATOM   980  C CE  . LYS A 1 126 ? 16.880  5.298   7.300   1.00 16.75 ? 126 LYS A CE  1 
ATOM   981  N NZ  . LYS A 1 126 ? 16.771  5.188   8.782   1.00 24.27 ? 126 LYS A NZ  1 
ATOM   982  N N   . LEU A 1 127 ? 13.933  3.710   1.870   1.00 9.95  ? 127 LEU A N   1 
ATOM   983  C CA  . LEU A 1 127 ? 14.383  2.516   1.149   1.00 10.35 ? 127 LEU A CA  1 
ATOM   984  C C   . LEU A 1 127 ? 14.502  2.742   -0.368  1.00 10.55 ? 127 LEU A C   1 
ATOM   985  O O   . LEU A 1 127 ? 14.857  1.824   -1.124  1.00 12.08 ? 127 LEU A O   1 
ATOM   986  C CB  . LEU A 1 127 ? 13.408  1.375   1.440   1.00 12.43 ? 127 LEU A CB  1 
ATOM   987  C CG  . LEU A 1 127 ? 13.554  0.711   2.803   1.00 15.49 ? 127 LEU A CG  1 
ATOM   988  C CD1 . LEU A 1 127 ? 12.299  -0.099  3.126   1.00 15.29 ? 127 LEU A CD1 1 
ATOM   989  C CD2 . LEU A 1 127 ? 14.841  -0.108  2.833   1.00 19.00 ? 127 LEU A CD2 1 
ATOM   990  N N   . GLY A 1 128 ? 14.258  3.988   -0.806  1.00 10.44 ? 128 GLY A N   1 
ATOM   991  C CA  . GLY A 1 128 ? 14.528  4.319   -2.193  1.00 10.10 ? 128 GLY A CA  1 
ATOM   992  C C   . GLY A 1 128 ? 13.300  4.218   -3.100  1.00 10.30 ? 128 GLY A C   1 
ATOM   993  O O   . GLY A 1 128 ? 13.377  4.368   -4.301  1.00 10.97 ? 128 GLY A O   1 
ATOM   994  N N   . ALA A 1 129 ? 12.124  4.061   -2.506  1.00 8.63  ? 129 ALA A N   1 
ATOM   995  C CA  . ALA A 1 129 ? 10.902  3.962   -3.280  1.00 8.97  ? 129 ALA A CA  1 
ATOM   996  C C   . ALA A 1 129 ? 10.308  5.347   -3.519  1.00 8.11  ? 129 ALA A C   1 
ATOM   997  O O   . ALA A 1 129 ? 9.190   5.676   -3.075  1.00 9.65  ? 129 ALA A O   1 
ATOM   998  C CB  . ALA A 1 129 ? 9.964   2.982   -2.593  1.00 8.20  ? 129 ALA A CB  1 
ATOM   999  N N   . GLU A 1 130 ? 11.065  6.178   -4.252  1.00 9.13  ? 130 GLU A N   1 
ATOM   1000 C CA  . GLU A 1 130 ? 10.653  7.494   -4.705  1.00 10.32 ? 130 GLU A CA  1 
ATOM   1001 C C   . GLU A 1 130 ? 9.408   7.382   -5.587  1.00 9.72  ? 130 GLU A C   1 
ATOM   1002 O O   . GLU A 1 130 ? 9.329   6.461   -6.393  1.00 10.14 ? 130 GLU A O   1 
ATOM   1003 C CB  . GLU A 1 130 ? 11.866  8.126   -5.429  1.00 11.35 ? 130 GLU A CB  1 
ATOM   1004 C CG  . GLU A 1 130 ? 11.618  9.586   -5.773  1.00 11.32 ? 130 GLU A CG  1 
ATOM   1005 C CD  . GLU A 1 130 ? 10.958  9.749   -7.145  1.00 12.30 ? 130 GLU A CD  1 
ATOM   1006 O OE1 . GLU A 1 130 ? 11.345  8.926   -8.002  1.00 14.16 ? 130 GLU A OE1 1 
ATOM   1007 O OE2 . GLU A 1 130 ? 10.095  10.644  -7.338  1.00 13.91 ? 130 GLU A OE2 1 
ATOM   1008 N N   . LEU A 1 131 ? 8.474   8.305   -5.466  1.00 9.14  ? 131 LEU A N   1 
ATOM   1009 C CA  . LEU A 1 131 ? 7.194   8.240   -6.182  1.00 8.78  ? 131 LEU A CA  1 
ATOM   1010 C C   . LEU A 1 131 ? 7.326   7.973   -7.685  1.00 9.40  ? 131 LEU A C   1 
ATOM   1011 O O   . LEU A 1 131 ? 6.655   7.057   -8.201  1.00 8.54  ? 131 LEU A O   1 
ATOM   1012 C CB  . LEU A 1 131 ? 6.412   9.527   -5.895  1.00 9.52  ? 131 LEU A CB  1 
ATOM   1013 C CG  . LEU A 1 131 ? 5.014   9.593   -6.513  1.00 9.73  ? 131 LEU A CG  1 
ATOM   1014 C CD1 . LEU A 1 131 ? 4.127   8.432   -6.049  1.00 11.21 ? 131 LEU A CD1 1 
ATOM   1015 C CD2 . LEU A 1 131 ? 4.346   10.886  -6.084  1.00 10.34 ? 131 LEU A CD2 1 
ATOM   1016 N N   . THR A 1 132 ? 8.124   8.803   -8.384  1.00 10.63 ? 132 THR A N   1 
ATOM   1017 C CA  . THR A 1 132 ? 8.227   8.646   -9.833  1.00 10.71 ? 132 THR A CA  1 
ATOM   1018 C C   . THR A 1 132 ? 8.939   7.353   -10.233 1.00 9.84  ? 132 THR A C   1 
ATOM   1019 O O   . THR A 1 132 ? 8.519   6.740   -11.227 1.00 11.11 ? 132 THR A O   1 
ATOM   1020 C CB  . THR A 1 132 ? 8.809   9.884   -10.531 1.00 12.29 ? 132 THR A CB  1 
ATOM   1021 O OG1 . THR A 1 132 ? 10.210  9.887   -10.244 1.00 13.85 ? 132 THR A OG1 1 
ATOM   1022 C CG2 . THR A 1 132 ? 8.098   11.160  -10.143 1.00 14.02 ? 132 THR A CG2 1 
ATOM   1023 N N   . ARG A 1 133 ? 9.920   6.875   -9.442  1.00 9.82  ? 133 ARG A N   1 
ATOM   1024 C CA  . ARG A 1 133 ? 10.581  5.603   -9.680  1.00 9.99  ? 133 ARG A CA  1 
ATOM   1025 C C   . ARG A 1 133 ? 9.565   4.475   -9.567  1.00 9.92  ? 133 ARG A C   1 
ATOM   1026 O O   . ARG A 1 133 ? 9.547   3.559   -10.398 1.00 9.91  ? 133 ARG A O   1 
ATOM   1027 C CB  . ARG A 1 133 ? 11.725  5.464   -8.675  1.00 11.41 ? 133 ARG A CB  1 
ATOM   1028 C CG  . ARG A 1 133 ? 12.566  4.217   -8.824  1.00 13.28 ? 133 ARG A CG  1 
ATOM   1029 C CD  . ARG A 1 133 ? 13.727  4.139   -7.828  1.00 16.95 ? 133 ARG A CD  1 
ATOM   1030 N NE  . ARG A 1 133 ? 14.515  2.935   -8.103  1.00 17.74 ? 133 ARG A NE  1 
ATOM   1031 C CZ  . ARG A 1 133 ? 14.808  1.993   -7.203  1.00 19.94 ? 133 ARG A CZ  1 
ATOM   1032 N NH1 . ARG A 1 133 ? 14.446  2.148   -5.935  1.00 19.33 ? 133 ARG A NH1 1 
ATOM   1033 N NH2 . ARG A 1 133 ? 15.500  0.920   -7.560  1.00 20.45 ? 133 ARG A NH2 1 
ATOM   1034 N N   . VAL A 1 134 ? 8.698   4.560   -8.540  1.00 8.70  ? 134 VAL A N   1 
ATOM   1035 C CA  . VAL A 1 134 ? 7.776   3.453   -8.325  1.00 7.54  ? 134 VAL A CA  1 
ATOM   1036 C C   . VAL A 1 134 ? 6.696   3.504   -9.409  1.00 7.10  ? 134 VAL A C   1 
ATOM   1037 O O   . VAL A 1 134 ? 6.293   2.457   -9.935  1.00 7.44  ? 134 VAL A O   1 
ATOM   1038 C CB  . VAL A 1 134 ? 7.205   3.484   -6.896  1.00 7.34  ? 134 VAL A CB  1 
ATOM   1039 C CG1 . VAL A 1 134 ? 6.071   2.462   -6.707  1.00 8.31  ? 134 VAL A CG1 1 
ATOM   1040 C CG2 . VAL A 1 134 ? 8.283   3.359   -5.832  1.00 8.80  ? 134 VAL A CG2 1 
ATOM   1041 N N   . ARG A 1 135 ? 6.230   4.706   -9.800  1.00 7.73  ? 135 ARG A N   1 
ATOM   1042 C CA  . ARG A 1 135 ? 5.221   4.850   -10.828 1.00 7.96  ? 135 ARG A CA  1 
ATOM   1043 C C   . ARG A 1 135 ? 5.741   4.249   -12.135 1.00 7.64  ? 135 ARG A C   1 
ATOM   1044 O O   . ARG A 1 135 ? 5.000   3.520   -12.801 1.00 7.10  ? 135 ARG A O   1 
ATOM   1045 C CB  . ARG A 1 135 ? 4.858   6.314   -11.040 1.00 11.20 ? 135 ARG A CB  1 
ATOM   1046 C CG  . ARG A 1 135 ? 3.600   6.430   -11.858 1.00 12.24 ? 135 ARG A CG  1 
ATOM   1047 C CD  . ARG A 1 135 ? 3.460   7.910   -12.013 1.00 15.63 ? 135 ARG A CD  1 
ATOM   1048 N NE  . ARG A 1 135 ? 2.978   8.564   -10.801 1.00 15.28 ? 135 ARG A NE  1 
ATOM   1049 C CZ  . ARG A 1 135 ? 3.437   9.717   -10.352 1.00 16.19 ? 135 ARG A CZ  1 
ATOM   1050 N NH1 . ARG A 1 135 ? 4.461   10.274  -10.970 1.00 20.24 ? 135 ARG A NH1 1 
ATOM   1051 N NH2 . ARG A 1 135 ? 2.895   10.286  -9.293  1.00 17.35 ? 135 ARG A NH2 1 
ATOM   1052 N N   . GLN A 1 136 ? 7.015   4.543   -12.447 1.00 8.05  ? 136 GLN A N   1 
ATOM   1053 C CA  . GLN A 1 136 ? 7.577   4.002   -13.670 1.00 9.32  ? 136 GLN A CA  1 
ATOM   1054 C C   . GLN A 1 136 ? 7.621   2.485   -13.600 1.00 8.39  ? 136 GLN A C   1 
ATOM   1055 O O   . GLN A 1 136 ? 7.392   1.795   -14.608 1.00 8.28  ? 136 GLN A O   1 
ATOM   1056 C CB  . GLN A 1 136 ? 8.955   4.645   -13.873 1.00 11.78 ? 136 GLN A CB  1 
ATOM   1057 C CG  . GLN A 1 136 ? 9.621   4.266   -15.197 1.00 17.73 ? 136 GLN A CG  1 
ATOM   1058 C CD  . GLN A 1 136 ? 11.096  4.579   -15.308 1.00 24.76 ? 136 GLN A CD  1 
ATOM   1059 O OE1 . GLN A 1 136 ? 11.670  4.511   -16.397 1.00 32.21 ? 136 GLN A OE1 1 
ATOM   1060 N NE2 . GLN A 1 136 ? 11.739  4.951   -14.207 1.00 33.24 ? 136 GLN A NE2 1 
ATOM   1061 N N   . GLN A 1 137 ? 7.942   1.934   -12.437 1.00 8.58  ? 137 GLN A N   1 
ATOM   1062 C CA  . GLN A 1 137 ? 8.061   0.501   -12.307 1.00 7.95  ? 137 GLN A CA  1 
ATOM   1063 C C   . GLN A 1 137 ? 6.683   -0.132  -12.482 1.00 7.77  ? 137 GLN A C   1 
ATOM   1064 O O   . GLN A 1 137 ? 6.596   -1.179  -13.090 1.00 8.55  ? 137 GLN A O   1 
ATOM   1065 C CB  . GLN A 1 137 ? 8.652   0.134   -10.936 1.00 10.38 ? 137 GLN A CB  1 
ATOM   1066 C CG  . GLN A 1 137 ? 8.990   -1.353  -10.814 1.00 11.28 ? 137 GLN A CG  1 
ATOM   1067 C CD  . GLN A 1 137 ? 10.261  -1.734  -11.564 1.00 15.83 ? 137 GLN A CD  1 
ATOM   1068 O OE1 . GLN A 1 137 ? 11.011  -2.573  -11.113 1.00 24.52 ? 137 GLN A OE1 1 
ATOM   1069 N NE2 . GLN A 1 137 ? 10.598  -1.045  -12.647 1.00 20.21 ? 137 GLN A NE2 1 
ATOM   1070 N N   . VAL A 1 138 ? 5.640   0.499   -11.905 1.00 6.50  ? 138 VAL A N   1 
ATOM   1071 C CA  . VAL A 1 138 ? 4.302   -0.046  -12.058 1.00 6.68  ? 138 VAL A CA  1 
ATOM   1072 C C   . VAL A 1 138 ? 3.947   -0.111  -13.544 1.00 7.31  ? 138 VAL A C   1 
ATOM   1073 O O   . VAL A 1 138 ? 3.418   -1.128  -13.998 1.00 6.97  ? 138 VAL A O   1 
ATOM   1074 C CB  . VAL A 1 138 ? 3.288   0.816   -11.264 1.00 6.85  ? 138 VAL A CB  1 
ATOM   1075 C CG1 . VAL A 1 138 ? 1.851   0.460   -11.662 1.00 6.67  ? 138 VAL A CG1 1 
ATOM   1076 C CG2 . VAL A 1 138 ? 3.517   0.649   -9.780  1.00 7.32  ? 138 VAL A CG2 1 
ATOM   1077 N N   . ILE A 1 139 ? 4.181   0.994   -14.262 1.00 7.32  ? 139 ILE A N   1 
ATOM   1078 C CA  . ILE A 1 139 ? 3.828   1.055   -15.680 1.00 8.12  ? 139 ILE A CA  1 
ATOM   1079 C C   . ILE A 1 139 ? 4.600   -0.018  -16.456 1.00 7.27  ? 139 ILE A C   1 
ATOM   1080 O O   . ILE A 1 139 ? 4.028   -0.702  -17.321 1.00 7.84  ? 139 ILE A O   1 
ATOM   1081 C CB  . ILE A 1 139 ? 4.189   2.458   -16.204 1.00 10.71 ? 139 ILE A CB  1 
ATOM   1082 C CG1 . ILE A 1 139 ? 3.160   3.472   -15.718 1.00 11.95 ? 139 ILE A CG1 1 
ATOM   1083 C CG2 . ILE A 1 139 ? 4.353   2.524   -17.730 1.00 13.27 ? 139 ILE A CG2 1 
ATOM   1084 C CD1 . ILE A 1 139 ? 3.796   4.840   -15.661 1.00 13.08 ? 139 ILE A CD1 1 
ATOM   1085 N N   . GLN A 1 140 ? 5.873   -0.196  -16.096 1.00 6.80  ? 140 GLN A N   1 
ATOM   1086 C CA  . GLN A 1 140 ? 6.681   -1.183  -16.825 1.00 7.61  ? 140 GLN A CA  1 
ATOM   1087 C C   . GLN A 1 140 ? 6.219   -2.600  -16.518 1.00 7.25  ? 140 GLN A C   1 
ATOM   1088 O O   . GLN A 1 140 ? 6.250   -3.445  -17.448 1.00 7.84  ? 140 GLN A O   1 
ATOM   1089 C CB  . GLN A 1 140 ? 8.166   -0.998  -16.464 1.00 9.58  ? 140 GLN A CB  1 
ATOM   1090 C CG  . GLN A 1 140 ? 8.781   0.250   -17.070 1.00 13.45 ? 140 GLN A CG  1 
ATOM   1091 C CD  . GLN A 1 140 ? 10.195  0.477   -16.572 1.00 14.62 ? 140 GLN A CD  1 
ATOM   1092 O OE1 . GLN A 1 140 ? 10.795  -0.392  -15.908 1.00 18.68 ? 140 GLN A OE1 1 
ATOM   1093 N NE2 . GLN A 1 140 ? 10.768  1.579   -17.005 1.00 16.67 ? 140 GLN A NE2 1 
ATOM   1094 N N   . LEU A 1 141 ? 5.839   -2.884  -15.246 1.00 7.10  ? 141 LEU A N   1 
ATOM   1095 C CA  . LEU A 1 141 ? 5.376   -4.233  -14.957 1.00 7.45  ? 141 LEU A CA  1 
ATOM   1096 C C   . LEU A 1 141 ? 4.085   -4.509  -15.708 1.00 7.10  ? 141 LEU A C   1 
ATOM   1097 O O   . LEU A 1 141 ? 3.958   -5.578  -16.266 1.00 7.30  ? 141 LEU A O   1 
ATOM   1098 C CB  . LEU A 1 141 ? 5.066   -4.442  -13.466 1.00 8.90  ? 141 LEU A CB  1 
ATOM   1099 C CG  . LEU A 1 141 ? 6.296   -4.530  -12.572 1.00 13.48 ? 141 LEU A CG  1 
ATOM   1100 C CD1 . LEU A 1 141 ? 5.922   -5.207  -11.244 1.00 14.00 ? 141 LEU A CD1 1 
ATOM   1101 C CD2 . LEU A 1 141 ? 7.418   -5.287  -13.246 1.00 15.86 ? 141 LEU A CD2 1 
ATOM   1102 N N   . LEU A 1 142 ? 3.165   -3.549  -15.754 1.00 6.50  ? 142 LEU A N   1 
ATOM   1103 C CA  . LEU A 1 142 ? 1.889   -3.805  -16.435 1.00 6.64  ? 142 LEU A CA  1 
ATOM   1104 C C   . LEU A 1 142 ? 2.163   -4.044  -17.934 1.00 7.26  ? 142 LEU A C   1 
ATOM   1105 O O   . LEU A 1 142 ? 1.535   -4.906  -18.513 1.00 8.04  ? 142 LEU A O   1 
ATOM   1106 C CB  . LEU A 1 142 ? 0.911   -2.628  -16.213 1.00 7.01  ? 142 LEU A CB  1 
ATOM   1107 C CG  . LEU A 1 142 ? 0.443   -2.474  -14.777 1.00 6.91  ? 142 LEU A CG  1 
ATOM   1108 C CD1 . LEU A 1 142 ? -0.215  -1.093  -14.632 1.00 7.04  ? 142 LEU A CD1 1 
ATOM   1109 C CD2 . LEU A 1 142 ? -0.518  -3.590  -14.389 1.00 7.53  ? 142 LEU A CD2 1 
ATOM   1110 N N   . SER A 1 143 ? 3.071   -3.282  -18.561 1.00 7.10  ? 143 SER A N   1 
ATOM   1111 C CA  . SER A 1 143 ? 3.402   -3.441  -19.978 1.00 7.89  ? 143 SER A CA  1 
ATOM   1112 C C   . SER A 1 143 ? 4.054   -4.795  -20.213 1.00 8.20  ? 143 SER A C   1 
ATOM   1113 O O   . SER A 1 143 ? 3.764   -5.495  -21.199 1.00 8.84  ? 143 SER A O   1 
ATOM   1114 C CB  . SER A 1 143 ? 4.312   -2.281  -20.403 1.00 9.00  ? 143 SER A CB  1 
ATOM   1115 O OG  . SER A 1 143 ? 4.716   -2.402  -21.787 1.00 10.55 ? 143 SER A OG  1 
ATOM   1116 N N   . GLY A 1 144 ? 4.921   -5.172  -19.264 1.00 6.63  ? 144 GLY A N   1 
ATOM   1117 C CA  . GLY A 1 144 ? 5.599   -6.460  -19.399 1.00 7.24  ? 144 GLY A CA  1 
ATOM   1118 C C   . GLY A 1 144 ? 4.679   -7.655  -19.235 1.00 7.85  ? 144 GLY A C   1 
ATOM   1119 O O   . GLY A 1 144 ? 4.935   -8.666  -19.870 1.00 8.44  ? 144 GLY A O   1 
ATOM   1120 N N   . TYR A 1 145 ? 3.698   -7.574  -18.347 1.00 8.21  ? 145 TYR A N   1 
ATOM   1121 C CA  . TYR A 1 145 ? 2.684   -8.630  -18.238 1.00 9.31  ? 145 TYR A CA  1 
ATOM   1122 C C   . TYR A 1 145 ? 1.814   -8.650  -19.497 1.00 10.40 ? 145 TYR A C   1 
ATOM   1123 O O   . TYR A 1 145 ? 1.456   -9.732  -19.960 1.00 11.98 ? 145 TYR A O   1 
ATOM   1124 C CB  . TYR A 1 145 ? 1.789   -8.438  -16.994 1.00 10.54 ? 145 TYR A CB  1 
ATOM   1125 C CG  . TYR A 1 145 ? 2.432   -8.678  -15.660 1.00 12.39 ? 145 TYR A CG  1 
ATOM   1126 C CD1 . TYR A 1 145 ? 3.184   -9.817  -15.375 1.00 11.64 ? 145 TYR A CD1 1 
ATOM   1127 C CD2 . TYR A 1 145 ? 2.315   -7.697  -14.679 1.00 14.16 ? 145 TYR A CD2 1 
ATOM   1128 C CE1 . TYR A 1 145 ? 3.726   -10.014 -14.109 1.00 16.62 ? 145 TYR A CE1 1 
ATOM   1129 C CE2 . TYR A 1 145 ? 2.880   -7.858  -13.429 1.00 15.84 ? 145 TYR A CE2 1 
ATOM   1130 C CZ  . TYR A 1 145 ? 3.615   -8.996  -13.163 1.00 17.24 ? 145 TYR A CZ  1 
ATOM   1131 O OH  . TYR A 1 145 ? 4.136   -9.132  -11.908 1.00 21.79 ? 145 TYR A OH  1 
ATOM   1132 N N   . LYS A 1 146 ? 1.522   -7.480  -20.116 1.00 10.38 ? 146 LYS A N   1 
ATOM   1133 C CA  . LYS A 1 146 ? 0.679   -7.441  -21.303 1.00 12.62 ? 146 LYS A CA  1 
ATOM   1134 C C   . LYS A 1 146 ? 1.423   -8.085  -22.469 1.00 12.42 ? 146 LYS A C   1 
ATOM   1135 O O   . LYS A 1 146 ? 0.790   -8.758  -23.301 1.00 13.87 ? 146 LYS A O   1 
ATOM   1136 C CB  . LYS A 1 146 ? 0.268   -5.998  -21.617 1.00 14.43 ? 146 LYS A CB  1 
ATOM   1137 C CG  . LYS A 1 146 ? -0.686  -5.857  -22.796 1.00 19.12 ? 146 LYS A CG  1 
ATOM   1138 C CD  . LYS A 1 146 ? -1.190  -4.444  -22.969 1.00 23.14 ? 146 LYS A CD  1 
ATOM   1139 C CE  . LYS A 1 146 ? -0.278  -3.378  -22.387 1.00 27.30 ? 146 LYS A CE  1 
ATOM   1140 N NZ  . LYS A 1 146 ? 0.915   -3.035  -23.211 1.00 27.62 ? 146 LYS A NZ  1 
ATOM   1141 N N   . LEU A 1 147 ? 2.764   -7.921  -22.493 1.00 11.15 ? 147 LEU A N   1 
ATOM   1142 C CA  . LEU A 1 147 ? 3.516   -8.515  -23.594 1.00 11.34 ? 147 LEU A CA  1 
ATOM   1143 C C   . LEU A 1 147 ? 3.526   -10.028 -23.419 1.00 11.22 ? 147 LEU A C   1 
ATOM   1144 O O   . LEU A 1 147 ? 3.388   -10.761 -24.411 1.00 12.95 ? 147 LEU A O   1 
ATOM   1145 C CB  . LEU A 1 147 ? 4.932   -7.927  -23.604 1.00 10.79 ? 147 LEU A CB  1 
ATOM   1146 C CG  . LEU A 1 147 ? 5.827   -8.426  -24.744 1.00 11.42 ? 147 LEU A CG  1 
ATOM   1147 C CD1 . LEU A 1 147 ? 5.164   -8.168  -26.090 1.00 13.27 ? 147 LEU A CD1 1 
ATOM   1148 C CD2 . LEU A 1 147 ? 7.203   -7.799  -24.721 1.00 12.85 ? 147 LEU A CD2 1 
ATOM   1149 N N   . ALA A 1 148 ? 3.645   -10.510 -22.180 1.00 11.84 ? 148 ALA A N   1 
ATOM   1150 C CA  . ALA A 1 148 ? 3.621   -11.958 -21.946 1.00 12.73 ? 148 ALA A CA  1 
ATOM   1151 C C   . ALA A 1 148 ? 2.243   -12.529 -22.304 1.00 14.66 ? 148 ALA A C   1 
ATOM   1152 O O   . ALA A 1 148 ? 2.156   -13.652 -22.822 1.00 15.61 ? 148 ALA A O   1 
ATOM   1153 C CB  . ALA A 1 148 ? 3.998   -12.280 -20.529 1.00 14.60 ? 148 ALA A CB  1 
ATOM   1154 N N   . ALA A 1 149 ? 1.178   -11.754 -22.054 1.00 15.06 ? 149 ALA A N   1 
ATOM   1155 C CA  . ALA A 1 149 ? -0.168  -12.182 -22.441 1.00 17.87 ? 149 ALA A CA  1 
ATOM   1156 C C   . ALA A 1 149 ? -0.305  -12.282 -23.967 1.00 19.55 ? 149 ALA A C   1 
ATOM   1157 O O   . ALA A 1 149 ? -1.088  -13.104 -24.472 1.00 18.81 ? 149 ALA A O   1 
ATOM   1158 C CB  . ALA A 1 149 ? -1.234  -11.282 -21.831 1.00 19.14 ? 149 ALA A CB  1 
ATOM   1159 N N   . ALA A 1 150 ? 0.416   -11.420 -24.709 1.00 18.66 ? 150 ALA A N   1 
ATOM   1160 C CA  . ALA A 1 150 ? 0.358   -11.368 -26.170 1.00 17.72 ? 150 ALA A CA  1 
ATOM   1161 C C   . ALA A 1 150 ? 1.002   -12.628 -26.725 1.00 23.39 ? 150 ALA A C   1 
ATOM   1162 O O   . ALA A 1 150 ? 0.663   -13.074 -27.840 1.00 25.38 ? 150 ALA A O   1 
ATOM   1163 C CB  . ALA A 1 150 ? 1.027   -10.105 -26.720 1.00 16.66 ? 150 ALA A CB  1 
ATOM   1164 N N   . LEU A 1 151 ? 1.940   -13.170 -25.936 1.00 22.50 ? 151 LEU A N   1 
ATOM   1165 C CA  . LEU A 1 151 ? 2.724   -14.328 -26.345 1.00 24.93 ? 151 LEU A CA  1 
ATOM   1166 C C   . LEU A 1 151 ? 1.860   -15.571 -26.195 1.00 29.33 ? 151 LEU A C   1 
ATOM   1167 O O   . LEU A 1 151 ? 1.966   -16.490 -26.999 1.00 28.41 ? 151 LEU A O   1 
ATOM   1168 C CB  . LEU A 1 151 ? 4.019   -14.425 -25.527 1.00 22.93 ? 151 LEU A CB  1 
ATOM   1169 C CG  . LEU A 1 151 ? 4.951   -15.582 -25.893 1.00 20.08 ? 151 LEU A CG  1 
ATOM   1170 C CD1 . LEU A 1 151 ? 5.524   -15.455 -27.297 1.00 18.23 ? 151 LEU A CD1 1 
ATOM   1171 C CD2 . LEU A 1 151 ? 6.078   -15.751 -24.897 1.00 19.67 ? 151 LEU A CD2 1 
ATOM   1172 N N   . GLU A 1 152 ? 0.992   -15.555 -25.177 1.00 32.99 ? 152 GLU A N   1 
ATOM   1173 C CA  . GLU A 1 152 ? 0.087   -16.657 -24.885 1.00 34.89 ? 152 GLU A CA  1 
ATOM   1174 C C   . GLU A 1 152 ? -1.107  -16.573 -25.837 1.00 34.64 ? 152 GLU A C   1 
ATOM   1175 O O   . GLU A 1 152 ? -1.509  -17.656 -26.299 1.00 38.79 ? 152 GLU A O   1 
ATOM   1176 C CB  . GLU A 1 152 ? -0.374  -16.617 -23.421 1.00 39.21 ? 152 GLU A CB  1 
ATOM   1177 C CG  . GLU A 1 152 ? -1.039  -17.899 -22.925 1.00 41.00 ? 152 GLU A CG  1 
ATOM   1178 C CD  . GLU A 1 152 ? -1.784  -17.802 -21.594 1.00 46.52 ? 152 GLU A CD  1 
ATOM   1179 O OE1 . GLU A 1 152 ? -2.662  -16.915 -21.457 1.00 49.64 ? 152 GLU A OE1 1 
ATOM   1180 O OE2 . GLU A 1 152 ? -1.500  -18.622 -20.686 1.00 46.42 ? 152 GLU A OE2 1 
HETATM 1181 P P   . PO4 B 2 .   ? -1.194  14.362  4.284   1.00 51.07 ? 501 PO4 A P   1 
HETATM 1182 O O1  . PO4 B 2 .   ? -1.070  13.510  3.027   1.00 66.08 ? 501 PO4 A O1  1 
HETATM 1183 O O2  . PO4 B 2 .   ? -1.445  13.462  5.500   1.00 48.05 ? 501 PO4 A O2  1 
HETATM 1184 O O3  . PO4 B 2 .   ? -2.384  15.329  4.141   1.00 50.35 ? 501 PO4 A O3  1 
HETATM 1185 O O4  . PO4 B 2 .   ? 0.107   15.149  4.454   1.00 56.09 ? 501 PO4 A O4  1 
HETATM 1186 N N1  . EPE C 3 .   ? 0.032   8.785   14.647  1.00 28.87 ? 502 EPE A N1  1 
HETATM 1187 C C2  . EPE C 3 .   ? -0.786  7.766   15.329  1.00 28.12 ? 502 EPE A C2  1 
HETATM 1188 C C3  . EPE C 3 .   ? -0.133  7.249   16.535  1.00 28.00 ? 502 EPE A C3  1 
HETATM 1189 N N4  . EPE C 3 .   ? 0.555   8.325   17.283  1.00 33.02 ? 502 EPE A N4  1 
HETATM 1190 C C5  . EPE C 3 .   ? 1.513   9.149   16.491  1.00 31.02 ? 502 EPE A C5  1 
HETATM 1191 C C6  . EPE C 3 .   ? 1.438   8.924   15.027  1.00 33.25 ? 502 EPE A C6  1 
HETATM 1192 C C7  . EPE C 3 .   ? 1.141   7.920   18.572  1.00 34.65 ? 502 EPE A C7  1 
HETATM 1193 C C8  . EPE C 3 .   ? 2.413   7.035   18.422  1.00 40.34 ? 502 EPE A C8  1 
HETATM 1194 O O8  . EPE C 3 .   ? 3.600   7.838   18.176  1.00 44.22 ? 502 EPE A O8  1 
HETATM 1195 C C9  . EPE C 3 .   ? -0.248  9.146   13.239  1.00 24.34 ? 502 EPE A C9  1 
HETATM 1196 C C10 . EPE C 3 .   ? -0.830  7.970   12.390  1.00 19.87 ? 502 EPE A C10 1 
HETATM 1197 S S   . EPE C 3 .   ? -1.333  8.841   10.853  1.00 20.69 ? 502 EPE A S   1 
HETATM 1198 O O1S . EPE C 3 .   ? -1.800  7.786   9.837   1.00 11.98 ? 502 EPE A O1S 1 
HETATM 1199 O O2S . EPE C 3 .   ? -0.100  9.497   10.156  1.00 19.51 ? 502 EPE A O2S 1 
HETATM 1200 O O3S . EPE C 3 .   ? -2.418  9.826   11.281  1.00 21.02 ? 502 EPE A O3S 1 
HETATM 1201 O O   . HOH D 4 .   ? 14.315  -10.456 1.493   1.00 25.96 ? 601 HOH A O   1 
HETATM 1202 O O   . HOH D 4 .   ? -13.432 3.606   -5.795  1.00 21.55 ? 602 HOH A O   1 
HETATM 1203 O O   . HOH D 4 .   ? -11.055 -5.623  9.074   1.00 37.99 ? 603 HOH A O   1 
HETATM 1204 O O   . HOH D 4 .   ? 10.885  -2.810  -15.701 1.00 30.31 ? 604 HOH A O   1 
HETATM 1205 O O   . HOH D 4 .   ? 0.849   -18.998 -20.193 1.00 34.19 ? 605 HOH A O   1 
HETATM 1206 O O   . HOH D 4 .   ? 3.825   14.160  -1.827  1.00 32.70 ? 606 HOH A O   1 
HETATM 1207 O O   . HOH D 4 .   ? -0.444  -2.003  -25.003 1.00 34.76 ? 607 HOH A O   1 
HETATM 1208 O O   . HOH D 4 .   ? -1.981  -13.243 -0.382  1.00 48.68 ? 608 HOH A O   1 
HETATM 1209 O O   . HOH D 4 .   ? 6.662   -11.633 -5.545  1.00 44.50 ? 609 HOH A O   1 
HETATM 1210 O O   . HOH D 4 .   ? 11.877  9.804   -12.123 1.00 20.02 ? 610 HOH A O   1 
HETATM 1211 O O   . HOH D 4 .   ? -3.816  11.670  10.282  1.00 14.78 ? 611 HOH A O   1 
HETATM 1212 O O   . HOH D 4 .   ? -12.209 0.002   10.967  1.00 23.77 ? 612 HOH A O   1 
HETATM 1213 O O   . HOH D 4 .   ? 0.913   10.128  -13.141 1.00 45.10 ? 613 HOH A O   1 
HETATM 1214 O O   . HOH D 4 .   ? 9.134   12.037  -5.421  1.00 23.04 ? 614 HOH A O   1 
HETATM 1215 O O   . HOH D 4 .   ? -1.500  9.832   17.543  1.00 42.50 ? 615 HOH A O   1 
HETATM 1216 O O   . HOH D 4 .   ? -0.395  8.596   -11.495 1.00 25.00 ? 616 HOH A O   1 
HETATM 1217 O O   . HOH D 4 .   ? -12.122 5.415   -15.904 1.00 18.73 ? 617 HOH A O   1 
HETATM 1218 O O   . HOH D 4 .   ? -17.173 2.142   11.589  1.00 25.18 ? 618 HOH A O   1 
HETATM 1219 O O   . HOH D 4 .   ? -8.524  -10.928 -6.350  1.00 43.12 ? 619 HOH A O   1 
HETATM 1220 O O   . HOH D 4 .   ? -2.043  -9.504  18.681  1.00 24.38 ? 620 HOH A O   1 
HETATM 1221 O O   . HOH D 4 .   ? 13.450  -8.246  8.633   1.00 23.66 ? 621 HOH A O   1 
HETATM 1222 O O   . HOH D 4 .   ? 2.102   6.912   13.641  1.00 20.33 ? 622 HOH A O   1 
HETATM 1223 O O   . HOH D 4 .   ? 1.546   7.477   9.521   1.00 11.69 ? 623 HOH A O   1 
HETATM 1224 O O   . HOH D 4 .   ? -0.032  -6.627  12.847  1.00 20.54 ? 624 HOH A O   1 
HETATM 1225 O O   . HOH D 4 .   ? -0.232  -7.561  23.625  1.00 48.36 ? 625 HOH A O   1 
HETATM 1226 O O   . HOH D 4 .   ? 5.111   -2.884  15.876  1.00 18.24 ? 626 HOH A O   1 
HETATM 1227 O O   . HOH D 4 .   ? -14.761 -8.063  17.541  1.00 16.37 ? 627 HOH A O   1 
HETATM 1228 O O   . HOH D 4 .   ? -8.172  -6.938  19.908  1.00 26.14 ? 628 HOH A O   1 
HETATM 1229 O O   . HOH D 4 .   ? -0.641  -6.184  -2.047  1.00 19.18 ? 629 HOH A O   1 
HETATM 1230 O O   . HOH D 4 .   ? -9.358  6.204   -12.961 1.00 14.78 ? 630 HOH A O   1 
HETATM 1231 O O   . HOH D 4 .   ? 8.722   5.752   16.913  1.00 32.43 ? 631 HOH A O   1 
HETATM 1232 O O   . HOH D 4 .   ? 16.368  -2.790  -0.016  1.00 11.19 ? 632 HOH A O   1 
HETATM 1233 O O   . HOH D 4 .   ? 13.961  8.737   -8.642  1.00 27.34 ? 633 HOH A O   1 
HETATM 1234 O O   . HOH D 4 .   ? -2.248  -5.310  -8.197  1.00 12.43 ? 634 HOH A O   1 
HETATM 1235 O O   . HOH D 4 .   ? -7.133  -10.437 22.835  1.00 42.79 ? 635 HOH A O   1 
HETATM 1236 O O   . HOH D 4 .   ? 12.307  2.166   10.631  1.00 13.67 ? 636 HOH A O   1 
HETATM 1237 O O   . HOH D 4 .   ? -6.516  -4.901  19.373  1.00 20.17 ? 637 HOH A O   1 
HETATM 1238 O O   . HOH D 4 .   ? -4.135  7.557   18.463  1.00 25.64 ? 638 HOH A O   1 
HETATM 1239 O O   . HOH D 4 .   ? 9.226   -6.510  13.370  1.00 31.02 ? 639 HOH A O   1 
HETATM 1240 O O   . HOH D 4 .   ? 8.102   -3.678  -19.464 1.00 10.99 ? 640 HOH A O   1 
HETATM 1241 O O   . HOH D 4 .   ? 7.459   -2.546  -21.678 1.00 20.65 ? 641 HOH A O   1 
HETATM 1242 O O   . HOH D 4 .   ? -3.767  -2.293  -15.877 1.00 26.13 ? 642 HOH A O   1 
HETATM 1243 O O   . HOH D 4 .   ? 11.029  2.770   18.085  1.00 26.76 ? 643 HOH A O   1 
HETATM 1244 O O   . HOH D 4 .   ? -7.367  1.758   -19.265 1.00 19.03 ? 644 HOH A O   1 
HETATM 1245 O O   . HOH D 4 .   ? 9.558   -10.682 -7.077  1.00 20.55 ? 645 HOH A O   1 
HETATM 1246 O O   . HOH D 4 .   ? 15.712  5.389   -5.350  1.00 28.49 ? 646 HOH A O   1 
HETATM 1247 O O   . HOH D 4 .   ? -12.209 -8.244  -1.416  1.00 21.56 ? 647 HOH A O   1 
HETATM 1248 O O   . HOH D 4 .   ? 1.969   3.788   17.043  1.00 19.09 ? 648 HOH A O   1 
HETATM 1249 O O   . HOH D 4 .   ? -0.945  -5.844  -17.740 1.00 17.53 ? 649 HOH A O   1 
HETATM 1250 O O   . HOH D 4 .   ? -11.710 -10.877 -1.692  1.00 32.00 ? 650 HOH A O   1 
HETATM 1251 O O   . HOH D 4 .   ? 2.341   7.464   3.988   1.00 9.70  ? 651 HOH A O   1 
HETATM 1252 O O   . HOH D 4 .   ? -9.191  11.500  -5.207  1.00 20.67 ? 652 HOH A O   1 
HETATM 1253 O O   . HOH D 4 .   ? -3.323  -4.683  -11.896 1.00 21.25 ? 653 HOH A O   1 
HETATM 1254 O O   . HOH D 4 .   ? -10.637 -4.747  16.074  1.00 26.99 ? 654 HOH A O   1 
HETATM 1255 O O   . HOH D 4 .   ? 10.931  10.379  9.636   1.00 25.72 ? 655 HOH A O   1 
HETATM 1256 O O   . HOH D 4 .   ? 18.335  -4.724  -2.687  1.00 26.21 ? 656 HOH A O   1 
HETATM 1257 O O   . HOH D 4 .   ? 6.788   11.109  -1.540  1.00 12.63 ? 657 HOH A O   1 
HETATM 1258 O O   . HOH D 4 .   ? -1.901  -8.839  -24.063 1.00 33.36 ? 658 HOH A O   1 
HETATM 1259 O O   . HOH D 4 .   ? 3.362   -16.018 -21.934 1.00 22.27 ? 659 HOH A O   1 
HETATM 1260 O O   . HOH D 4 .   ? 9.466   -0.710  18.530  1.00 28.39 ? 660 HOH A O   1 
HETATM 1261 O O   . HOH D 4 .   ? -10.762 -10.331 19.751  1.00 14.56 ? 661 HOH A O   1 
HETATM 1262 O O   . HOH D 4 .   ? 3.255   -4.635  -23.818 1.00 15.80 ? 662 HOH A O   1 
HETATM 1263 O O   . HOH D 4 .   ? -3.472  -8.387  8.343   1.00 30.80 ? 663 HOH A O   1 
HETATM 1264 O O   . HOH D 4 .   ? 14.303  -0.373  12.381  1.00 19.82 ? 664 HOH A O   1 
HETATM 1265 O O   . HOH D 4 .   ? -8.142  0.264   -17.098 1.00 18.38 ? 665 HOH A O   1 
HETATM 1266 O O   . HOH D 4 .   ? 15.691  0.926   -3.655  1.00 27.02 ? 666 HOH A O   1 
HETATM 1267 O O   . HOH D 4 .   ? -0.217  15.023  -3.894  1.00 22.17 ? 667 HOH A O   1 
HETATM 1268 O O   . HOH D 4 .   ? 13.357  -1.634  -12.721 1.00 34.61 ? 668 HOH A O   1 
HETATM 1269 O O   . HOH D 4 .   ? -8.393  -9.497  18.767  1.00 17.31 ? 669 HOH A O   1 
HETATM 1270 O O   . HOH D 4 .   ? 11.643  2.719   -12.095 1.00 16.14 ? 670 HOH A O   1 
HETATM 1271 O O   . HOH D 4 .   ? -11.762 -1.912  12.567  1.00 24.14 ? 671 HOH A O   1 
HETATM 1272 O O   . HOH D 4 .   ? -7.890  13.502  4.999   1.00 19.29 ? 672 HOH A O   1 
HETATM 1273 O O   . HOH D 4 .   ? 9.468   -8.690  8.859   1.00 24.11 ? 673 HOH A O   1 
HETATM 1274 O O   . HOH D 4 .   ? 0.411   14.541  -0.833  1.00 25.77 ? 674 HOH A O   1 
HETATM 1275 O O   . HOH D 4 .   ? -12.430 13.931  5.257   1.00 22.35 ? 675 HOH A O   1 
HETATM 1276 O O   . HOH D 4 .   ? 0.527   -5.972  -4.279  1.00 17.48 ? 676 HOH A O   1 
HETATM 1277 O O   . HOH D 4 .   ? -10.084 3.896   18.863  1.00 18.87 ? 677 HOH A O   1 
HETATM 1278 O O   . HOH D 4 .   ? 1.715   0.135   -18.756 1.00 12.73 ? 678 HOH A O   1 
HETATM 1279 O O   . HOH D 4 .   ? -8.138  8.446   -16.674 1.00 10.23 ? 679 HOH A O   1 
HETATM 1280 O O   . HOH D 4 .   ? 11.210  7.716   -13.733 1.00 27.60 ? 680 HOH A O   1 
HETATM 1281 O O   . HOH D 4 .   ? -11.797 -7.359  -8.636  1.00 20.85 ? 681 HOH A O   1 
HETATM 1282 O O   . HOH D 4 .   ? 6.127   -9.319  5.760   1.00 28.63 ? 682 HOH A O   1 
HETATM 1283 O O   . HOH D 4 .   ? -9.633  7.275   -10.511 1.00 16.00 ? 683 HOH A O   1 
HETATM 1284 O O   . HOH D 4 .   ? 10.622  -4.641  13.753  1.00 17.96 ? 684 HOH A O   1 
HETATM 1285 O O   . HOH D 4 .   ? 0.661   -10.026 10.204  1.00 26.02 ? 685 HOH A O   1 
HETATM 1286 O O   . HOH D 4 .   ? 16.207  2.187   9.040   1.00 23.39 ? 686 HOH A O   1 
HETATM 1287 O O   . HOH D 4 .   ? -6.027  2.971   23.311  1.00 32.11 ? 687 HOH A O   1 
HETATM 1288 O O   . HOH D 4 .   ? -14.215 -4.258  6.637   1.00 18.65 ? 688 HOH A O   1 
HETATM 1289 O O   . HOH D 4 .   ? -4.657  12.758  -11.105 1.00 33.06 ? 689 HOH A O   1 
HETATM 1290 O O   . HOH D 4 .   ? 6.019   9.987   9.918   1.00 23.85 ? 690 HOH A O   1 
HETATM 1291 O O   . HOH D 4 .   ? -9.800  -3.909  13.345  1.00 22.44 ? 691 HOH A O   1 
HETATM 1292 O O   . HOH D 4 .   ? 8.727   10.356  -3.362  1.00 13.00 ? 692 HOH A O   1 
HETATM 1293 O O   . HOH D 4 .   ? -7.811  7.049   16.775  1.00 18.97 ? 693 HOH A O   1 
HETATM 1294 O O   . HOH D 4 .   ? -9.866  -2.714  18.644  1.00 24.07 ? 694 HOH A O   1 
HETATM 1295 O O   . HOH D 4 .   ? -0.161  4.490   -17.838 1.00 16.71 ? 695 HOH A O   1 
HETATM 1296 O O   . HOH D 4 .   ? -7.496  -2.296  18.856  1.00 27.01 ? 696 HOH A O   1 
HETATM 1297 O O   . HOH D 4 .   ? 10.141  -9.543  -0.555  1.00 17.05 ? 697 HOH A O   1 
HETATM 1298 O O   . HOH D 4 .   ? -12.500 -2.434  -10.367 1.00 31.03 ? 698 HOH A O   1 
HETATM 1299 O O   . HOH D 4 .   ? -11.706 -9.047  12.657  1.00 24.64 ? 699 HOH A O   1 
HETATM 1300 O O   . HOH D 4 .   ? -4.451  -8.175  19.511  1.00 27.99 ? 700 HOH A O   1 
HETATM 1301 O O   . HOH D 4 .   ? 8.837   -8.873  -8.814  1.00 19.85 ? 701 HOH A O   1 
HETATM 1302 O O   . HOH D 4 .   ? -8.563  -9.213  3.662   1.00 21.64 ? 702 HOH A O   1 
HETATM 1303 O O   . HOH D 4 .   ? 13.061  2.459   5.894   1.00 10.88 ? 703 HOH A O   1 
HETATM 1304 O O   . HOH D 4 .   ? 10.400  -3.876  16.197  1.00 36.47 ? 704 HOH A O   1 
HETATM 1305 O O   . HOH D 4 .   ? 1.800   -8.589  -10.083 1.00 26.96 ? 705 HOH A O   1 
HETATM 1306 O O   . HOH D 4 .   ? 4.642   -6.799  22.791  1.00 42.35 ? 706 HOH A O   1 
HETATM 1307 O O   . HOH D 4 .   ? 8.569   -12.573 -9.032  1.00 30.70 ? 707 HOH A O   1 
HETATM 1308 O O   . HOH D 4 .   ? -5.219  -5.349  -7.509  1.00 4.83  ? 708 HOH A O   1 
HETATM 1309 O O   . HOH D 4 .   ? 2.089   1.695   19.931  1.00 26.66 ? 709 HOH A O   1 
HETATM 1310 O O   . HOH D 4 .   ? 10.198  -10.575 1.979   1.00 23.15 ? 710 HOH A O   1 
HETATM 1311 O O   . HOH D 4 .   ? 5.572   -5.607  16.322  1.00 27.21 ? 711 HOH A O   1 
HETATM 1312 O O   . HOH D 4 .   ? -2.751  2.849   19.806  1.00 17.06 ? 712 HOH A O   1 
HETATM 1313 O O   . HOH D 4 .   ? -8.537  -8.580  -7.524  1.00 21.79 ? 713 HOH A O   1 
HETATM 1314 O O   . HOH D 4 .   ? 15.238  -7.115  -7.883  1.00 28.74 ? 714 HOH A O   1 
HETATM 1315 O O   . HOH D 4 .   ? 2.964   -10.351 6.101   1.00 24.80 ? 715 HOH A O   1 
HETATM 1316 O O   . HOH D 4 .   ? -8.283  -6.306  26.321  1.00 42.11 ? 716 HOH A O   1 
HETATM 1317 O O   . HOH D 4 .   ? 5.560   -0.116  21.854  1.00 26.70 ? 717 HOH A O   1 
HETATM 1318 O O   . HOH D 4 .   ? -8.227  7.528   14.052  1.00 21.29 ? 718 HOH A O   1 
HETATM 1319 O O   . HOH D 4 .   ? -5.964  -10.081 20.171  1.00 30.71 ? 719 HOH A O   1 
HETATM 1320 O O   . HOH D 4 .   ? -14.547 -7.155  -2.820  1.00 40.12 ? 720 HOH A O   1 
HETATM 1321 O O   . HOH D 4 .   ? 13.745  -2.951  11.945  1.00 24.25 ? 721 HOH A O   1 
HETATM 1322 O O   . HOH D 4 .   ? 12.791  8.746   7.314   1.00 28.99 ? 722 HOH A O   1 
HETATM 1323 O O   . HOH D 4 .   ? 0.282   -1.678  -20.290 1.00 22.20 ? 723 HOH A O   1 
HETATM 1324 O O   . HOH D 4 .   ? 17.451  -0.160  10.765  1.00 33.60 ? 724 HOH A O   1 
HETATM 1325 O O   . HOH D 4 .   ? -12.354 -6.318  14.427  1.00 28.01 ? 725 HOH A O   1 
HETATM 1326 O O   . HOH D 4 .   ? 14.585  -7.458  11.071  1.00 21.09 ? 726 HOH A O   1 
HETATM 1327 O O   . HOH D 4 .   ? 6.409   8.847   -13.350 1.00 30.00 ? 727 HOH A O   1 
HETATM 1328 O O   . HOH D 4 .   ? -1.630  -8.361  -19.110 1.00 24.97 ? 728 HOH A O   1 
HETATM 1329 O O   . HOH D 4 .   ? -2.289  -17.257 -0.860  1.00 46.04 ? 729 HOH A O   1 
HETATM 1330 O O   . HOH D 4 .   ? -9.062  11.489  -8.280  1.00 27.65 ? 730 HOH A O   1 
HETATM 1331 O O   . HOH D 4 .   ? 0.110   3.810   19.255  1.00 28.98 ? 731 HOH A O   1 
HETATM 1332 O O   . HOH D 4 .   ? -0.235  1.701   -17.477 1.00 21.34 ? 732 HOH A O   1 
HETATM 1333 O O   . HOH D 4 .   ? -2.025  1.650   28.528  1.00 31.18 ? 733 HOH A O   1 
HETATM 1334 O O   . HOH D 4 .   ? -0.880  -15.678 -29.985 1.00 33.74 ? 734 HOH A O   1 
HETATM 1335 O O   . HOH D 4 .   ? -12.298 -7.512  1.251   1.00 19.86 ? 735 HOH A O   1 
HETATM 1336 O O   . HOH D 4 .   ? -16.859 -4.496  15.157  1.00 31.55 ? 736 HOH A O   1 
HETATM 1337 O O   . HOH D 4 .   ? 2.161   -5.977  -25.770 1.00 27.77 ? 737 HOH A O   1 
HETATM 1338 O O   . HOH D 4 .   ? 7.361   13.373  -7.183  1.00 22.76 ? 738 HOH A O   1 
HETATM 1339 O O   . HOH D 4 .   ? 12.031  6.539   8.601   1.00 22.56 ? 739 HOH A O   1 
HETATM 1340 O O   . HOH D 4 .   ? -4.870  -10.731 9.126   1.00 25.45 ? 740 HOH A O   1 
HETATM 1341 O O   . HOH D 4 .   ? -2.798  -14.239 -29.381 1.00 59.83 ? 741 HOH A O   1 
HETATM 1342 O O   . HOH D 4 .   ? 5.332   15.648  2.552   1.00 33.32 ? 742 HOH A O   1 
HETATM 1343 O O   . HOH D 4 .   ? 13.149  -4.967  14.218  1.00 24.46 ? 743 HOH A O   1 
HETATM 1344 O O   . HOH D 4 .   ? -14.797 -6.777  15.054  1.00 20.33 ? 744 HOH A O   1 
HETATM 1345 O O   . HOH D 4 .   ? 12.647  3.823   8.209   1.00 13.93 ? 745 HOH A O   1 
HETATM 1346 O O   . HOH D 4 .   ? 8.169   -0.495  -23.078 1.00 26.04 ? 746 HOH A O   1 
HETATM 1347 O O   . HOH D 4 .   ? 13.336  -5.418  -13.281 1.00 33.45 ? 747 HOH A O   1 
HETATM 1348 O O   . HOH D 4 .   ? -3.175  -1.571  -23.826 1.00 21.03 ? 748 HOH A O   1 
HETATM 1349 O O   . HOH D 4 .   ? 10.353  7.792   10.307  1.00 22.21 ? 749 HOH A O   1 
HETATM 1350 O O   . HOH D 4 .   ? -5.515  -5.341  -10.614 1.00 25.39 ? 750 HOH A O   1 
HETATM 1351 O O   . HOH D 4 .   ? 13.066  -6.406  16.926  1.00 39.49 ? 751 HOH A O   1 
HETATM 1352 O O   . HOH D 4 .   ? -17.595 9.756   -1.641  1.00 54.70 ? 752 HOH A O   1 
HETATM 1353 O O   . HOH D 4 .   ? -11.711 11.307  -4.015  1.00 33.33 ? 753 HOH A O   1 
HETATM 1354 O O   . HOH D 4 .   ? -7.236  -11.467 2.736   1.00 32.51 ? 754 HOH A O   1 
HETATM 1355 O O   . HOH D 4 .   ? -14.267 9.451   -4.167  1.00 36.95 ? 755 HOH A O   1 
HETATM 1356 O O   . HOH D 4 .   ? -5.279  -12.102 1.659   1.00 30.06 ? 756 HOH A O   1 
# 
loop_
_pdbx_poly_seq_scheme.asym_id 
_pdbx_poly_seq_scheme.entity_id 
_pdbx_poly_seq_scheme.seq_id 
_pdbx_poly_seq_scheme.mon_id 
_pdbx_poly_seq_scheme.ndb_seq_num 
_pdbx_poly_seq_scheme.pdb_seq_num 
_pdbx_poly_seq_scheme.auth_seq_num 
_pdbx_poly_seq_scheme.pdb_mon_id 
_pdbx_poly_seq_scheme.auth_mon_id 
_pdbx_poly_seq_scheme.pdb_strand_id 
_pdbx_poly_seq_scheme.pdb_ins_code 
_pdbx_poly_seq_scheme.hetero 
A 1 1   MET 1   1   1   MET MET A . n 
A 1 2   PHE 2   2   2   PHE PHE A . n 
A 1 3   GLU 3   3   3   GLU GLU A . n 
A 1 4   ARG 4   4   4   ARG ARG A . n 
A 1 5   PHE 5   5   5   PHE PHE A . n 
A 1 6   THR 6   6   6   THR THR A . n 
A 1 7   ASP 7   7   7   ASP ASP A . n 
A 1 8   ARG 8   8   8   ARG ARG A . n 
A 1 9   ALA 9   9   9   ALA ALA A . n 
A 1 10  ARG 10  10  10  ARG ARG A . n 
A 1 11  ARG 11  11  11  ARG ARG A . n 
A 1 12  VAL 12  12  12  VAL VAL A . n 
A 1 13  VAL 13  13  13  VAL VAL A . n 
A 1 14  VAL 14  14  14  VAL VAL A . n 
A 1 15  LEU 15  15  15  LEU LEU A . n 
A 1 16  ALA 16  16  16  ALA ALA A . n 
A 1 17  GLN 17  17  17  GLN GLN A . n 
A 1 18  GLU 18  18  18  GLU GLU A . n 
A 1 19  GLU 19  19  19  GLU GLU A . n 
A 1 20  ALA 20  20  20  ALA ALA A . n 
A 1 21  ARG 21  21  21  ARG ARG A . n 
A 1 22  MET 22  22  22  MET MET A . n 
A 1 23  LEU 23  23  23  LEU LEU A . n 
A 1 24  ASN 24  24  24  ASN ASN A . n 
A 1 25  HIS 25  25  25  HIS HIS A . n 
A 1 26  ASN 26  26  26  ASN ASN A . n 
A 1 27  TYR 27  27  27  TYR TYR A . n 
A 1 28  ILE 28  28  28  ILE ILE A . n 
A 1 29  GLY 29  29  29  GLY GLY A . n 
A 1 30  THR 30  30  30  THR THR A . n 
A 1 31  GLU 31  31  31  GLU GLU A . n 
A 1 32  HIS 32  32  32  HIS HIS A . n 
A 1 33  ILE 33  33  33  ILE ILE A . n 
A 1 34  LEU 34  34  34  LEU LEU A . n 
A 1 35  LEU 35  35  35  LEU LEU A . n 
A 1 36  GLY 36  36  36  GLY GLY A . n 
A 1 37  LEU 37  37  37  LEU LEU A . n 
A 1 38  ILE 38  38  38  ILE ILE A . n 
A 1 39  HIS 39  39  39  HIS HIS A . n 
A 1 40  GLU 40  40  40  GLU GLU A . n 
A 1 41  GLY 41  41  41  GLY GLY A . n 
A 1 42  GLU 42  42  42  GLU GLU A . n 
A 1 43  GLY 43  43  43  GLY GLY A . n 
A 1 44  VAL 44  44  44  VAL VAL A . n 
A 1 45  ALA 45  45  45  ALA ALA A . n 
A 1 46  ALA 46  46  46  ALA ALA A . n 
A 1 47  LYS 47  47  47  LYS LYS A . n 
A 1 48  SER 48  48  48  SER SER A . n 
A 1 49  LEU 49  49  49  LEU LEU A . n 
A 1 50  GLU 50  50  50  GLU GLU A . n 
A 1 51  SER 51  51  51  SER SER A . n 
A 1 52  LEU 52  52  52  LEU LEU A . n 
A 1 53  GLY 53  53  53  GLY GLY A . n 
A 1 54  ILE 54  54  54  ILE ILE A . n 
A 1 55  SER 55  55  55  SER SER A . n 
A 1 56  LEU 56  56  56  LEU LEU A . n 
A 1 57  GLU 57  57  57  GLU GLU A . n 
A 1 58  GLY 58  58  58  GLY GLY A . n 
A 1 59  VAL 59  59  59  VAL VAL A . n 
A 1 60  ARG 60  60  60  ARG ARG A . n 
A 1 61  SER 61  61  61  SER SER A . n 
A 1 62  GLN 62  62  62  GLN GLN A . n 
A 1 63  VAL 63  63  63  VAL VAL A . n 
A 1 64  GLU 64  64  64  GLU GLU A . n 
A 1 65  GLU 65  65  65  GLU GLU A . n 
A 1 66  ILE 66  66  66  ILE ILE A . n 
A 1 67  ILE 67  67  67  ILE ILE A . n 
A 1 68  GLY 68  68  68  GLY GLY A . n 
A 1 69  GLN 69  69  69  GLN GLN A . n 
A 1 70  GLY 70  70  70  GLY GLY A . n 
A 1 71  GLN 71  71  71  GLN GLN A . n 
A 1 72  GLN 72  72  72  GLN GLN A . n 
A 1 73  ALA 73  73  73  ALA ALA A . n 
A 1 74  PRO 74  74  74  PRO PRO A . n 
A 1 75  SER 75  75  75  SER SER A . n 
A 1 76  GLY 76  76  76  GLY GLY A . n 
A 1 77  HIS 77  77  77  HIS HIS A . n 
A 1 78  ILE 78  78  78  ILE ILE A . n 
A 1 79  PRO 79  79  79  PRO PRO A . n 
A 1 80  PHE 80  80  80  PHE PHE A . n 
A 1 81  THR 81  81  81  THR THR A . n 
A 1 82  PRO 82  82  82  PRO PRO A . n 
A 1 83  ARG 83  83  83  ARG ARG A . n 
A 1 84  ALA 84  84  84  ALA ALA A . n 
A 1 85  LYS 85  85  85  LYS LYS A . n 
A 1 86  LYS 86  86  86  LYS LYS A . n 
A 1 87  VAL 87  87  87  VAL VAL A . n 
A 1 88  LEU 88  88  88  LEU LEU A . n 
A 1 89  GLU 89  89  89  GLU GLU A . n 
A 1 90  LEU 90  90  90  LEU LEU A . n 
A 1 91  SER 91  91  91  SER SER A . n 
A 1 92  LEU 92  92  92  LEU LEU A . n 
A 1 93  ARG 93  93  93  ARG ARG A . n 
A 1 94  GLU 94  94  94  GLU GLU A . n 
A 1 95  ALA 95  95  95  ALA ALA A . n 
A 1 96  LEU 96  96  96  LEU LEU A . n 
A 1 97  GLN 97  97  97  GLN GLN A . n 
A 1 98  LEU 98  98  98  LEU LEU A . n 
A 1 99  GLY 99  99  99  GLY GLY A . n 
A 1 100 HIS 100 100 100 HIS HIS A . n 
A 1 101 ASN 101 101 101 ASN ASN A . n 
A 1 102 TYR 102 102 102 TYR TYR A . n 
A 1 103 ILE 103 103 103 ILE ILE A . n 
A 1 104 GLY 104 104 104 GLY GLY A . n 
A 1 105 THR 105 105 105 THR THR A . n 
A 1 106 GLU 106 106 106 GLU GLU A . n 
A 1 107 HIS 107 107 107 HIS HIS A . n 
A 1 108 ILE 108 108 108 ILE ILE A . n 
A 1 109 LEU 109 109 109 LEU LEU A . n 
A 1 110 LEU 110 110 110 LEU LEU A . n 
A 1 111 GLY 111 111 111 GLY GLY A . n 
A 1 112 LEU 112 112 112 LEU LEU A . n 
A 1 113 ILE 113 113 113 ILE ILE A . n 
A 1 114 ARG 114 114 114 ARG ARG A . n 
A 1 115 GLU 115 115 115 GLU GLU A . n 
A 1 116 GLY 116 116 116 GLY GLY A . n 
A 1 117 GLU 117 117 117 GLU GLU A . n 
A 1 118 GLY 118 118 118 GLY GLY A . n 
A 1 119 VAL 119 119 119 VAL VAL A . n 
A 1 120 ALA 120 120 120 ALA ALA A . n 
A 1 121 ALA 121 121 121 ALA ALA A . n 
A 1 122 GLN 122 122 122 GLN GLN A . n 
A 1 123 VAL 123 123 123 VAL VAL A . n 
A 1 124 LEU 124 124 124 LEU LEU A . n 
A 1 125 VAL 125 125 125 VAL VAL A . n 
A 1 126 LYS 126 126 126 LYS LYS A . n 
A 1 127 LEU 127 127 127 LEU LEU A . n 
A 1 128 GLY 128 128 128 GLY GLY A . n 
A 1 129 ALA 129 129 129 ALA ALA A . n 
A 1 130 GLU 130 130 130 GLU GLU A . n 
A 1 131 LEU 131 131 131 LEU LEU A . n 
A 1 132 THR 132 132 132 THR THR A . n 
A 1 133 ARG 133 133 133 ARG ARG A . n 
A 1 134 VAL 134 134 134 VAL VAL A . n 
A 1 135 ARG 135 135 135 ARG ARG A . n 
A 1 136 GLN 136 136 136 GLN GLN A . n 
A 1 137 GLN 137 137 137 GLN GLN A . n 
A 1 138 VAL 138 138 138 VAL VAL A . n 
A 1 139 ILE 139 139 139 ILE ILE A . n 
A 1 140 GLN 140 140 140 GLN GLN A . n 
A 1 141 LEU 141 141 141 LEU LEU A . n 
A 1 142 LEU 142 142 142 LEU LEU A . n 
A 1 143 SER 143 143 143 SER SER A . n 
A 1 144 GLY 144 144 144 GLY GLY A . n 
A 1 145 TYR 145 145 145 TYR TYR A . n 
A 1 146 LYS 146 146 146 LYS LYS A . n 
A 1 147 LEU 147 147 147 LEU LEU A . n 
A 1 148 ALA 148 148 148 ALA ALA A . n 
A 1 149 ALA 149 149 149 ALA ALA A . n 
A 1 150 ALA 150 150 150 ALA ALA A . n 
A 1 151 LEU 151 151 151 LEU LEU A . n 
A 1 152 GLU 152 152 152 GLU GLU A . n 
A 1 153 HIS 153 153 ?   ?   ?   A . n 
A 1 154 HIS 154 154 ?   ?   ?   A . n 
A 1 155 HIS 155 155 ?   ?   ?   A . n 
A 1 156 HIS 156 156 ?   ?   ?   A . n 
A 1 157 HIS 157 157 ?   ?   ?   A . n 
A 1 158 HIS 158 158 ?   ?   ?   A . n 
# 
loop_
_pdbx_nonpoly_scheme.asym_id 
_pdbx_nonpoly_scheme.entity_id 
_pdbx_nonpoly_scheme.mon_id 
_pdbx_nonpoly_scheme.ndb_seq_num 
_pdbx_nonpoly_scheme.pdb_seq_num 
_pdbx_nonpoly_scheme.auth_seq_num 
_pdbx_nonpoly_scheme.pdb_mon_id 
_pdbx_nonpoly_scheme.auth_mon_id 
_pdbx_nonpoly_scheme.pdb_strand_id 
_pdbx_nonpoly_scheme.pdb_ins_code 
B 2 PO4 1   501 501 PO4 PO4 A . 
C 3 EPE 1   502 601 EPE HEP A . 
D 4 HOH 1   601 130 HOH HOH A . 
D 4 HOH 2   602 143 HOH HOH A . 
D 4 HOH 3   603 158 HOH HOH A . 
D 4 HOH 4   604 147 HOH HOH A . 
D 4 HOH 5   605 165 HOH HOH A . 
D 4 HOH 6   606 121 HOH HOH A . 
D 4 HOH 7   607 168 HOH HOH A . 
D 4 HOH 8   608 162 HOH HOH A . 
D 4 HOH 9   609 171 HOH HOH A . 
D 4 HOH 10  610 79  HOH HOH A . 
D 4 HOH 11  611 142 HOH HOH A . 
D 4 HOH 12  612 87  HOH HOH A . 
D 4 HOH 13  613 64  HOH HOH A . 
D 4 HOH 14  614 68  HOH HOH A . 
D 4 HOH 15  615 175 HOH HOH A . 
D 4 HOH 16  616 119 HOH HOH A . 
D 4 HOH 17  617 38  HOH HOH A . 
D 4 HOH 18  618 56  HOH HOH A . 
D 4 HOH 19  619 107 HOH HOH A . 
D 4 HOH 20  620 76  HOH HOH A . 
D 4 HOH 21  621 90  HOH HOH A . 
D 4 HOH 22  622 40  HOH HOH A . 
D 4 HOH 23  623 25  HOH HOH A . 
D 4 HOH 24  624 72  HOH HOH A . 
D 4 HOH 25  625 116 HOH HOH A . 
D 4 HOH 26  626 46  HOH HOH A . 
D 4 HOH 27  627 18  HOH HOH A . 
D 4 HOH 28  628 95  HOH HOH A . 
D 4 HOH 29  629 1   HOH HOH A . 
D 4 HOH 30  630 14  HOH HOH A . 
D 4 HOH 31  631 110 HOH HOH A . 
D 4 HOH 32  632 22  HOH HOH A . 
D 4 HOH 33  633 71  HOH HOH A . 
D 4 HOH 34  634 24  HOH HOH A . 
D 4 HOH 35  635 127 HOH HOH A . 
D 4 HOH 36  636 34  HOH HOH A . 
D 4 HOH 37  637 101 HOH HOH A . 
D 4 HOH 38  638 10  HOH HOH A . 
D 4 HOH 39  639 118 HOH HOH A . 
D 4 HOH 40  640 6   HOH HOH A . 
D 4 HOH 41  641 54  HOH HOH A . 
D 4 HOH 42  642 21  HOH HOH A . 
D 4 HOH 43  643 58  HOH HOH A . 
D 4 HOH 44  644 20  HOH HOH A . 
D 4 HOH 45  645 135 HOH HOH A . 
D 4 HOH 46  646 152 HOH HOH A . 
D 4 HOH 47  647 50  HOH HOH A . 
D 4 HOH 48  648 42  HOH HOH A . 
D 4 HOH 49  649 27  HOH HOH A . 
D 4 HOH 50  650 52  HOH HOH A . 
D 4 HOH 51  651 3   HOH HOH A . 
D 4 HOH 52  652 43  HOH HOH A . 
D 4 HOH 53  653 70  HOH HOH A . 
D 4 HOH 54  654 37  HOH HOH A . 
D 4 HOH 55  655 77  HOH HOH A . 
D 4 HOH 56  656 29  HOH HOH A . 
D 4 HOH 57  657 44  HOH HOH A . 
D 4 HOH 58  658 153 HOH HOH A . 
D 4 HOH 59  659 57  HOH HOH A . 
D 4 HOH 60  660 82  HOH HOH A . 
D 4 HOH 61  661 19  HOH HOH A . 
D 4 HOH 62  662 13  HOH HOH A . 
D 4 HOH 63  663 146 HOH HOH A . 
D 4 HOH 64  664 145 HOH HOH A . 
D 4 HOH 65  665 62  HOH HOH A . 
D 4 HOH 66  666 149 HOH HOH A . 
D 4 HOH 67  667 117 HOH HOH A . 
D 4 HOH 68  668 154 HOH HOH A . 
D 4 HOH 69  669 32  HOH HOH A . 
D 4 HOH 70  670 17  HOH HOH A . 
D 4 HOH 71  671 94  HOH HOH A . 
D 4 HOH 72  672 41  HOH HOH A . 
D 4 HOH 73  673 98  HOH HOH A . 
D 4 HOH 74  674 78  HOH HOH A . 
D 4 HOH 75  675 80  HOH HOH A . 
D 4 HOH 76  676 141 HOH HOH A . 
D 4 HOH 77  677 36  HOH HOH A . 
D 4 HOH 78  678 31  HOH HOH A . 
D 4 HOH 79  679 4   HOH HOH A . 
D 4 HOH 80  680 105 HOH HOH A . 
D 4 HOH 81  681 39  HOH HOH A . 
D 4 HOH 82  682 124 HOH HOH A . 
D 4 HOH 83  683 100 HOH HOH A . 
D 4 HOH 84  684 67  HOH HOH A . 
D 4 HOH 85  685 47  HOH HOH A . 
D 4 HOH 86  686 88  HOH HOH A . 
D 4 HOH 87  687 92  HOH HOH A . 
D 4 HOH 88  688 129 HOH HOH A . 
D 4 HOH 89  689 125 HOH HOH A . 
D 4 HOH 90  690 23  HOH HOH A . 
D 4 HOH 91  691 151 HOH HOH A . 
D 4 HOH 92  692 16  HOH HOH A . 
D 4 HOH 93  693 132 HOH HOH A . 
D 4 HOH 94  694 63  HOH HOH A . 
D 4 HOH 95  695 45  HOH HOH A . 
D 4 HOH 96  696 160 HOH HOH A . 
D 4 HOH 97  697 8   HOH HOH A . 
D 4 HOH 98  698 106 HOH HOH A . 
D 4 HOH 99  699 59  HOH HOH A . 
D 4 HOH 100 700 91  HOH HOH A . 
D 4 HOH 101 701 12  HOH HOH A . 
D 4 HOH 102 702 97  HOH HOH A . 
D 4 HOH 103 703 5   HOH HOH A . 
D 4 HOH 104 704 133 HOH HOH A . 
D 4 HOH 105 705 35  HOH HOH A . 
D 4 HOH 106 706 172 HOH HOH A . 
D 4 HOH 107 707 163 HOH HOH A . 
D 4 HOH 108 708 2   HOH HOH A . 
D 4 HOH 109 709 96  HOH HOH A . 
D 4 HOH 110 710 30  HOH HOH A . 
D 4 HOH 111 711 74  HOH HOH A . 
D 4 HOH 112 712 26  HOH HOH A . 
D 4 HOH 113 713 15  HOH HOH A . 
D 4 HOH 114 714 148 HOH HOH A . 
D 4 HOH 115 715 49  HOH HOH A . 
D 4 HOH 116 716 161 HOH HOH A . 
D 4 HOH 117 717 60  HOH HOH A . 
D 4 HOH 118 718 73  HOH HOH A . 
D 4 HOH 119 719 140 HOH HOH A . 
D 4 HOH 120 720 156 HOH HOH A . 
D 4 HOH 121 721 150 HOH HOH A . 
D 4 HOH 122 722 103 HOH HOH A . 
D 4 HOH 123 723 61  HOH HOH A . 
D 4 HOH 124 724 113 HOH HOH A . 
D 4 HOH 125 725 104 HOH HOH A . 
D 4 HOH 126 726 128 HOH HOH A . 
D 4 HOH 127 727 33  HOH HOH A . 
D 4 HOH 128 728 75  HOH HOH A . 
D 4 HOH 129 729 123 HOH HOH A . 
D 4 HOH 130 730 86  HOH HOH A . 
D 4 HOH 131 731 83  HOH HOH A . 
D 4 HOH 132 732 66  HOH HOH A . 
D 4 HOH 133 733 69  HOH HOH A . 
D 4 HOH 134 734 173 HOH HOH A . 
D 4 HOH 135 735 51  HOH HOH A . 
D 4 HOH 136 736 120 HOH HOH A . 
D 4 HOH 137 737 53  HOH HOH A . 
D 4 HOH 138 738 102 HOH HOH A . 
D 4 HOH 139 739 11  HOH HOH A . 
D 4 HOH 140 740 169 HOH HOH A . 
D 4 HOH 141 741 136 HOH HOH A . 
D 4 HOH 142 742 126 HOH HOH A . 
D 4 HOH 143 743 157 HOH HOH A . 
D 4 HOH 144 744 81  HOH HOH A . 
D 4 HOH 145 745 9   HOH HOH A . 
D 4 HOH 146 746 93  HOH HOH A . 
D 4 HOH 147 747 109 HOH HOH A . 
D 4 HOH 148 748 48  HOH HOH A . 
D 4 HOH 149 749 65  HOH HOH A . 
D 4 HOH 150 750 131 HOH HOH A . 
D 4 HOH 151 751 170 HOH HOH A . 
D 4 HOH 152 752 138 HOH HOH A . 
D 4 HOH 153 753 55  HOH HOH A . 
D 4 HOH 154 754 122 HOH HOH A . 
D 4 HOH 155 755 85  HOH HOH A . 
D 4 HOH 156 756 139 HOH HOH A . 
# 
_pdbx_struct_assembly.id                   1 
_pdbx_struct_assembly.details              software_defined_assembly 
_pdbx_struct_assembly.method_details       PISA 
_pdbx_struct_assembly.oligomeric_details   monomeric 
_pdbx_struct_assembly.oligomeric_count     1 
# 
_pdbx_struct_assembly_gen.assembly_id       1 
_pdbx_struct_assembly_gen.oper_expression   1 
_pdbx_struct_assembly_gen.asym_id_list      A,B,C,D 
# 
loop_
_pdbx_struct_assembly_prop.biol_id 
_pdbx_struct_assembly_prop.type 
_pdbx_struct_assembly_prop.value 
_pdbx_struct_assembly_prop.details 
1 'ABSA (A^2)' 530  ? 
1 MORE         -4   ? 
1 'SSA (A^2)'  8180 ? 
# 
_pdbx_struct_oper_list.id                   1 
_pdbx_struct_oper_list.type                 'identity operation' 
_pdbx_struct_oper_list.name                 1_555 
_pdbx_struct_oper_list.symmetry_operation   x,y,z 
_pdbx_struct_oper_list.matrix[1][1]         1.0000000000 
_pdbx_struct_oper_list.matrix[1][2]         0.0000000000 
_pdbx_struct_oper_list.matrix[1][3]         0.0000000000 
_pdbx_struct_oper_list.vector[1]            0.0000000000 
_pdbx_struct_oper_list.matrix[2][1]         0.0000000000 
_pdbx_struct_oper_list.matrix[2][2]         1.0000000000 
_pdbx_struct_oper_list.matrix[2][3]         0.0000000000 
_pdbx_struct_oper_list.vector[2]            0.0000000000 
_pdbx_struct_oper_list.matrix[3][1]         0.0000000000 
_pdbx_struct_oper_list.matrix[3][2]         0.0000000000 
_pdbx_struct_oper_list.matrix[3][3]         1.0000000000 
_pdbx_struct_oper_list.vector[3]            0.0000000000 
# 
loop_
_pdbx_audit_revision_history.ordinal 
_pdbx_audit_revision_history.data_content_type 
_pdbx_audit_revision_history.major_revision 
_pdbx_audit_revision_history.minor_revision 
_pdbx_audit_revision_history.revision_date 
1 'Structure model' 1 0 2020-05-13 
2 'Structure model' 1 1 2023-10-11 
# 
_pdbx_audit_revision_details.ordinal             1 
_pdbx_audit_revision_details.revision_ordinal    1 
_pdbx_audit_revision_details.data_content_type   'Structure model' 
_pdbx_audit_revision_details.provider            repository 
_pdbx_audit_revision_details.type                'Initial release' 
_pdbx_audit_revision_details.description         ? 
_pdbx_audit_revision_details.details             ? 
# 
loop_
_pdbx_audit_revision_group.ordinal 
_pdbx_audit_revision_group.revision_ordinal 
_pdbx_audit_revision_group.data_content_type 
_pdbx_audit_revision_group.group 
1 2 'Structure model' 'Data collection'        
2 2 'Structure model' 'Database references'    
3 2 'Structure model' 'Refinement description' 
# 
loop_
_pdbx_audit_revision_category.ordinal 
_pdbx_audit_revision_category.revision_ordinal 
_pdbx_audit_revision_category.data_content_type 
_pdbx_audit_revision_category.category 
1 2 'Structure model' chem_comp_atom                
2 2 'Structure model' chem_comp_bond                
3 2 'Structure model' database_2                    
4 2 'Structure model' pdbx_initial_refinement_model 
# 
loop_
_pdbx_audit_revision_item.ordinal 
_pdbx_audit_revision_item.revision_ordinal 
_pdbx_audit_revision_item.data_content_type 
_pdbx_audit_revision_item.item 
1 2 'Structure model' '_database_2.pdbx_DOI'                
2 2 'Structure model' '_database_2.pdbx_database_accession' 
# 
loop_
_software.citation_id 
_software.classification 
_software.compiler_name 
_software.compiler_version 
_software.contact_author 
_software.contact_author_email 
_software.date 
_software.description 
_software.dependencies 
_software.hardware 
_software.language 
_software.location 
_software.mods 
_software.name 
_software.os 
_software.os_version 
_software.type 
_software.version 
_software.pdbx_ordinal 
? refinement       ? ? ? ? ? ? ? ? ? ? ? REFMAC   ? ? ? 5.8.0238 1 
? 'data reduction' ? ? ? ? ? ? ? ? ? ? ? HKL-2000 ? ? ? .        2 
? 'data scaling'   ? ? ? ? ? ? ? ? ? ? ? HKL-2000 ? ? ? .        3 
? phasing          ? ? ? ? ? ? ? ? ? ? ? MOLREP   ? ? ? .        4 
# 
_pdbx_entry_details.entry_id                 6PBQ 
_pdbx_entry_details.has_ligand_of_interest   N 
_pdbx_entry_details.compound_details         ? 
_pdbx_entry_details.source_details           ? 
_pdbx_entry_details.nonpolymer_details       ? 
_pdbx_entry_details.sequence_details         ? 
# 
loop_
_pdbx_validate_torsion.id 
_pdbx_validate_torsion.PDB_model_num 
_pdbx_validate_torsion.auth_comp_id 
_pdbx_validate_torsion.auth_asym_id 
_pdbx_validate_torsion.auth_seq_id 
_pdbx_validate_torsion.PDB_ins_code 
_pdbx_validate_torsion.label_alt_id 
_pdbx_validate_torsion.phi 
_pdbx_validate_torsion.psi 
1 1 GLN A 72  ? ? -38.28 123.37 
2 1 ASN A 101 ? ? -97.90 38.37  
# 
loop_
_pdbx_unobs_or_zero_occ_residues.id 
_pdbx_unobs_or_zero_occ_residues.PDB_model_num 
_pdbx_unobs_or_zero_occ_residues.polymer_flag 
_pdbx_unobs_or_zero_occ_residues.occupancy_flag 
_pdbx_unobs_or_zero_occ_residues.auth_asym_id 
_pdbx_unobs_or_zero_occ_residues.auth_comp_id 
_pdbx_unobs_or_zero_occ_residues.auth_seq_id 
_pdbx_unobs_or_zero_occ_residues.PDB_ins_code 
_pdbx_unobs_or_zero_occ_residues.label_asym_id 
_pdbx_unobs_or_zero_occ_residues.label_comp_id 
_pdbx_unobs_or_zero_occ_residues.label_seq_id 
1 1 Y 1 A HIS 153 ? A HIS 153 
2 1 Y 1 A HIS 154 ? A HIS 154 
3 1 Y 1 A HIS 155 ? A HIS 155 
4 1 Y 1 A HIS 156 ? A HIS 156 
5 1 Y 1 A HIS 157 ? A HIS 157 
6 1 Y 1 A HIS 158 ? A HIS 158 
# 
loop_
_chem_comp_atom.comp_id 
_chem_comp_atom.atom_id 
_chem_comp_atom.type_symbol 
_chem_comp_atom.pdbx_aromatic_flag 
_chem_comp_atom.pdbx_stereo_config 
_chem_comp_atom.pdbx_ordinal 
ALA N    N N N 1   
ALA CA   C N S 2   
ALA C    C N N 3   
ALA O    O N N 4   
ALA CB   C N N 5   
ALA OXT  O N N 6   
ALA H    H N N 7   
ALA H2   H N N 8   
ALA HA   H N N 9   
ALA HB1  H N N 10  
ALA HB2  H N N 11  
ALA HB3  H N N 12  
ALA HXT  H N N 13  
ARG N    N N N 14  
ARG CA   C N S 15  
ARG C    C N N 16  
ARG O    O N N 17  
ARG CB   C N N 18  
ARG CG   C N N 19  
ARG CD   C N N 20  
ARG NE   N N N 21  
ARG CZ   C N N 22  
ARG NH1  N N N 23  
ARG NH2  N N N 24  
ARG OXT  O N N 25  
ARG H    H N N 26  
ARG H2   H N N 27  
ARG HA   H N N 28  
ARG HB2  H N N 29  
ARG HB3  H N N 30  
ARG HG2  H N N 31  
ARG HG3  H N N 32  
ARG HD2  H N N 33  
ARG HD3  H N N 34  
ARG HE   H N N 35  
ARG HH11 H N N 36  
ARG HH12 H N N 37  
ARG HH21 H N N 38  
ARG HH22 H N N 39  
ARG HXT  H N N 40  
ASN N    N N N 41  
ASN CA   C N S 42  
ASN C    C N N 43  
ASN O    O N N 44  
ASN CB   C N N 45  
ASN CG   C N N 46  
ASN OD1  O N N 47  
ASN ND2  N N N 48  
ASN OXT  O N N 49  
ASN H    H N N 50  
ASN H2   H N N 51  
ASN HA   H N N 52  
ASN HB2  H N N 53  
ASN HB3  H N N 54  
ASN HD21 H N N 55  
ASN HD22 H N N 56  
ASN HXT  H N N 57  
ASP N    N N N 58  
ASP CA   C N S 59  
ASP C    C N N 60  
ASP O    O N N 61  
ASP CB   C N N 62  
ASP CG   C N N 63  
ASP OD1  O N N 64  
ASP OD2  O N N 65  
ASP OXT  O N N 66  
ASP H    H N N 67  
ASP H2   H N N 68  
ASP HA   H N N 69  
ASP HB2  H N N 70  
ASP HB3  H N N 71  
ASP HD2  H N N 72  
ASP HXT  H N N 73  
EPE N1   N N N 74  
EPE C2   C N N 75  
EPE C3   C N N 76  
EPE N4   N N N 77  
EPE C5   C N N 78  
EPE C6   C N N 79  
EPE C7   C N N 80  
EPE C8   C N N 81  
EPE O8   O N N 82  
EPE C9   C N N 83  
EPE C10  C N N 84  
EPE S    S N N 85  
EPE O1S  O N N 86  
EPE O2S  O N N 87  
EPE O3S  O N N 88  
EPE H21  H N N 89  
EPE H22  H N N 90  
EPE H31  H N N 91  
EPE H32  H N N 92  
EPE H51  H N N 93  
EPE H52  H N N 94  
EPE H61  H N N 95  
EPE H62  H N N 96  
EPE H71  H N N 97  
EPE H72  H N N 98  
EPE H81  H N N 99  
EPE H82  H N N 100 
EPE HO8  H N N 101 
EPE H91  H N N 102 
EPE H92  H N N 103 
EPE H101 H N N 104 
EPE H102 H N N 105 
EPE HOS3 H N N 106 
GLN N    N N N 107 
GLN CA   C N S 108 
GLN C    C N N 109 
GLN O    O N N 110 
GLN CB   C N N 111 
GLN CG   C N N 112 
GLN CD   C N N 113 
GLN OE1  O N N 114 
GLN NE2  N N N 115 
GLN OXT  O N N 116 
GLN H    H N N 117 
GLN H2   H N N 118 
GLN HA   H N N 119 
GLN HB2  H N N 120 
GLN HB3  H N N 121 
GLN HG2  H N N 122 
GLN HG3  H N N 123 
GLN HE21 H N N 124 
GLN HE22 H N N 125 
GLN HXT  H N N 126 
GLU N    N N N 127 
GLU CA   C N S 128 
GLU C    C N N 129 
GLU O    O N N 130 
GLU CB   C N N 131 
GLU CG   C N N 132 
GLU CD   C N N 133 
GLU OE1  O N N 134 
GLU OE2  O N N 135 
GLU OXT  O N N 136 
GLU H    H N N 137 
GLU H2   H N N 138 
GLU HA   H N N 139 
GLU HB2  H N N 140 
GLU HB3  H N N 141 
GLU HG2  H N N 142 
GLU HG3  H N N 143 
GLU HE2  H N N 144 
GLU HXT  H N N 145 
GLY N    N N N 146 
GLY CA   C N N 147 
GLY C    C N N 148 
GLY O    O N N 149 
GLY OXT  O N N 150 
GLY H    H N N 151 
GLY H2   H N N 152 
GLY HA2  H N N 153 
GLY HA3  H N N 154 
GLY HXT  H N N 155 
HIS N    N N N 156 
HIS CA   C N S 157 
HIS C    C N N 158 
HIS O    O N N 159 
HIS CB   C N N 160 
HIS CG   C Y N 161 
HIS ND1  N Y N 162 
HIS CD2  C Y N 163 
HIS CE1  C Y N 164 
HIS NE2  N Y N 165 
HIS OXT  O N N 166 
HIS H    H N N 167 
HIS H2   H N N 168 
HIS HA   H N N 169 
HIS HB2  H N N 170 
HIS HB3  H N N 171 
HIS HD1  H N N 172 
HIS HD2  H N N 173 
HIS HE1  H N N 174 
HIS HE2  H N N 175 
HIS HXT  H N N 176 
HOH O    O N N 177 
HOH H1   H N N 178 
HOH H2   H N N 179 
ILE N    N N N 180 
ILE CA   C N S 181 
ILE C    C N N 182 
ILE O    O N N 183 
ILE CB   C N S 184 
ILE CG1  C N N 185 
ILE CG2  C N N 186 
ILE CD1  C N N 187 
ILE OXT  O N N 188 
ILE H    H N N 189 
ILE H2   H N N 190 
ILE HA   H N N 191 
ILE HB   H N N 192 
ILE HG12 H N N 193 
ILE HG13 H N N 194 
ILE HG21 H N N 195 
ILE HG22 H N N 196 
ILE HG23 H N N 197 
ILE HD11 H N N 198 
ILE HD12 H N N 199 
ILE HD13 H N N 200 
ILE HXT  H N N 201 
LEU N    N N N 202 
LEU CA   C N S 203 
LEU C    C N N 204 
LEU O    O N N 205 
LEU CB   C N N 206 
LEU CG   C N N 207 
LEU CD1  C N N 208 
LEU CD2  C N N 209 
LEU OXT  O N N 210 
LEU H    H N N 211 
LEU H2   H N N 212 
LEU HA   H N N 213 
LEU HB2  H N N 214 
LEU HB3  H N N 215 
LEU HG   H N N 216 
LEU HD11 H N N 217 
LEU HD12 H N N 218 
LEU HD13 H N N 219 
LEU HD21 H N N 220 
LEU HD22 H N N 221 
LEU HD23 H N N 222 
LEU HXT  H N N 223 
LYS N    N N N 224 
LYS CA   C N S 225 
LYS C    C N N 226 
LYS O    O N N 227 
LYS CB   C N N 228 
LYS CG   C N N 229 
LYS CD   C N N 230 
LYS CE   C N N 231 
LYS NZ   N N N 232 
LYS OXT  O N N 233 
LYS H    H N N 234 
LYS H2   H N N 235 
LYS HA   H N N 236 
LYS HB2  H N N 237 
LYS HB3  H N N 238 
LYS HG2  H N N 239 
LYS HG3  H N N 240 
LYS HD2  H N N 241 
LYS HD3  H N N 242 
LYS HE2  H N N 243 
LYS HE3  H N N 244 
LYS HZ1  H N N 245 
LYS HZ2  H N N 246 
LYS HZ3  H N N 247 
LYS HXT  H N N 248 
MET N    N N N 249 
MET CA   C N S 250 
MET C    C N N 251 
MET O    O N N 252 
MET CB   C N N 253 
MET CG   C N N 254 
MET SD   S N N 255 
MET CE   C N N 256 
MET OXT  O N N 257 
MET H    H N N 258 
MET H2   H N N 259 
MET HA   H N N 260 
MET HB2  H N N 261 
MET HB3  H N N 262 
MET HG2  H N N 263 
MET HG3  H N N 264 
MET HE1  H N N 265 
MET HE2  H N N 266 
MET HE3  H N N 267 
MET HXT  H N N 268 
PHE N    N N N 269 
PHE CA   C N S 270 
PHE C    C N N 271 
PHE O    O N N 272 
PHE CB   C N N 273 
PHE CG   C Y N 274 
PHE CD1  C Y N 275 
PHE CD2  C Y N 276 
PHE CE1  C Y N 277 
PHE CE2  C Y N 278 
PHE CZ   C Y N 279 
PHE OXT  O N N 280 
PHE H    H N N 281 
PHE H2   H N N 282 
PHE HA   H N N 283 
PHE HB2  H N N 284 
PHE HB3  H N N 285 
PHE HD1  H N N 286 
PHE HD2  H N N 287 
PHE HE1  H N N 288 
PHE HE2  H N N 289 
PHE HZ   H N N 290 
PHE HXT  H N N 291 
PO4 P    P N N 292 
PO4 O1   O N N 293 
PO4 O2   O N N 294 
PO4 O3   O N N 295 
PO4 O4   O N N 296 
PRO N    N N N 297 
PRO CA   C N S 298 
PRO C    C N N 299 
PRO O    O N N 300 
PRO CB   C N N 301 
PRO CG   C N N 302 
PRO CD   C N N 303 
PRO OXT  O N N 304 
PRO H    H N N 305 
PRO HA   H N N 306 
PRO HB2  H N N 307 
PRO HB3  H N N 308 
PRO HG2  H N N 309 
PRO HG3  H N N 310 
PRO HD2  H N N 311 
PRO HD3  H N N 312 
PRO HXT  H N N 313 
SER N    N N N 314 
SER CA   C N S 315 
SER C    C N N 316 
SER O    O N N 317 
SER CB   C N N 318 
SER OG   O N N 319 
SER OXT  O N N 320 
SER H    H N N 321 
SER H2   H N N 322 
SER HA   H N N 323 
SER HB2  H N N 324 
SER HB3  H N N 325 
SER HG   H N N 326 
SER HXT  H N N 327 
THR N    N N N 328 
THR CA   C N S 329 
THR C    C N N 330 
THR O    O N N 331 
THR CB   C N R 332 
THR OG1  O N N 333 
THR CG2  C N N 334 
THR OXT  O N N 335 
THR H    H N N 336 
THR H2   H N N 337 
THR HA   H N N 338 
THR HB   H N N 339 
THR HG1  H N N 340 
THR HG21 H N N 341 
THR HG22 H N N 342 
THR HG23 H N N 343 
THR HXT  H N N 344 
TYR N    N N N 345 
TYR CA   C N S 346 
TYR C    C N N 347 
TYR O    O N N 348 
TYR CB   C N N 349 
TYR CG   C Y N 350 
TYR CD1  C Y N 351 
TYR CD2  C Y N 352 
TYR CE1  C Y N 353 
TYR CE2  C Y N 354 
TYR CZ   C Y N 355 
TYR OH   O N N 356 
TYR OXT  O N N 357 
TYR H    H N N 358 
TYR H2   H N N 359 
TYR HA   H N N 360 
TYR HB2  H N N 361 
TYR HB3  H N N 362 
TYR HD1  H N N 363 
TYR HD2  H N N 364 
TYR HE1  H N N 365 
TYR HE2  H N N 366 
TYR HH   H N N 367 
TYR HXT  H N N 368 
VAL N    N N N 369 
VAL CA   C N S 370 
VAL C    C N N 371 
VAL O    O N N 372 
VAL CB   C N N 373 
VAL CG1  C N N 374 
VAL CG2  C N N 375 
VAL OXT  O N N 376 
VAL H    H N N 377 
VAL H2   H N N 378 
VAL HA   H N N 379 
VAL HB   H N N 380 
VAL HG11 H N N 381 
VAL HG12 H N N 382 
VAL HG13 H N N 383 
VAL HG21 H N N 384 
VAL HG22 H N N 385 
VAL HG23 H N N 386 
VAL HXT  H N N 387 
# 
loop_
_chem_comp_bond.comp_id 
_chem_comp_bond.atom_id_1 
_chem_comp_bond.atom_id_2 
_chem_comp_bond.value_order 
_chem_comp_bond.pdbx_aromatic_flag 
_chem_comp_bond.pdbx_stereo_config 
_chem_comp_bond.pdbx_ordinal 
ALA N   CA   sing N N 1   
ALA N   H    sing N N 2   
ALA N   H2   sing N N 3   
ALA CA  C    sing N N 4   
ALA CA  CB   sing N N 5   
ALA CA  HA   sing N N 6   
ALA C   O    doub N N 7   
ALA C   OXT  sing N N 8   
ALA CB  HB1  sing N N 9   
ALA CB  HB2  sing N N 10  
ALA CB  HB3  sing N N 11  
ALA OXT HXT  sing N N 12  
ARG N   CA   sing N N 13  
ARG N   H    sing N N 14  
ARG N   H2   sing N N 15  
ARG CA  C    sing N N 16  
ARG CA  CB   sing N N 17  
ARG CA  HA   sing N N 18  
ARG C   O    doub N N 19  
ARG C   OXT  sing N N 20  
ARG CB  CG   sing N N 21  
ARG CB  HB2  sing N N 22  
ARG CB  HB3  sing N N 23  
ARG CG  CD   sing N N 24  
ARG CG  HG2  sing N N 25  
ARG CG  HG3  sing N N 26  
ARG CD  NE   sing N N 27  
ARG CD  HD2  sing N N 28  
ARG CD  HD3  sing N N 29  
ARG NE  CZ   sing N N 30  
ARG NE  HE   sing N N 31  
ARG CZ  NH1  sing N N 32  
ARG CZ  NH2  doub N N 33  
ARG NH1 HH11 sing N N 34  
ARG NH1 HH12 sing N N 35  
ARG NH2 HH21 sing N N 36  
ARG NH2 HH22 sing N N 37  
ARG OXT HXT  sing N N 38  
ASN N   CA   sing N N 39  
ASN N   H    sing N N 40  
ASN N   H2   sing N N 41  
ASN CA  C    sing N N 42  
ASN CA  CB   sing N N 43  
ASN CA  HA   sing N N 44  
ASN C   O    doub N N 45  
ASN C   OXT  sing N N 46  
ASN CB  CG   sing N N 47  
ASN CB  HB2  sing N N 48  
ASN CB  HB3  sing N N 49  
ASN CG  OD1  doub N N 50  
ASN CG  ND2  sing N N 51  
ASN ND2 HD21 sing N N 52  
ASN ND2 HD22 sing N N 53  
ASN OXT HXT  sing N N 54  
ASP N   CA   sing N N 55  
ASP N   H    sing N N 56  
ASP N   H2   sing N N 57  
ASP CA  C    sing N N 58  
ASP CA  CB   sing N N 59  
ASP CA  HA   sing N N 60  
ASP C   O    doub N N 61  
ASP C   OXT  sing N N 62  
ASP CB  CG   sing N N 63  
ASP CB  HB2  sing N N 64  
ASP CB  HB3  sing N N 65  
ASP CG  OD1  doub N N 66  
ASP CG  OD2  sing N N 67  
ASP OD2 HD2  sing N N 68  
ASP OXT HXT  sing N N 69  
EPE N1  C2   sing N N 70  
EPE N1  C6   sing N N 71  
EPE N1  C9   sing N N 72  
EPE C2  C3   sing N N 73  
EPE C2  H21  sing N N 74  
EPE C2  H22  sing N N 75  
EPE C3  N4   sing N N 76  
EPE C3  H31  sing N N 77  
EPE C3  H32  sing N N 78  
EPE N4  C5   sing N N 79  
EPE N4  C7   sing N N 80  
EPE C5  C6   sing N N 81  
EPE C5  H51  sing N N 82  
EPE C5  H52  sing N N 83  
EPE C6  H61  sing N N 84  
EPE C6  H62  sing N N 85  
EPE C7  C8   sing N N 86  
EPE C7  H71  sing N N 87  
EPE C7  H72  sing N N 88  
EPE C8  O8   sing N N 89  
EPE C8  H81  sing N N 90  
EPE C8  H82  sing N N 91  
EPE O8  HO8  sing N N 92  
EPE C9  C10  sing N N 93  
EPE C9  H91  sing N N 94  
EPE C9  H92  sing N N 95  
EPE C10 S    sing N N 96  
EPE C10 H101 sing N N 97  
EPE C10 H102 sing N N 98  
EPE S   O1S  doub N N 99  
EPE S   O2S  doub N N 100 
EPE S   O3S  sing N N 101 
EPE O3S HOS3 sing N N 102 
GLN N   CA   sing N N 103 
GLN N   H    sing N N 104 
GLN N   H2   sing N N 105 
GLN CA  C    sing N N 106 
GLN CA  CB   sing N N 107 
GLN CA  HA   sing N N 108 
GLN C   O    doub N N 109 
GLN C   OXT  sing N N 110 
GLN CB  CG   sing N N 111 
GLN CB  HB2  sing N N 112 
GLN CB  HB3  sing N N 113 
GLN CG  CD   sing N N 114 
GLN CG  HG2  sing N N 115 
GLN CG  HG3  sing N N 116 
GLN CD  OE1  doub N N 117 
GLN CD  NE2  sing N N 118 
GLN NE2 HE21 sing N N 119 
GLN NE2 HE22 sing N N 120 
GLN OXT HXT  sing N N 121 
GLU N   CA   sing N N 122 
GLU N   H    sing N N 123 
GLU N   H2   sing N N 124 
GLU CA  C    sing N N 125 
GLU CA  CB   sing N N 126 
GLU CA  HA   sing N N 127 
GLU C   O    doub N N 128 
GLU C   OXT  sing N N 129 
GLU CB  CG   sing N N 130 
GLU CB  HB2  sing N N 131 
GLU CB  HB3  sing N N 132 
GLU CG  CD   sing N N 133 
GLU CG  HG2  sing N N 134 
GLU CG  HG3  sing N N 135 
GLU CD  OE1  doub N N 136 
GLU CD  OE2  sing N N 137 
GLU OE2 HE2  sing N N 138 
GLU OXT HXT  sing N N 139 
GLY N   CA   sing N N 140 
GLY N   H    sing N N 141 
GLY N   H2   sing N N 142 
GLY CA  C    sing N N 143 
GLY CA  HA2  sing N N 144 
GLY CA  HA3  sing N N 145 
GLY C   O    doub N N 146 
GLY C   OXT  sing N N 147 
GLY OXT HXT  sing N N 148 
HIS N   CA   sing N N 149 
HIS N   H    sing N N 150 
HIS N   H2   sing N N 151 
HIS CA  C    sing N N 152 
HIS CA  CB   sing N N 153 
HIS CA  HA   sing N N 154 
HIS C   O    doub N N 155 
HIS C   OXT  sing N N 156 
HIS CB  CG   sing N N 157 
HIS CB  HB2  sing N N 158 
HIS CB  HB3  sing N N 159 
HIS CG  ND1  sing Y N 160 
HIS CG  CD2  doub Y N 161 
HIS ND1 CE1  doub Y N 162 
HIS ND1 HD1  sing N N 163 
HIS CD2 NE2  sing Y N 164 
HIS CD2 HD2  sing N N 165 
HIS CE1 NE2  sing Y N 166 
HIS CE1 HE1  sing N N 167 
HIS NE2 HE2  sing N N 168 
HIS OXT HXT  sing N N 169 
HOH O   H1   sing N N 170 
HOH O   H2   sing N N 171 
ILE N   CA   sing N N 172 
ILE N   H    sing N N 173 
ILE N   H2   sing N N 174 
ILE CA  C    sing N N 175 
ILE CA  CB   sing N N 176 
ILE CA  HA   sing N N 177 
ILE C   O    doub N N 178 
ILE C   OXT  sing N N 179 
ILE CB  CG1  sing N N 180 
ILE CB  CG2  sing N N 181 
ILE CB  HB   sing N N 182 
ILE CG1 CD1  sing N N 183 
ILE CG1 HG12 sing N N 184 
ILE CG1 HG13 sing N N 185 
ILE CG2 HG21 sing N N 186 
ILE CG2 HG22 sing N N 187 
ILE CG2 HG23 sing N N 188 
ILE CD1 HD11 sing N N 189 
ILE CD1 HD12 sing N N 190 
ILE CD1 HD13 sing N N 191 
ILE OXT HXT  sing N N 192 
LEU N   CA   sing N N 193 
LEU N   H    sing N N 194 
LEU N   H2   sing N N 195 
LEU CA  C    sing N N 196 
LEU CA  CB   sing N N 197 
LEU CA  HA   sing N N 198 
LEU C   O    doub N N 199 
LEU C   OXT  sing N N 200 
LEU CB  CG   sing N N 201 
LEU CB  HB2  sing N N 202 
LEU CB  HB3  sing N N 203 
LEU CG  CD1  sing N N 204 
LEU CG  CD2  sing N N 205 
LEU CG  HG   sing N N 206 
LEU CD1 HD11 sing N N 207 
LEU CD1 HD12 sing N N 208 
LEU CD1 HD13 sing N N 209 
LEU CD2 HD21 sing N N 210 
LEU CD2 HD22 sing N N 211 
LEU CD2 HD23 sing N N 212 
LEU OXT HXT  sing N N 213 
LYS N   CA   sing N N 214 
LYS N   H    sing N N 215 
LYS N   H2   sing N N 216 
LYS CA  C    sing N N 217 
LYS CA  CB   sing N N 218 
LYS CA  HA   sing N N 219 
LYS C   O    doub N N 220 
LYS C   OXT  sing N N 221 
LYS CB  CG   sing N N 222 
LYS CB  HB2  sing N N 223 
LYS CB  HB3  sing N N 224 
LYS CG  CD   sing N N 225 
LYS CG  HG2  sing N N 226 
LYS CG  HG3  sing N N 227 
LYS CD  CE   sing N N 228 
LYS CD  HD2  sing N N 229 
LYS CD  HD3  sing N N 230 
LYS CE  NZ   sing N N 231 
LYS CE  HE2  sing N N 232 
LYS CE  HE3  sing N N 233 
LYS NZ  HZ1  sing N N 234 
LYS NZ  HZ2  sing N N 235 
LYS NZ  HZ3  sing N N 236 
LYS OXT HXT  sing N N 237 
MET N   CA   sing N N 238 
MET N   H    sing N N 239 
MET N   H2   sing N N 240 
MET CA  C    sing N N 241 
MET CA  CB   sing N N 242 
MET CA  HA   sing N N 243 
MET C   O    doub N N 244 
MET C   OXT  sing N N 245 
MET CB  CG   sing N N 246 
MET CB  HB2  sing N N 247 
MET CB  HB3  sing N N 248 
MET CG  SD   sing N N 249 
MET CG  HG2  sing N N 250 
MET CG  HG3  sing N N 251 
MET SD  CE   sing N N 252 
MET CE  HE1  sing N N 253 
MET CE  HE2  sing N N 254 
MET CE  HE3  sing N N 255 
MET OXT HXT  sing N N 256 
PHE N   CA   sing N N 257 
PHE N   H    sing N N 258 
PHE N   H2   sing N N 259 
PHE CA  C    sing N N 260 
PHE CA  CB   sing N N 261 
PHE CA  HA   sing N N 262 
PHE C   O    doub N N 263 
PHE C   OXT  sing N N 264 
PHE CB  CG   sing N N 265 
PHE CB  HB2  sing N N 266 
PHE CB  HB3  sing N N 267 
PHE CG  CD1  doub Y N 268 
PHE CG  CD2  sing Y N 269 
PHE CD1 CE1  sing Y N 270 
PHE CD1 HD1  sing N N 271 
PHE CD2 CE2  doub Y N 272 
PHE CD2 HD2  sing N N 273 
PHE CE1 CZ   doub Y N 274 
PHE CE1 HE1  sing N N 275 
PHE CE2 CZ   sing Y N 276 
PHE CE2 HE2  sing N N 277 
PHE CZ  HZ   sing N N 278 
PHE OXT HXT  sing N N 279 
PO4 P   O1   doub N N 280 
PO4 P   O2   sing N N 281 
PO4 P   O3   sing N N 282 
PO4 P   O4   sing N N 283 
PRO N   CA   sing N N 284 
PRO N   CD   sing N N 285 
PRO N   H    sing N N 286 
PRO CA  C    sing N N 287 
PRO CA  CB   sing N N 288 
PRO CA  HA   sing N N 289 
PRO C   O    doub N N 290 
PRO C   OXT  sing N N 291 
PRO CB  CG   sing N N 292 
PRO CB  HB2  sing N N 293 
PRO CB  HB3  sing N N 294 
PRO CG  CD   sing N N 295 
PRO CG  HG2  sing N N 296 
PRO CG  HG3  sing N N 297 
PRO CD  HD2  sing N N 298 
PRO CD  HD3  sing N N 299 
PRO OXT HXT  sing N N 300 
SER N   CA   sing N N 301 
SER N   H    sing N N 302 
SER N   H2   sing N N 303 
SER CA  C    sing N N 304 
SER CA  CB   sing N N 305 
SER CA  HA   sing N N 306 
SER C   O    doub N N 307 
SER C   OXT  sing N N 308 
SER CB  OG   sing N N 309 
SER CB  HB2  sing N N 310 
SER CB  HB3  sing N N 311 
SER OG  HG   sing N N 312 
SER OXT HXT  sing N N 313 
THR N   CA   sing N N 314 
THR N   H    sing N N 315 
THR N   H2   sing N N 316 
THR CA  C    sing N N 317 
THR CA  CB   sing N N 318 
THR CA  HA   sing N N 319 
THR C   O    doub N N 320 
THR C   OXT  sing N N 321 
THR CB  OG1  sing N N 322 
THR CB  CG2  sing N N 323 
THR CB  HB   sing N N 324 
THR OG1 HG1  sing N N 325 
THR CG2 HG21 sing N N 326 
THR CG2 HG22 sing N N 327 
THR CG2 HG23 sing N N 328 
THR OXT HXT  sing N N 329 
TYR N   CA   sing N N 330 
TYR N   H    sing N N 331 
TYR N   H2   sing N N 332 
TYR CA  C    sing N N 333 
TYR CA  CB   sing N N 334 
TYR CA  HA   sing N N 335 
TYR C   O    doub N N 336 
TYR C   OXT  sing N N 337 
TYR CB  CG   sing N N 338 
TYR CB  HB2  sing N N 339 
TYR CB  HB3  sing N N 340 
TYR CG  CD1  doub Y N 341 
TYR CG  CD2  sing Y N 342 
TYR CD1 CE1  sing Y N 343 
TYR CD1 HD1  sing N N 344 
TYR CD2 CE2  doub Y N 345 
TYR CD2 HD2  sing N N 346 
TYR CE1 CZ   doub Y N 347 
TYR CE1 HE1  sing N N 348 
TYR CE2 CZ   sing Y N 349 
TYR CE2 HE2  sing N N 350 
TYR CZ  OH   sing N N 351 
TYR OH  HH   sing N N 352 
TYR OXT HXT  sing N N 353 
VAL N   CA   sing N N 354 
VAL N   H    sing N N 355 
VAL N   H2   sing N N 356 
VAL CA  C    sing N N 357 
VAL CA  CB   sing N N 358 
VAL CA  HA   sing N N 359 
VAL C   O    doub N N 360 
VAL C   OXT  sing N N 361 
VAL CB  CG1  sing N N 362 
VAL CB  CG2  sing N N 363 
VAL CB  HB   sing N N 364 
VAL CG1 HG11 sing N N 365 
VAL CG1 HG12 sing N N 366 
VAL CG1 HG13 sing N N 367 
VAL CG2 HG21 sing N N 368 
VAL CG2 HG22 sing N N 369 
VAL CG2 HG23 sing N N 370 
VAL OXT HXT  sing N N 371 
# 
loop_
_pdbx_entity_nonpoly.entity_id 
_pdbx_entity_nonpoly.name 
_pdbx_entity_nonpoly.comp_id 
2 'PHOSPHATE ION'                                       PO4 
3 '4-(2-HYDROXYETHYL)-1-PIPERAZINE ETHANESULFONIC ACID' EPE 
4 water                                                 HOH 
# 
_pdbx_initial_refinement_model.id               1 
_pdbx_initial_refinement_model.entity_id_list   ? 
_pdbx_initial_refinement_model.type             'experimental model' 
_pdbx_initial_refinement_model.source_name      PDB 
_pdbx_initial_refinement_model.accession_code   6CN8 
_pdbx_initial_refinement_model.details          'PDB entry 6CN8' 
# 
_pdbx_struct_assembly_auth_evidence.id                     1 
_pdbx_struct_assembly_auth_evidence.assembly_id            1 
_pdbx_struct_assembly_auth_evidence.experimental_support   'gel filtration' 
_pdbx_struct_assembly_auth_evidence.details                ? 
# 
